data_6QX3
#
_entry.id   6QX3
#
_cell.length_a   1.000
_cell.length_b   1.000
_cell.length_c   1.000
_cell.angle_alpha   90.000
_cell.angle_beta   90.000
_cell.angle_gamma   90.000
#
_symmetry.space_group_name_H-M   'P 1'
#
loop_
_entity.id
_entity.type
_entity.pdbx_description
1 polymer "RNA (5'-R(P*AP*GP*CP*AP*AP*AP*AP*GP*CP*A)-3')"
2 polymer "RNA (5'-R(P*UP*UP*CP*U)-3')"
3 polymer Nb8205
4 polymer 'RNA-directed RNA polymerase catalytic subunit'
5 polymer 'Polymerase acidic protein'
6 polymer 'Polymerase basic protein 2'
#
loop_
_entity_poly.entity_id
_entity_poly.type
_entity_poly.pdbx_seq_one_letter_code
_entity_poly.pdbx_strand_id
1 'polyribonucleotide' (P)AGCAAAAGCAGGCC D
2 'polyribonucleotide' GGCCUUGUUUCUACU G
3 'polypeptide(L)'
;QVQLQESGGGMVQPGGSLRLSCLASGFTFSNYAMTWVRQAPGKGPEWVSMVSNNGADTTYTDSVKGRFTISRDNAKNTLY
LRMNNVKPEDSAVYYCAKRRYGGIWTGQPTDYDYLGQGTVTVSSHHHHHHEPEA
;
O
4 'polypeptide(L)'
;MDVNPTLLFLKVPAQNAISTTFPYTGDPPYSHGTGTGYTMDTVNRTHQYSEKGKWTTNTETGAPQLNPIDGPLPEDNEPS
GYAQTDCVLEAMAFLEESHPGIFENSCLETMEVVQQTRVDRLTQGRQTYDWTLNRNQPAATALANTIEVFRSNGLTANES
GRLIDFLKDVMESMDKEEMEITTHFQRKRRVRDNMTKKMVTQRTIGKKKQRVNKRSYLIRALTLNTMTKDAERGKLKRRA
IATPGMQIRGFVYFVETLARSICEKLEQSGLPVGGNEKKAKLANVVRKMMTNSQDTELSFTITGDNTKWNENQNPRMFLA
MITYITKNQPEWFRNVLSIAPIMFSNKMARLGKGYMFESKSMKLRTQIPAEMLASIDLKYFNESTRKKIEKIRPLLIDGT
ASLSPGMMMGMFNMLSTVLGVSILNLGQKRYTKTTYWWDGLQSSDDFALIVNAPNHEGIQAGVDRFYRTCKLVGINMSKK
KSYINRTGTFEFTSFFYRYGFVANFSMELPSFGVSGINESADMSIGVTVIKNNMINNDLGPATAQMALQLFIKDYRYTYR
CHRGDTQIQTRRSFELKKLWEQTRSKAGLLVSDGGPNLYNIRNLHIPEVCLKWELMDEDYQGRLCNPLNPFVSHKEIESV
NNAVVMPAHGPAKSMEYDAVATTHSWIPKRNRSILNTSQRGILEDEQMYQKCCNLFEKFFPSSSYRRPVGISSMVEAMVS
RARIDARIDFESGRIKKEEFAEIMKICSTIEELRRQK
;
B
5 'polypeptide(L)'
;MEDFVRQCFNPMIVELAEKAMKEYGEDLKIETNKFAAICTHLEVCFMYSDFHFINEQGESIVVELDDPNALLKHRFEIIE
GRDRTMAWTVVNSICNTTGAEKPKFLPDLYDYKENRFIEIGVTRREVHIYYLEKANKIKSENTHIHIFSFTGEEMATKAD
YTLDEESRARIKTRLFTIRQEMANRGLWDSFRQSERGEETIEERFEITGTMRRLADQSLPPNFSCLENFRAYVDGFEPNG
YIEGKLSQMSKEVNAKIEPFLKTTPRPIRLPDGPPCFQRSKFLLMDALKLSIEDPSHEGEGIPLYDAIKCMRTFFGWKEP
YIVKPHEKGINPNYLLSWKQVLAELQDIENEEKIPRTKNMKKTSQLKWALGENMAPEKVDFDNCRDVSDLKQYDSDEPEL
RSLSSWIQNEFNKACELTDSTWIELDEIGEDVAPIEYIASMRRNYFTAEVSHCRATEYIMKGVYINTALLNASCAAMDDF
QLIPMISKCRTKEGRRKTNLYGFIIKGRSHLRNDTDVVNFVSMEFSLTDPRLEPHKWEKYCVLEIGDMLLRSAIGQMSRP
MFLYVRTNGTSKIKMKWGMEMRRCLLQSLQQIESMIEAESSVKEKDMTKEFFENKSETWPIGESPKGVEDGSIGKVCRTL
LAKSVFNSLYASPQLEGFSAESRKLLLVVQALRDNLEPGTFDLEGLYEAIEECLINDPWVLLNASWFNSFLTHALR
;
A
6 'polypeptide(L)'
;MERIKELRNLMSQSRTREILTKTTVDHMAIIKKYTSGRQEKNPSLRMKWMMAMKYPITADKRITEMVPERNEQGQTLWSK
MSDAGSDRVMVSPLAVTWWNRNGPMTSTVHYPKVYKTYFEKVERLKHGTFGPVHFRNQVKIRRRVDINPGHADLSAKEAQ
DVIMEVVFPNEVGARILTSESQLTITKEKKEELQDCKISPLMVAYMLERELVRKTRFLPVAGGTSSVYIEVLHLTQGTCW
EQMYTPGGEVRNDDVDQSLIIAARNIVRRAAVSADPLASLLEMCHSTQIGGTRMVDILRQNPTEEQAVDICKAAMGLRIS
SSFSFGGFTFKRTSGSSIKREEELLTGNLQTLKIRVHDGYEEFTMVGKRATAILRKATRRLVQLIVSGRDEQSVAEAIIV
AMVFSQEDCMIKAVRGDLNFVNRANQRLNPMHQLLRHFQKDAKVLFQNWGIEHIDNVMGMIGVLPDMTPSTEMSMRGIRV
SKMGVDEYSSTERVVVSIDRFLRVRDQRGNVLLSPEEVSETQGTEKLTITYSSSMMWEINGPESVLVNTYQWIIRNWETV
KIQWSQNPTMLYNKMEFEPFQSLVPKAIRGQYSGFVRTLFQQMRDVLGTFDTTQIIKLLPFAAAPPKQSRMQFSSLTVNV
RGSGMRILVRGNSPAFNYNKTTKRLTILGKDAGTLIEDPDEGTSGVESAVLRGFLILGKEDRRYGPALSINELSNLAKGE
KANVLIGQGDVVLVMKRKRDSSILTDSQTATKRIRMENLYFQ
;
C
#
# COMPACT_ATOMS: atom_id res chain seq x y z
N GLN C 1 21.71 -6.07 -47.15
CA GLN C 1 20.54 -5.14 -47.15
C GLN C 1 19.32 -5.90 -46.59
N VAL C 2 18.13 -5.65 -47.13
CA VAL C 2 16.94 -6.36 -46.67
C VAL C 2 17.07 -7.82 -47.06
N GLN C 3 17.06 -8.72 -46.07
CA GLN C 3 17.07 -10.16 -46.28
C GLN C 3 15.95 -10.76 -45.45
N LEU C 4 15.06 -11.50 -46.10
CA LEU C 4 13.94 -12.14 -45.41
C LEU C 4 13.70 -13.51 -46.01
N GLN C 5 13.76 -14.53 -45.16
CA GLN C 5 13.53 -15.92 -45.52
C GLN C 5 12.28 -16.43 -44.81
N GLU C 6 11.83 -17.63 -45.20
CA GLU C 6 10.63 -18.23 -44.67
C GLU C 6 10.92 -19.68 -44.30
N SER C 7 9.97 -20.32 -43.62
CA SER C 7 10.13 -21.69 -43.18
C SER C 7 8.76 -22.22 -42.77
N GLY C 8 8.73 -23.50 -42.38
CA GLY C 8 7.54 -24.13 -41.85
C GLY C 8 6.45 -24.45 -42.85
N GLY C 9 6.61 -24.08 -44.12
CA GLY C 9 5.56 -24.29 -45.09
C GLY C 9 5.37 -25.76 -45.39
N GLY C 10 4.12 -26.19 -45.48
CA GLY C 10 3.80 -27.56 -45.81
C GLY C 10 2.31 -27.79 -45.83
N MET C 11 1.92 -28.77 -46.65
CA MET C 11 0.51 -29.14 -46.74
C MET C 11 0.02 -29.69 -45.41
N VAL C 12 -1.26 -29.49 -45.13
CA VAL C 12 -1.84 -29.93 -43.87
C VAL C 12 -3.35 -30.00 -44.03
N GLN C 13 -3.97 -30.92 -43.29
CA GLN C 13 -5.40 -31.10 -43.32
C GLN C 13 -6.09 -29.93 -42.63
N PRO C 14 -7.39 -29.72 -42.85
CA PRO C 14 -8.09 -28.64 -42.15
C PRO C 14 -8.22 -28.92 -40.66
N GLY C 15 -8.57 -27.87 -39.93
CA GLY C 15 -8.71 -27.96 -38.48
C GLY C 15 -7.44 -28.33 -37.76
N GLY C 16 -6.28 -28.11 -38.38
CA GLY C 16 -5.00 -28.47 -37.80
C GLY C 16 -4.18 -27.26 -37.42
N SER C 17 -3.06 -27.53 -36.78
CA SER C 17 -2.15 -26.51 -36.27
C SER C 17 -0.93 -26.39 -37.18
N LEU C 18 -0.27 -25.24 -37.09
CA LEU C 18 0.97 -25.01 -37.82
C LEU C 18 1.66 -23.78 -37.25
N ARG C 19 2.97 -23.71 -37.47
CA ARG C 19 3.80 -22.61 -36.99
C ARG C 19 4.78 -22.25 -38.09
N LEU C 20 4.79 -20.97 -38.47
CA LEU C 20 5.72 -20.48 -39.48
C LEU C 20 6.90 -19.81 -38.77
N SER C 21 7.83 -19.27 -39.55
CA SER C 21 9.00 -18.62 -39.00
C SER C 21 9.68 -17.85 -40.12
N CYS C 22 10.45 -16.85 -39.74
CA CYS C 22 11.16 -15.99 -40.68
C CYS C 22 12.54 -15.69 -40.12
N LEU C 23 13.28 -14.81 -40.78
CA LEU C 23 14.64 -14.50 -40.35
C LEU C 23 15.09 -13.24 -41.06
N ALA C 24 15.96 -12.47 -40.40
CA ALA C 24 16.37 -11.17 -40.90
C ALA C 24 17.85 -10.98 -40.64
N SER C 25 18.42 -10.01 -41.37
CA SER C 25 19.83 -9.65 -41.23
C SER C 25 20.09 -8.40 -42.05
N GLY C 26 21.01 -7.58 -41.56
CA GLY C 26 21.42 -6.37 -42.24
C GLY C 26 20.80 -5.09 -41.76
N PHE C 27 20.19 -5.08 -40.58
CA PHE C 27 19.52 -3.90 -40.06
C PHE C 27 19.08 -4.18 -38.62
N THR C 28 18.71 -3.11 -37.93
CA THR C 28 18.25 -3.23 -36.55
C THR C 28 16.87 -3.87 -36.53
N PHE C 29 16.83 -5.15 -36.14
CA PHE C 29 15.57 -5.88 -36.15
C PHE C 29 14.62 -5.39 -35.06
N SER C 30 15.16 -4.86 -33.96
CA SER C 30 14.35 -4.39 -32.84
C SER C 30 13.99 -2.92 -32.96
N ASN C 31 13.93 -2.41 -34.19
CA ASN C 31 13.63 -0.99 -34.41
C ASN C 31 12.68 -0.79 -35.59
N TYR C 32 11.99 -1.84 -36.05
CA TYR C 32 11.10 -1.73 -37.17
C TYR C 32 9.98 -2.76 -37.03
N ALA C 33 8.80 -2.40 -37.53
CA ALA C 33 7.60 -3.21 -37.39
C ALA C 33 7.44 -4.12 -38.59
N MET C 34 6.83 -5.27 -38.37
CA MET C 34 6.65 -6.30 -39.39
C MET C 34 5.17 -6.56 -39.63
N THR C 35 4.88 -7.18 -40.77
CA THR C 35 3.52 -7.59 -41.10
C THR C 35 3.60 -8.92 -41.82
N TRP C 36 2.43 -9.49 -42.13
CA TRP C 36 2.32 -10.71 -42.92
C TRP C 36 1.21 -10.45 -43.94
N VAL C 37 1.55 -10.57 -45.21
CA VAL C 37 0.58 -10.48 -46.28
C VAL C 37 0.55 -11.81 -47.01
N ARG C 38 -0.60 -12.13 -47.60
CA ARG C 38 -0.81 -13.38 -48.30
C ARG C 38 -1.46 -13.11 -49.64
N GLN C 39 -0.99 -13.82 -50.67
CA GLN C 39 -1.54 -13.76 -52.01
C GLN C 39 -2.23 -15.08 -52.30
N ALA C 40 -3.55 -15.03 -52.46
CA ALA C 40 -4.30 -16.22 -52.83
C ALA C 40 -4.22 -16.42 -54.34
N PRO C 41 -4.42 -17.64 -54.82
CA PRO C 41 -4.30 -17.87 -56.26
C PRO C 41 -5.36 -17.11 -57.03
N GLY C 42 -4.91 -16.18 -57.87
CA GLY C 42 -5.81 -15.37 -58.66
C GLY C 42 -6.44 -14.22 -57.92
N LYS C 43 -5.82 -13.77 -56.82
CA LYS C 43 -6.33 -12.68 -56.02
C LYS C 43 -5.15 -11.82 -55.56
N GLY C 44 -5.37 -10.52 -55.47
CA GLY C 44 -4.32 -9.62 -55.03
C GLY C 44 -3.97 -9.84 -53.59
N PRO C 45 -2.80 -9.38 -53.15
CA PRO C 45 -2.42 -9.57 -51.75
C PRO C 45 -3.20 -8.67 -50.82
N GLU C 46 -3.26 -9.08 -49.55
CA GLU C 46 -3.88 -8.30 -48.50
C GLU C 46 -3.12 -8.54 -47.21
N TRP C 47 -3.29 -7.63 -46.26
CA TRP C 47 -2.62 -7.78 -44.98
C TRP C 47 -3.32 -8.80 -44.09
N VAL C 48 -2.52 -9.43 -43.24
CA VAL C 48 -3.00 -10.46 -42.32
C VAL C 48 -2.83 -10.03 -40.87
N SER C 49 -1.68 -9.49 -40.52
CA SER C 49 -1.39 -9.09 -39.15
C SER C 49 -0.25 -8.08 -39.17
N MET C 50 -0.06 -7.42 -38.04
CA MET C 50 1.02 -6.47 -37.85
C MET C 50 1.59 -6.68 -36.45
N VAL C 51 2.71 -6.03 -36.19
CA VAL C 51 3.35 -6.11 -34.87
C VAL C 51 4.42 -5.04 -34.76
N SER C 52 4.65 -4.57 -33.54
CA SER C 52 5.52 -3.43 -33.29
C SER C 52 6.91 -3.88 -32.86
N ASN C 53 7.76 -2.93 -32.51
CA ASN C 53 9.12 -3.18 -32.06
C ASN C 53 9.22 -3.53 -30.58
N ASN C 54 8.11 -3.47 -29.84
CA ASN C 54 8.08 -3.90 -28.45
C ASN C 54 7.59 -5.33 -28.28
N GLY C 55 6.85 -5.85 -29.25
CA GLY C 55 6.14 -7.10 -29.09
C GLY C 55 4.78 -6.95 -28.44
N ALA C 56 4.23 -5.73 -28.43
CA ALA C 56 3.03 -5.40 -27.67
C ALA C 56 1.82 -5.11 -28.53
N ASP C 57 1.91 -4.18 -29.47
CA ASP C 57 0.76 -3.70 -30.22
C ASP C 57 0.54 -4.62 -31.41
N THR C 58 -0.49 -5.46 -31.32
CA THR C 58 -0.87 -6.39 -32.37
C THR C 58 -2.27 -6.11 -32.84
N THR C 59 -2.50 -6.31 -34.13
CA THR C 59 -3.81 -6.20 -34.76
C THR C 59 -4.00 -7.38 -35.70
N TYR C 60 -5.21 -7.50 -36.25
CA TYR C 60 -5.53 -8.64 -37.10
C TYR C 60 -6.59 -8.23 -38.11
N THR C 61 -6.76 -9.06 -39.13
CA THR C 61 -7.83 -8.90 -40.08
C THR C 61 -9.16 -9.21 -39.41
N ASP C 62 -10.25 -8.77 -40.04
CA ASP C 62 -11.58 -8.96 -39.48
C ASP C 62 -11.96 -10.44 -39.45
N SER C 63 -11.50 -11.23 -40.42
CA SER C 63 -12.04 -12.56 -40.67
C SER C 63 -11.22 -13.67 -40.01
N VAL C 64 -10.17 -13.33 -39.26
CA VAL C 64 -9.26 -14.33 -38.72
C VAL C 64 -8.94 -14.06 -37.25
N LYS C 65 -9.77 -13.25 -36.60
CA LYS C 65 -9.51 -12.91 -35.20
C LYS C 65 -9.67 -14.14 -34.32
N GLY C 66 -8.83 -14.24 -33.30
CA GLY C 66 -8.87 -15.33 -32.36
C GLY C 66 -8.27 -16.62 -32.85
N ARG C 67 -7.94 -16.74 -34.13
CA ARG C 67 -7.38 -17.96 -34.71
C ARG C 67 -5.92 -17.80 -35.12
N PHE C 68 -5.42 -16.58 -35.20
CA PHE C 68 -4.02 -16.30 -35.52
C PHE C 68 -3.35 -15.59 -34.36
N THR C 69 -2.15 -16.03 -34.02
CA THR C 69 -1.31 -15.38 -33.02
C THR C 69 0.02 -15.04 -33.66
N ILE C 70 0.59 -13.93 -33.22
CA ILE C 70 1.83 -13.39 -33.77
C ILE C 70 2.74 -12.99 -32.61
N SER C 71 4.03 -13.26 -32.76
CA SER C 71 4.99 -13.05 -31.68
C SER C 71 6.39 -13.04 -32.26
N ARG C 72 7.19 -12.06 -31.84
CA ARG C 72 8.55 -11.88 -32.33
C ARG C 72 9.57 -12.05 -31.22
N ASP C 73 10.81 -12.30 -31.62
CA ASP C 73 11.95 -12.46 -30.72
C ASP C 73 13.11 -11.65 -31.27
N ASN C 74 13.39 -10.50 -30.65
CA ASN C 74 14.43 -9.62 -31.16
C ASN C 74 15.82 -10.23 -31.04
N ALA C 75 16.02 -11.12 -30.07
CA ALA C 75 17.36 -11.64 -29.82
C ALA C 75 17.84 -12.51 -30.97
N LYS C 76 17.00 -13.41 -31.45
CA LYS C 76 17.36 -14.33 -32.52
C LYS C 76 17.01 -13.80 -33.91
N ASN C 77 16.44 -12.60 -34.00
CA ASN C 77 16.09 -11.97 -35.27
C ASN C 77 15.17 -12.87 -36.10
N THR C 78 14.01 -13.16 -35.53
CA THR C 78 13.00 -13.99 -36.17
C THR C 78 11.63 -13.37 -35.94
N LEU C 79 10.62 -13.97 -36.56
CA LEU C 79 9.25 -13.48 -36.49
C LEU C 79 8.32 -14.67 -36.69
N TYR C 80 7.86 -15.23 -35.59
CA TYR C 80 7.02 -16.41 -35.64
C TYR C 80 5.57 -16.04 -35.97
N LEU C 81 4.76 -17.07 -36.21
CA LEU C 81 3.35 -16.91 -36.52
C LEU C 81 2.68 -18.27 -36.36
N ARG C 82 1.71 -18.34 -35.46
CA ARG C 82 1.00 -19.57 -35.14
C ARG C 82 -0.45 -19.41 -35.56
N MET C 83 -0.90 -20.31 -36.44
CA MET C 83 -2.27 -20.33 -36.93
C MET C 83 -2.89 -21.66 -36.57
N ASN C 84 -4.01 -21.61 -35.84
CA ASN C 84 -4.70 -22.79 -35.35
C ASN C 84 -6.15 -22.78 -35.82
N ASN C 85 -6.70 -23.98 -36.01
CA ASN C 85 -8.04 -24.15 -36.56
C ASN C 85 -8.14 -23.46 -37.91
N VAL C 86 -7.29 -23.90 -38.83
CA VAL C 86 -7.15 -23.25 -40.12
C VAL C 86 -8.41 -23.50 -40.95
N LYS C 87 -8.90 -22.45 -41.61
CA LYS C 87 -10.04 -22.56 -42.48
C LYS C 87 -9.63 -23.18 -43.80
N PRO C 88 -10.59 -23.58 -44.64
CA PRO C 88 -10.22 -24.23 -45.91
C PRO C 88 -9.60 -23.25 -46.88
N GLU C 89 -10.19 -22.07 -46.98
CA GLU C 89 -9.75 -21.05 -47.93
C GLU C 89 -8.47 -20.36 -47.51
N ASP C 90 -7.90 -20.70 -46.36
CA ASP C 90 -6.66 -20.09 -45.91
C ASP C 90 -5.45 -20.58 -46.68
N SER C 91 -5.60 -21.60 -47.53
CA SER C 91 -4.49 -22.13 -48.31
C SER C 91 -4.06 -21.10 -49.35
N ALA C 92 -2.83 -20.62 -49.23
CA ALA C 92 -2.28 -19.63 -50.14
C ALA C 92 -0.81 -19.43 -49.75
N VAL C 93 -0.13 -18.57 -50.49
CA VAL C 93 1.26 -18.27 -50.22
C VAL C 93 1.34 -17.06 -49.29
N TYR C 94 2.16 -17.17 -48.25
CA TYR C 94 2.30 -16.12 -47.25
C TYR C 94 3.64 -15.41 -47.43
N TYR C 95 3.59 -14.09 -47.31
CA TYR C 95 4.70 -13.21 -47.62
C TYR C 95 5.08 -12.42 -46.37
N CYS C 96 6.34 -12.51 -45.96
CA CYS C 96 6.82 -11.67 -44.88
C CYS C 96 6.89 -10.21 -45.34
N ALA C 97 7.31 -9.34 -44.44
CA ALA C 97 7.27 -7.92 -44.72
C ALA C 97 8.11 -7.17 -43.70
N LYS C 98 8.18 -5.85 -43.87
CA LYS C 98 8.92 -4.97 -42.96
C LYS C 98 8.39 -3.56 -43.14
N ARG C 99 7.70 -3.04 -42.13
CA ARG C 99 7.25 -1.65 -42.18
C ARG C 99 8.44 -0.71 -42.17
N ARG C 100 8.17 0.57 -42.37
CA ARG C 100 9.17 1.63 -42.27
C ARG C 100 9.12 2.32 -40.93
N TYR C 101 7.92 2.69 -40.48
CA TYR C 101 7.76 3.29 -39.17
C TYR C 101 7.82 2.22 -38.09
N GLY C 102 8.16 2.64 -36.88
CA GLY C 102 8.21 1.73 -35.75
C GLY C 102 6.82 1.32 -35.31
N GLY C 103 5.93 2.28 -35.20
CA GLY C 103 4.54 1.99 -34.90
C GLY C 103 3.89 1.26 -36.06
N ILE C 104 2.58 1.00 -35.88
CA ILE C 104 1.79 0.25 -36.85
C ILE C 104 0.61 1.08 -37.36
N TRP C 105 -0.03 1.83 -36.47
CA TRP C 105 -1.31 2.46 -36.82
C TRP C 105 -1.16 3.48 -37.93
N THR C 106 -0.13 4.34 -37.83
CA THR C 106 0.03 5.43 -38.79
C THR C 106 0.28 4.88 -40.18
N GLY C 107 -0.34 5.51 -41.17
CA GLY C 107 -0.27 5.05 -42.54
C GLY C 107 -1.16 3.84 -42.77
N GLN C 108 -1.26 3.45 -44.05
CA GLN C 108 -2.09 2.32 -44.42
C GLN C 108 -1.27 1.02 -44.35
N PRO C 109 -1.87 -0.10 -43.95
CA PRO C 109 -1.10 -1.35 -43.81
C PRO C 109 -0.92 -2.06 -45.14
N THR C 110 0.31 -2.04 -45.65
CA THR C 110 0.65 -2.73 -46.89
C THR C 110 2.12 -3.10 -46.87
N ASP C 111 2.46 -4.20 -47.54
CA ASP C 111 3.84 -4.64 -47.61
C ASP C 111 4.68 -3.65 -48.39
N TYR C 112 5.94 -3.51 -47.99
CA TYR C 112 6.85 -2.55 -48.62
C TYR C 112 8.19 -3.14 -49.05
N ASP C 113 8.77 -4.08 -48.28
CA ASP C 113 10.07 -4.65 -48.64
C ASP C 113 10.12 -6.10 -48.15
N TYR C 114 9.83 -7.04 -49.04
CA TYR C 114 10.02 -8.46 -48.70
C TYR C 114 9.72 -9.34 -49.90
N LEU C 115 9.99 -10.63 -49.73
CA LEU C 115 9.71 -11.66 -50.71
C LEU C 115 9.27 -12.92 -49.97
N GLY C 116 8.12 -13.47 -50.38
CA GLY C 116 7.53 -14.62 -49.71
C GLY C 116 7.89 -15.97 -50.27
N GLN C 117 9.10 -16.46 -49.97
CA GLN C 117 9.46 -17.80 -50.39
C GLN C 117 8.53 -18.85 -49.78
N GLY C 118 8.01 -18.59 -48.58
CA GLY C 118 7.20 -19.59 -47.90
C GLY C 118 5.78 -19.64 -48.42
N THR C 119 5.21 -20.85 -48.37
CA THR C 119 3.84 -21.09 -48.80
C THR C 119 3.20 -22.12 -47.89
N VAL C 120 1.94 -22.45 -48.19
CA VAL C 120 1.18 -23.38 -47.38
C VAL C 120 -0.07 -23.78 -48.16
N THR C 121 -0.59 -24.97 -47.88
CA THR C 121 -1.87 -25.40 -48.40
C THR C 121 -2.60 -26.28 -47.39
N MET D 1 14.91 -31.61 -4.32
CA MET D 1 15.18 -30.15 -4.21
C MET D 1 14.33 -29.52 -3.12
N ASP D 2 14.82 -28.43 -2.55
CA ASP D 2 14.11 -27.69 -1.52
C ASP D 2 14.47 -26.22 -1.69
N VAL D 3 13.59 -25.47 -2.37
CA VAL D 3 13.90 -24.11 -2.75
C VAL D 3 13.97 -23.22 -1.51
N ASN D 4 14.82 -22.19 -1.59
CA ASN D 4 15.09 -21.31 -0.47
C ASN D 4 15.64 -19.97 -0.97
N PRO D 5 14.85 -18.90 -1.06
CA PRO D 5 15.37 -17.67 -1.66
C PRO D 5 16.44 -16.98 -0.86
N THR D 6 16.40 -17.04 0.47
CA THR D 6 17.29 -16.22 1.29
C THR D 6 18.69 -16.79 1.38
N LEU D 7 18.98 -17.87 0.66
CA LEU D 7 20.36 -18.21 0.31
C LEU D 7 20.89 -17.39 -0.84
N LEU D 8 20.07 -16.52 -1.42
CA LEU D 8 20.52 -15.62 -2.47
C LEU D 8 21.59 -14.66 -1.97
N PHE D 9 21.69 -14.44 -0.66
CA PHE D 9 22.59 -13.44 -0.11
C PHE D 9 24.02 -13.93 0.03
N LEU D 10 24.37 -15.10 -0.49
CA LEU D 10 25.74 -15.55 -0.45
C LEU D 10 26.58 -15.02 -1.60
N LYS D 11 25.97 -14.81 -2.76
CA LYS D 11 26.64 -14.21 -3.90
C LYS D 11 26.45 -12.71 -3.94
N VAL D 12 25.21 -12.26 -4.05
CA VAL D 12 24.89 -10.84 -4.17
C VAL D 12 24.87 -10.26 -2.76
N PRO D 13 25.29 -9.00 -2.54
CA PRO D 13 25.27 -8.48 -1.17
C PRO D 13 23.85 -8.26 -0.66
N ALA D 14 23.75 -7.67 0.53
CA ALA D 14 22.46 -7.44 1.15
C ALA D 14 21.84 -6.11 0.78
N GLN D 15 22.65 -5.06 0.67
CA GLN D 15 22.13 -3.73 0.36
C GLN D 15 21.57 -3.61 -1.05
N ASN D 16 21.88 -4.55 -1.94
CA ASN D 16 21.33 -4.57 -3.29
C ASN D 16 20.11 -5.47 -3.42
N ALA D 17 20.10 -6.59 -2.70
CA ALA D 17 19.00 -7.54 -2.72
C ALA D 17 18.03 -7.36 -1.56
N ILE D 18 18.03 -6.20 -0.91
CA ILE D 18 17.24 -6.00 0.30
C ILE D 18 15.75 -5.99 0.03
N SER D 19 15.33 -5.77 -1.21
CA SER D 19 13.91 -5.66 -1.51
C SER D 19 13.18 -6.98 -1.33
N THR D 20 13.89 -8.10 -1.26
CA THR D 20 13.24 -9.39 -1.00
C THR D 20 12.57 -9.41 0.37
N THR D 21 13.06 -8.62 1.31
CA THR D 21 12.58 -8.71 2.68
C THR D 21 11.32 -7.89 2.92
N PHE D 22 11.16 -6.78 2.20
CA PHE D 22 10.00 -5.91 2.39
C PHE D 22 8.75 -6.66 1.95
N PRO D 23 7.94 -7.20 2.86
CA PRO D 23 6.87 -8.09 2.40
C PRO D 23 5.67 -7.39 1.81
N TYR D 24 5.60 -6.06 1.90
CA TYR D 24 4.50 -5.20 1.47
C TYR D 24 3.14 -5.62 2.00
N THR D 25 3.08 -6.52 2.99
CA THR D 25 1.82 -6.96 3.58
C THR D 25 1.55 -6.23 4.90
N GLY D 26 1.57 -4.91 4.84
CA GLY D 26 1.37 -4.07 6.00
C GLY D 26 0.08 -3.28 5.96
N ASP D 27 -0.56 -3.21 4.78
CA ASP D 27 -1.82 -2.48 4.68
C ASP D 27 -3.00 -3.25 5.27
N PRO D 28 -3.28 -4.49 4.86
CA PRO D 28 -4.53 -5.15 5.30
C PRO D 28 -4.58 -5.45 6.79
N PRO D 29 -3.47 -5.45 7.55
CA PRO D 29 -3.69 -5.51 9.01
C PRO D 29 -4.33 -4.23 9.51
N TYR D 30 -5.59 -4.34 9.93
CA TYR D 30 -6.38 -3.24 10.45
C TYR D 30 -6.67 -3.51 11.93
N SER D 31 -7.38 -2.58 12.57
CA SER D 31 -7.77 -2.69 13.96
C SER D 31 -9.17 -3.30 14.05
N HIS D 32 -9.30 -4.38 14.81
CA HIS D 32 -10.57 -5.01 15.11
C HIS D 32 -10.99 -4.65 16.52
N GLY D 33 -12.15 -3.99 16.64
CA GLY D 33 -12.64 -3.52 17.92
C GLY D 33 -12.76 -2.01 17.95
N THR D 34 -12.95 -1.51 19.18
CA THR D 34 -13.16 -0.08 19.38
C THR D 34 -11.84 0.67 19.49
N GLY D 35 -11.00 0.28 20.45
CA GLY D 35 -9.66 0.82 20.56
C GLY D 35 -9.42 1.76 21.73
N THR D 36 -9.99 1.44 22.90
CA THR D 36 -9.69 2.16 24.13
C THR D 36 -8.69 1.43 25.01
N GLY D 37 -8.60 0.10 24.89
CA GLY D 37 -7.70 -0.67 25.71
C GLY D 37 -6.24 -0.33 25.52
N TYR D 38 -5.89 0.27 24.38
CA TYR D 38 -4.55 0.75 24.14
C TYR D 38 -4.35 2.16 24.67
N THR D 39 -5.38 3.00 24.58
CA THR D 39 -5.25 4.37 25.05
C THR D 39 -5.12 4.43 26.57
N MET D 40 -5.64 3.42 27.28
CA MET D 40 -5.39 3.30 28.71
C MET D 40 -4.01 2.74 29.01
N ASP D 41 -3.24 2.34 27.98
CA ASP D 41 -1.88 1.88 28.16
C ASP D 41 -0.88 3.00 27.96
N THR D 42 -1.09 3.85 26.95
CA THR D 42 -0.16 4.95 26.71
C THR D 42 -0.22 5.97 27.84
N VAL D 43 -1.35 6.07 28.53
CA VAL D 43 -1.43 6.97 29.68
C VAL D 43 -0.63 6.40 30.84
N ASN D 44 -0.63 5.08 31.00
CA ASN D 44 0.12 4.45 32.08
C ASN D 44 1.62 4.59 31.86
N ARG D 45 2.09 4.23 30.66
CA ARG D 45 3.52 4.26 30.38
C ARG D 45 4.06 5.68 30.44
N THR D 46 3.24 6.67 30.14
CA THR D 46 3.67 8.06 30.30
C THR D 46 3.90 8.43 31.76
N HIS D 47 3.29 7.69 32.70
CA HIS D 47 3.35 8.02 34.11
C HIS D 47 4.28 7.11 34.90
N GLN D 48 4.86 6.08 34.26
CA GLN D 48 5.84 5.22 34.90
C GLN D 48 7.26 5.70 34.73
N TYR D 49 7.57 6.34 33.60
CA TYR D 49 8.89 6.86 33.36
C TYR D 49 9.08 8.26 33.95
N SER D 50 7.99 8.91 34.35
CA SER D 50 8.03 10.24 34.97
C SER D 50 7.24 10.22 36.27
N GLU D 51 7.51 9.23 37.11
CA GLU D 51 6.81 9.11 38.39
C GLU D 51 7.44 9.97 39.46
N LYS D 52 8.75 10.18 39.40
CA LYS D 52 9.47 10.88 40.46
C LYS D 52 9.09 12.35 40.54
N GLY D 53 8.55 12.92 39.47
CA GLY D 53 8.24 14.34 39.48
C GLY D 53 7.11 14.66 40.43
N LYS D 54 7.19 15.85 41.03
CA LYS D 54 6.14 16.31 41.93
C LYS D 54 4.88 16.60 41.14
N TRP D 55 3.77 16.01 41.56
CA TRP D 55 2.47 16.19 40.91
C TRP D 55 1.58 17.05 41.79
N THR D 56 0.88 17.98 41.14
CA THR D 56 0.02 18.94 41.83
C THR D 56 -1.31 19.04 41.10
N THR D 57 -2.28 19.61 41.80
CA THR D 57 -3.58 19.86 41.22
C THR D 57 -3.58 21.22 40.52
N ASN D 58 -4.30 21.28 39.40
CA ASN D 58 -4.37 22.47 38.57
C ASN D 58 -5.61 23.27 38.92
N THR D 59 -5.57 24.56 38.58
CA THR D 59 -6.64 25.49 38.88
C THR D 59 -7.65 25.50 37.73
N GLU D 60 -8.92 25.71 38.08
CA GLU D 60 -10.05 25.81 37.15
C GLU D 60 -10.13 24.65 36.15
N THR D 61 -9.54 23.49 36.50
CA THR D 61 -9.77 22.25 35.77
C THR D 61 -9.97 21.04 36.68
N GLY D 62 -9.49 21.07 37.92
CA GLY D 62 -9.71 19.98 38.85
C GLY D 62 -9.11 18.67 38.38
N ALA D 63 -7.78 18.60 38.33
CA ALA D 63 -7.13 17.39 37.86
C ALA D 63 -5.66 17.34 38.28
N PRO D 64 -5.11 16.18 38.65
CA PRO D 64 -3.68 16.11 38.89
C PRO D 64 -2.91 16.01 37.58
N GLN D 65 -1.70 16.55 37.57
CA GLN D 65 -0.87 16.53 36.38
C GLN D 65 0.60 16.52 36.79
N LEU D 66 1.36 15.62 36.19
CA LEU D 66 2.75 15.41 36.55
C LEU D 66 3.66 16.47 35.93
N ASN D 67 4.87 16.57 36.46
CA ASN D 67 5.86 17.53 35.99
C ASN D 67 7.26 17.05 36.37
N PRO D 68 7.90 16.20 35.58
CA PRO D 68 9.23 15.68 35.93
C PRO D 68 10.40 16.57 35.54
N ILE D 69 10.14 17.73 34.93
CA ILE D 69 11.22 18.56 34.42
C ILE D 69 12.09 19.03 35.57
N ASP D 70 13.40 19.03 35.33
CA ASP D 70 14.42 19.39 36.30
C ASP D 70 14.47 18.43 37.48
N GLY D 71 13.83 17.27 37.37
CA GLY D 71 13.84 16.29 38.43
C GLY D 71 15.19 15.62 38.57
N PRO D 72 15.27 14.57 39.38
CA PRO D 72 16.55 13.90 39.60
C PRO D 72 17.06 13.18 38.37
N LEU D 73 18.23 12.57 38.49
CA LEU D 73 18.89 11.87 37.39
C LEU D 73 18.63 10.37 37.48
N PRO D 74 18.66 9.65 36.37
CA PRO D 74 18.35 8.21 36.42
C PRO D 74 19.56 7.38 36.79
N GLU D 75 19.28 6.11 37.09
CA GLU D 75 20.31 5.12 37.38
C GLU D 75 20.22 3.89 36.49
N ASP D 76 19.03 3.51 36.03
CA ASP D 76 18.84 2.36 35.16
C ASP D 76 18.84 2.81 33.71
N ASN D 77 19.24 1.89 32.82
CA ASN D 77 19.24 2.16 31.39
C ASN D 77 17.85 2.24 30.80
N GLU D 78 16.80 1.96 31.57
CA GLU D 78 15.44 2.03 31.06
C GLU D 78 15.12 3.47 30.63
N PRO D 79 14.05 3.67 29.85
CA PRO D 79 13.71 5.02 29.43
C PRO D 79 13.38 5.92 30.60
N SER D 80 13.44 7.23 30.35
CA SER D 80 13.23 8.21 31.40
C SER D 80 13.03 9.58 30.76
N GLY D 81 11.95 10.26 31.14
CA GLY D 81 11.67 11.59 30.65
C GLY D 81 12.05 12.68 31.63
N TYR D 82 13.17 12.48 32.34
CA TYR D 82 13.68 13.46 33.30
C TYR D 82 14.66 14.36 32.60
N ALA D 83 14.15 15.44 32.00
CA ALA D 83 14.99 16.40 31.31
C ALA D 83 15.72 17.28 32.31
N GLN D 84 16.39 18.31 31.82
CA GLN D 84 17.03 19.31 32.66
C GLN D 84 16.95 20.64 31.91
N THR D 85 16.32 21.65 32.51
CA THR D 85 16.03 22.87 31.77
C THR D 85 17.27 23.74 31.60
N ASP D 86 18.20 23.68 32.54
CA ASP D 86 19.44 24.43 32.40
C ASP D 86 20.39 23.80 31.38
N CYS D 87 20.07 22.61 30.88
CA CYS D 87 20.90 21.92 29.90
C CYS D 87 20.38 22.10 28.47
N VAL D 88 19.05 22.11 28.30
CA VAL D 88 18.48 22.25 26.96
C VAL D 88 18.84 23.60 26.36
N LEU D 89 18.67 24.67 27.14
CA LEU D 89 18.99 26.00 26.63
C LEU D 89 20.47 26.13 26.32
N GLU D 90 21.31 25.42 27.07
CA GLU D 90 22.74 25.45 26.82
C GLU D 90 23.06 24.87 25.46
N ALA D 91 22.31 23.85 25.04
CA ALA D 91 22.52 23.27 23.72
C ALA D 91 22.03 24.21 22.63
N MET D 92 20.78 24.67 22.74
CA MET D 92 20.21 25.54 21.73
C MET D 92 20.90 26.90 21.68
N ALA D 93 21.67 27.25 22.71
CA ALA D 93 22.46 28.47 22.64
C ALA D 93 23.68 28.26 21.76
N PHE D 94 24.35 27.13 21.90
CA PHE D 94 25.49 26.82 21.05
C PHE D 94 25.10 26.62 19.60
N LEU D 95 23.84 26.27 19.33
CA LEU D 95 23.39 26.16 17.95
C LEU D 95 23.49 27.51 17.25
N GLU D 96 23.27 28.59 17.99
CA GLU D 96 23.40 29.93 17.42
C GLU D 96 24.86 30.28 17.20
N GLU D 97 25.75 29.76 18.04
CA GLU D 97 27.17 30.09 17.92
C GLU D 97 27.76 29.46 16.67
N SER D 98 27.40 28.22 16.37
CA SER D 98 27.92 27.55 15.18
C SER D 98 27.21 28.03 13.93
N HIS D 99 25.91 28.35 14.04
CA HIS D 99 25.10 28.86 12.95
C HIS D 99 24.66 30.29 13.29
N PRO D 100 25.41 31.32 12.91
CA PRO D 100 25.10 32.68 13.38
C PRO D 100 23.76 33.19 12.84
N GLY D 101 22.98 33.79 13.76
CA GLY D 101 21.78 34.50 13.39
C GLY D 101 20.69 33.68 12.75
N ILE D 102 20.77 32.35 12.86
CA ILE D 102 19.76 31.50 12.23
C ILE D 102 18.38 31.75 12.82
N PHE D 103 18.30 32.09 14.11
CA PHE D 103 17.00 32.26 14.74
C PHE D 103 16.36 33.59 14.35
N GLU D 104 17.12 34.68 14.45
CA GLU D 104 16.54 36.01 14.23
C GLU D 104 16.05 36.19 12.80
N ASN D 105 16.63 35.46 11.84
CA ASN D 105 16.16 35.54 10.47
C ASN D 105 14.93 34.67 10.25
N SER D 106 14.92 33.48 10.84
CA SER D 106 13.83 32.54 10.63
C SER D 106 12.51 33.10 11.14
N CYS D 107 12.54 33.75 12.30
CA CYS D 107 11.32 34.32 12.86
C CYS D 107 10.77 35.44 11.98
N LEU D 108 11.64 36.10 11.20
CA LEU D 108 11.17 37.22 10.39
C LEU D 108 10.29 36.72 9.24
N GLU D 109 10.65 35.59 8.64
CA GLU D 109 9.82 35.02 7.58
C GLU D 109 8.48 34.53 8.13
N THR D 110 8.41 34.25 9.43
CA THR D 110 7.16 33.90 10.09
C THR D 110 6.42 35.12 10.61
N MET D 111 7.14 36.21 10.89
CA MET D 111 6.50 37.41 11.43
C MET D 111 5.59 38.09 10.42
N GLU D 112 5.71 37.76 9.13
CA GLU D 112 4.83 38.31 8.10
C GLU D 112 3.73 37.35 7.70
N VAL D 113 3.97 36.04 7.81
CA VAL D 113 2.92 35.06 7.54
C VAL D 113 1.78 35.21 8.53
N VAL D 114 2.10 35.61 9.78
CA VAL D 114 1.08 35.82 10.78
C VAL D 114 0.13 36.95 10.38
N GLN D 115 0.59 37.89 9.55
CA GLN D 115 -0.21 39.01 9.11
C GLN D 115 -0.64 38.90 7.64
N GLN D 116 -0.14 37.89 6.91
CA GLN D 116 -0.45 37.70 5.50
C GLN D 116 -0.97 36.29 5.23
N THR D 117 -1.83 35.79 6.12
CA THR D 117 -2.47 34.49 5.97
C THR D 117 -3.98 34.68 5.89
N ARG D 118 -4.71 33.57 5.83
CA ARG D 118 -6.16 33.58 5.84
C ARG D 118 -6.66 32.35 6.59
N VAL D 119 -7.86 32.48 7.16
CA VAL D 119 -8.45 31.39 7.93
C VAL D 119 -8.70 30.18 7.06
N ASP D 120 -8.97 30.37 5.77
CA ASP D 120 -9.28 29.24 4.89
C ASP D 120 -8.06 28.37 4.61
N ARG D 121 -6.85 28.84 4.91
CA ARG D 121 -5.67 27.99 4.83
C ARG D 121 -5.61 26.99 5.98
N LEU D 122 -6.51 27.08 6.94
CA LEU D 122 -6.57 26.11 8.03
C LEU D 122 -7.39 24.89 7.63
N THR D 123 -8.54 25.12 6.99
CA THR D 123 -9.45 24.04 6.66
C THR D 123 -8.85 23.03 5.68
N GLN D 124 -7.84 23.42 4.90
CA GLN D 124 -7.15 22.48 4.03
C GLN D 124 -6.23 21.64 4.92
N GLY D 125 -6.84 20.64 5.57
CA GLY D 125 -6.12 19.79 6.49
C GLY D 125 -6.82 18.46 6.62
N ARG D 126 -6.30 17.65 7.54
CA ARG D 126 -6.83 16.31 7.76
C ARG D 126 -8.14 16.39 8.53
N GLN D 127 -8.68 15.22 8.88
CA GLN D 127 -9.89 15.17 9.67
C GLN D 127 -9.62 15.72 11.07
N THR D 128 -10.64 16.36 11.64
CA THR D 128 -10.58 16.96 12.96
C THR D 128 -11.68 16.37 13.84
N TYR D 129 -11.71 16.83 15.08
CA TYR D 129 -12.68 16.40 16.09
C TYR D 129 -13.32 17.65 16.67
N ASP D 130 -14.49 18.01 16.14
CA ASP D 130 -15.19 19.20 16.60
C ASP D 130 -15.71 18.99 18.02
N TRP D 131 -15.65 20.06 18.82
CA TRP D 131 -15.97 19.98 20.24
C TRP D 131 -17.45 20.17 20.56
N THR D 132 -18.29 20.46 19.55
CA THR D 132 -19.71 20.60 19.80
C THR D 132 -20.41 19.25 19.81
N LEU D 133 -20.24 18.47 18.74
CA LEU D 133 -20.95 17.21 18.56
C LEU D 133 -20.26 16.03 19.22
N ASN D 134 -18.98 16.16 19.60
CA ASN D 134 -18.21 15.06 20.15
C ASN D 134 -18.09 13.90 19.15
N ARG D 135 -17.74 14.23 17.92
CA ARG D 135 -17.55 13.24 16.86
C ARG D 135 -16.55 13.77 15.86
N ASN D 136 -15.75 12.87 15.29
CA ASN D 136 -14.81 13.23 14.24
C ASN D 136 -15.57 13.72 13.01
N GLN D 137 -15.28 14.93 12.59
CA GLN D 137 -15.80 15.55 11.38
C GLN D 137 -14.65 16.09 10.53
N PRO D 138 -14.89 16.33 9.24
CA PRO D 138 -13.82 16.89 8.40
C PRO D 138 -13.53 18.34 8.76
N ALA D 139 -12.45 18.85 8.17
CA ALA D 139 -12.00 20.21 8.45
C ALA D 139 -12.91 21.28 7.86
N ALA D 140 -13.82 20.92 6.97
CA ALA D 140 -14.68 21.90 6.32
C ALA D 140 -15.87 22.29 7.19
N THR D 141 -16.54 21.32 7.80
CA THR D 141 -17.75 21.61 8.56
C THR D 141 -17.44 22.03 9.99
N ALA D 142 -16.32 21.56 10.56
CA ALA D 142 -15.99 21.90 11.93
C ALA D 142 -15.72 23.39 12.11
N LEU D 143 -15.34 24.09 11.04
CA LEU D 143 -15.09 25.51 11.14
C LEU D 143 -16.38 26.31 11.08
N ALA D 144 -17.34 25.87 10.26
CA ALA D 144 -18.62 26.56 10.19
C ALA D 144 -19.44 26.34 11.45
N ASN D 145 -19.26 25.19 12.11
CA ASN D 145 -20.00 24.92 13.34
C ASN D 145 -19.47 25.74 14.49
N THR D 146 -18.13 25.80 14.65
CA THR D 146 -17.55 26.53 15.77
C THR D 146 -17.65 28.04 15.56
N ILE D 147 -17.55 28.52 14.32
CA ILE D 147 -17.61 29.95 14.08
C ILE D 147 -19.02 30.48 14.30
N GLU D 148 -20.03 29.65 14.07
CA GLU D 148 -21.40 30.04 14.36
C GLU D 148 -21.60 30.20 15.87
N VAL D 149 -20.93 29.37 16.67
CA VAL D 149 -20.99 29.53 18.12
C VAL D 149 -20.37 30.86 18.53
N PHE D 150 -19.20 31.18 17.96
CA PHE D 150 -18.58 32.46 18.26
C PHE D 150 -19.44 33.61 17.77
N ARG D 151 -20.12 33.42 16.63
CA ARG D 151 -21.02 34.45 16.14
C ARG D 151 -22.31 34.53 16.96
N SER D 152 -22.70 33.43 17.61
CA SER D 152 -23.91 33.44 18.42
C SER D 152 -23.80 34.44 19.56
N ASN D 153 -22.60 34.61 20.11
CA ASN D 153 -22.35 35.57 21.16
C ASN D 153 -22.13 36.95 20.57
N GLY D 154 -21.88 37.93 21.43
CA GLY D 154 -21.65 39.28 20.96
C GLY D 154 -20.37 39.45 20.18
N LEU D 155 -19.40 38.55 20.38
CA LEU D 155 -18.11 38.67 19.70
C LEU D 155 -18.24 38.24 18.25
N THR D 156 -17.90 39.16 17.33
CA THR D 156 -17.91 38.85 15.90
C THR D 156 -16.71 39.50 15.21
N ALA D 157 -15.56 39.54 15.88
CA ALA D 157 -14.36 40.12 15.29
C ALA D 157 -13.72 39.24 14.21
N ASN D 158 -14.29 38.06 13.95
CA ASN D 158 -13.80 37.19 12.87
C ASN D 158 -14.14 37.72 11.48
N GLU D 159 -14.88 38.83 11.38
CA GLU D 159 -15.32 39.32 10.08
C GLU D 159 -14.15 39.69 9.17
N SER D 160 -12.99 40.03 9.75
CA SER D 160 -11.84 40.38 8.94
C SER D 160 -11.33 39.20 8.12
N GLY D 161 -11.60 37.97 8.54
CA GLY D 161 -11.19 36.80 7.82
C GLY D 161 -9.77 36.34 8.05
N ARG D 162 -8.91 37.19 8.62
CA ARG D 162 -7.55 36.79 8.93
C ARG D 162 -7.55 35.74 10.03
N LEU D 163 -6.59 34.81 9.95
CA LEU D 163 -6.49 33.76 10.97
C LEU D 163 -6.21 34.36 12.34
N ILE D 164 -5.41 35.42 12.40
CA ILE D 164 -5.06 36.01 13.68
C ILE D 164 -6.27 36.59 14.39
N ASP D 165 -7.32 36.97 13.66
CA ASP D 165 -8.55 37.45 14.27
C ASP D 165 -9.44 36.30 14.76
N PHE D 166 -9.20 35.09 14.30
CA PHE D 166 -9.83 33.91 14.88
C PHE D 166 -9.22 33.54 16.22
N LEU D 167 -7.95 33.91 16.44
CA LEU D 167 -7.29 33.62 17.70
C LEU D 167 -7.62 34.66 18.76
N LYS D 168 -7.91 35.89 18.35
CA LYS D 168 -8.34 36.90 19.31
C LYS D 168 -9.72 36.58 19.86
N ASP D 169 -10.53 35.86 19.09
CA ASP D 169 -11.88 35.52 19.53
C ASP D 169 -11.86 34.42 20.58
N VAL D 170 -11.13 33.33 20.30
CA VAL D 170 -11.05 32.23 21.25
C VAL D 170 -10.39 32.69 22.54
N MET D 171 -9.42 33.60 22.43
CA MET D 171 -8.81 34.18 23.61
C MET D 171 -9.79 35.06 24.38
N GLU D 172 -10.71 35.70 23.66
CA GLU D 172 -11.76 36.51 24.27
C GLU D 172 -13.01 35.70 24.61
N SER D 173 -13.04 34.41 24.27
CA SER D 173 -14.13 33.52 24.63
C SER D 173 -13.80 32.63 25.83
N MET D 174 -12.52 32.35 26.05
CA MET D 174 -12.13 31.47 27.14
C MET D 174 -12.31 32.08 28.52
N ASP D 175 -12.54 33.39 28.60
CA ASP D 175 -12.70 34.06 29.89
C ASP D 175 -14.14 34.19 30.34
N LYS D 176 -15.10 34.15 29.41
CA LYS D 176 -16.50 34.23 29.79
C LYS D 176 -16.91 32.98 30.55
N GLU D 177 -17.72 33.17 31.59
CA GLU D 177 -18.02 32.08 32.51
C GLU D 177 -18.88 31.01 31.84
N GLU D 178 -20.07 31.39 31.37
CA GLU D 178 -21.02 30.48 30.77
C GLU D 178 -21.20 30.82 29.29
N MET D 179 -21.23 29.78 28.45
CA MET D 179 -21.36 29.93 27.01
C MET D 179 -22.75 29.50 26.55
N GLU D 180 -23.21 30.12 25.46
CA GLU D 180 -24.56 29.96 24.95
C GLU D 180 -24.50 29.16 23.65
N ILE D 181 -24.65 27.84 23.76
CA ILE D 181 -24.71 26.99 22.58
C ILE D 181 -26.00 27.27 21.83
N ARG D 211 -25.90 27.30 29.69
CA ARG D 211 -25.84 26.03 28.97
C ARG D 211 -24.63 25.23 29.45
N VAL D 212 -23.46 25.82 29.33
CA VAL D 212 -22.20 25.19 29.72
C VAL D 212 -21.33 26.23 30.40
N ASN D 213 -20.74 25.86 31.53
CA ASN D 213 -20.02 26.82 32.36
C ASN D 213 -18.55 26.88 31.97
N LYS D 214 -17.79 27.66 32.76
CA LYS D 214 -16.37 27.85 32.50
C LYS D 214 -15.61 26.53 32.63
N ARG D 215 -15.73 25.86 33.77
CA ARG D 215 -14.97 24.64 34.02
C ARG D 215 -15.43 23.46 33.17
N SER D 216 -16.56 23.58 32.46
CA SER D 216 -17.03 22.56 31.55
C SER D 216 -16.66 22.82 30.10
N TYR D 217 -16.32 24.07 29.76
CA TYR D 217 -15.97 24.42 28.38
C TYR D 217 -14.48 24.26 28.11
N LEU D 218 -13.64 24.55 29.10
CA LEU D 218 -12.20 24.34 28.95
C LEU D 218 -11.89 22.86 28.71
N ILE D 219 -12.60 21.97 29.40
CA ILE D 219 -12.33 20.54 29.32
C ILE D 219 -12.66 20.05 27.92
N ARG D 220 -13.58 20.73 27.22
CA ARG D 220 -13.98 20.33 25.88
C ARG D 220 -13.10 20.91 24.79
N ALA D 221 -12.33 21.97 25.06
CA ALA D 221 -11.45 22.58 24.08
C ALA D 221 -10.03 22.01 24.12
N LEU D 222 -9.63 21.38 25.23
CA LEU D 222 -8.31 20.79 25.36
C LEU D 222 -8.27 19.32 24.96
N THR D 223 -9.39 18.75 24.53
CA THR D 223 -9.45 17.33 24.27
C THR D 223 -8.61 16.95 23.07
N LEU D 224 -8.17 15.70 23.05
CA LEU D 224 -7.53 15.09 21.89
C LEU D 224 -8.12 13.69 21.76
N ASN D 225 -9.06 13.52 20.84
CA ASN D 225 -9.75 12.23 20.69
C ASN D 225 -8.78 11.16 20.24
N THR D 226 -8.88 9.99 20.86
CA THR D 226 -8.04 8.86 20.51
C THR D 226 -8.73 7.98 19.48
N MET D 227 -7.92 7.15 18.82
CA MET D 227 -8.44 6.16 17.89
C MET D 227 -7.31 5.20 17.54
N THR D 228 -7.59 3.91 17.58
CA THR D 228 -6.57 2.91 17.28
C THR D 228 -6.08 3.07 15.85
N LYS D 229 -4.76 3.07 15.67
CA LYS D 229 -4.18 3.28 14.36
C LYS D 229 -4.29 2.01 13.53
N ASP D 230 -4.81 2.16 12.32
CA ASP D 230 -4.96 1.06 11.36
C ASP D 230 -3.97 1.26 10.22
N ALA D 231 -3.76 0.20 9.45
CA ALA D 231 -2.87 0.18 8.29
C ALA D 231 -1.41 0.40 8.68
N GLU D 232 -1.01 -0.07 9.85
CA GLU D 232 0.38 0.07 10.29
C GLU D 232 1.27 -0.79 9.41
N ARG D 233 2.11 -0.14 8.60
CA ARG D 233 3.03 -0.80 7.69
C ARG D 233 4.38 -0.91 8.38
N GLY D 234 4.64 -2.05 9.02
CA GLY D 234 5.92 -2.33 9.65
C GLY D 234 5.87 -2.47 11.16
N LYS D 235 4.75 -2.95 11.70
CA LYS D 235 4.63 -3.16 13.13
C LYS D 235 3.63 -4.27 13.39
N LEU D 236 3.87 -5.01 14.48
CA LEU D 236 3.02 -6.13 14.82
C LEU D 236 1.68 -5.68 15.41
N LYS D 237 1.71 -4.82 16.44
CA LYS D 237 0.52 -4.39 17.16
C LYS D 237 0.36 -2.89 17.01
N ARG D 238 -0.84 -2.42 17.33
CA ARG D 238 -1.23 -1.04 17.04
C ARG D 238 -0.52 -0.07 17.97
N ARG D 239 -0.82 1.22 17.79
CA ARG D 239 -0.06 2.32 18.37
C ARG D 239 -0.91 3.32 19.16
N ALA D 240 -2.21 3.41 18.89
CA ALA D 240 -3.12 4.27 19.65
C ALA D 240 -2.74 5.75 19.51
N ILE D 241 -2.89 6.25 18.28
CA ILE D 241 -2.64 7.67 18.02
C ILE D 241 -3.86 8.48 18.44
N ALA D 242 -3.74 9.80 18.43
CA ALA D 242 -4.82 10.70 18.80
C ALA D 242 -4.88 11.87 17.83
N THR D 243 -6.10 12.38 17.63
CA THR D 243 -6.39 13.50 16.74
C THR D 243 -6.75 14.74 17.54
N PRO D 244 -6.44 15.94 17.05
CA PRO D 244 -6.68 17.15 17.84
C PRO D 244 -8.07 17.75 17.60
N GLY D 245 -8.33 18.83 18.33
CA GLY D 245 -9.58 19.56 18.23
C GLY D 245 -9.55 20.57 17.11
N MET D 246 -10.14 21.74 17.38
CA MET D 246 -10.29 22.80 16.39
C MET D 246 -9.45 24.04 16.73
N GLN D 247 -9.64 24.57 17.93
CA GLN D 247 -8.95 25.80 18.33
C GLN D 247 -7.44 25.59 18.39
N ILE D 248 -7.01 24.37 18.68
CA ILE D 248 -5.59 24.11 18.90
C ILE D 248 -4.85 23.98 17.57
N ARG D 249 -5.51 23.47 16.54
CA ARG D 249 -4.82 23.17 15.29
C ARG D 249 -4.41 24.42 14.52
N GLY D 250 -4.81 25.61 14.97
CA GLY D 250 -4.36 26.84 14.34
C GLY D 250 -3.03 27.30 14.89
N PHE D 251 -2.85 27.15 16.20
CA PHE D 251 -1.61 27.60 16.83
C PHE D 251 -0.43 26.74 16.40
N VAL D 252 -0.60 25.41 16.41
CA VAL D 252 0.48 24.51 16.05
C VAL D 252 0.89 24.67 14.59
N TYR D 253 0.02 25.24 13.75
CA TYR D 253 0.42 25.53 12.39
C TYR D 253 1.48 26.62 12.34
N PHE D 254 1.47 27.54 13.31
CA PHE D 254 2.47 28.60 13.35
C PHE D 254 3.83 28.04 13.76
N VAL D 255 3.87 27.32 14.88
CA VAL D 255 5.14 26.83 15.40
C VAL D 255 5.72 25.77 14.47
N GLU D 256 4.86 24.99 13.82
CA GLU D 256 5.36 24.01 12.86
C GLU D 256 5.97 24.70 11.64
N THR D 257 5.47 25.89 11.29
CA THR D 257 6.09 26.66 10.22
C THR D 257 7.47 27.14 10.64
N LEU D 258 7.60 27.57 11.90
CA LEU D 258 8.86 28.12 12.37
C LEU D 258 9.94 27.05 12.43
N ALA D 259 9.62 25.87 12.92
CA ALA D 259 10.59 24.79 12.97
C ALA D 259 10.92 24.24 11.59
N ARG D 260 10.07 24.50 10.60
CA ARG D 260 10.38 24.10 9.23
C ARG D 260 11.52 24.94 8.66
N SER D 261 11.41 26.26 8.76
CA SER D 261 12.47 27.13 8.26
C SER D 261 13.76 26.92 9.03
N ILE D 262 13.65 26.72 10.35
CA ILE D 262 14.84 26.50 11.16
C ILE D 262 15.54 25.22 10.75
N CYS D 263 14.76 24.19 10.41
CA CYS D 263 15.31 22.90 10.03
C CYS D 263 15.55 22.80 8.53
N GLU D 264 15.34 23.90 7.80
CA GLU D 264 15.66 23.99 6.38
C GLU D 264 17.05 24.56 6.14
N LYS D 265 17.43 25.59 6.92
CA LYS D 265 18.76 26.18 6.81
C LYS D 265 19.85 25.30 7.42
N LEU D 266 19.47 24.27 8.18
CA LEU D 266 20.44 23.37 8.77
C LEU D 266 20.91 22.35 7.74
N GLU D 267 21.91 21.57 8.14
CA GLU D 267 22.60 20.64 7.25
C GLU D 267 22.30 19.19 7.53
N GLN D 268 22.02 18.82 8.78
CA GLN D 268 21.84 17.44 9.17
C GLN D 268 20.37 17.07 9.38
N SER D 269 19.46 17.74 8.70
CA SER D 269 18.04 17.49 8.87
C SER D 269 17.59 16.27 8.08
N GLY D 270 16.51 15.64 8.57
CA GLY D 270 15.92 14.47 7.93
C GLY D 270 14.46 14.60 7.50
N LEU D 271 13.66 15.39 8.22
CA LEU D 271 12.23 15.49 7.92
C LEU D 271 11.95 16.37 6.70
N PRO D 272 12.36 17.64 6.69
CA PRO D 272 11.96 18.51 5.58
C PRO D 272 12.66 18.18 4.28
N VAL D 273 13.92 17.75 4.35
CA VAL D 273 14.68 17.35 3.18
C VAL D 273 14.35 15.89 2.89
N GLY D 274 13.77 15.63 1.73
CA GLY D 274 13.38 14.29 1.36
C GLY D 274 13.31 14.15 -0.15
N GLY D 275 13.12 12.90 -0.58
CA GLY D 275 13.08 12.58 -2.00
C GLY D 275 14.46 12.31 -2.55
N ASN D 276 14.69 12.70 -3.80
CA ASN D 276 15.96 12.43 -4.45
C ASN D 276 17.07 13.34 -3.96
N GLU D 277 16.74 14.53 -3.46
CA GLU D 277 17.78 15.43 -2.96
C GLU D 277 18.40 14.90 -1.68
N LYS D 278 17.63 14.15 -0.88
CA LYS D 278 18.20 13.50 0.30
C LYS D 278 19.21 12.43 -0.10
N LYS D 279 19.08 11.87 -1.30
CA LYS D 279 20.07 10.93 -1.81
C LYS D 279 21.45 11.56 -1.89
N ALA D 280 21.51 12.88 -2.11
CA ALA D 280 22.78 13.57 -2.24
C ALA D 280 23.38 13.92 -0.88
N LYS D 281 22.54 14.43 0.03
CA LYS D 281 23.01 14.85 1.34
C LYS D 281 23.61 13.69 2.12
N LEU D 282 23.15 12.47 1.87
CA LEU D 282 23.63 11.33 2.63
C LEU D 282 25.08 10.99 2.28
N ALA D 283 25.52 11.34 1.07
CA ALA D 283 26.89 11.06 0.63
C ALA D 283 27.85 12.19 0.92
N ASN D 284 27.36 13.40 1.17
CA ASN D 284 28.21 14.52 1.54
C ASN D 284 28.76 14.38 2.95
N VAL D 285 27.92 13.89 3.86
CA VAL D 285 28.31 13.72 5.26
C VAL D 285 29.46 12.72 5.38
N VAL D 286 29.38 11.60 4.66
CA VAL D 286 30.40 10.57 4.74
C VAL D 286 31.58 10.90 3.82
N ARG D 287 31.58 12.09 3.22
CA ARG D 287 32.74 12.64 2.53
C ARG D 287 33.50 13.63 3.41
N LYS D 288 32.77 14.48 4.12
CA LYS D 288 33.40 15.43 5.03
C LYS D 288 34.08 14.71 6.17
N MET D 289 33.30 13.95 6.95
CA MET D 289 33.81 13.27 8.13
C MET D 289 34.78 12.15 7.80
N MET D 290 34.86 11.70 6.55
CA MET D 290 35.73 10.61 6.15
C MET D 290 37.10 11.08 5.69
N THR D 291 37.31 12.38 5.48
CA THR D 291 38.61 12.90 5.10
C THR D 291 39.65 12.50 6.14
N ASN D 292 40.73 11.89 5.67
CA ASN D 292 41.67 11.19 6.55
C ASN D 292 42.93 12.02 6.68
N SER D 293 42.90 12.99 7.59
CA SER D 293 44.11 13.63 8.09
C SER D 293 44.57 12.88 9.32
N GLN D 294 45.89 12.75 9.47
CA GLN D 294 46.47 11.89 10.50
C GLN D 294 45.96 10.47 10.32
N ASP D 295 46.35 9.85 9.19
CA ASP D 295 45.77 8.59 8.76
C ASP D 295 46.21 7.43 9.65
N THR D 296 45.79 7.46 10.92
CA THR D 296 45.99 6.37 11.87
C THR D 296 44.73 6.16 12.70
N GLU D 297 43.58 6.61 12.19
CA GLU D 297 42.39 6.84 12.98
C GLU D 297 41.25 5.97 12.53
N LEU D 298 40.51 5.42 13.48
CA LEU D 298 39.33 4.64 13.21
C LEU D 298 38.22 5.55 12.68
N SER D 299 37.15 4.93 12.19
CA SER D 299 35.97 5.66 11.77
C SER D 299 34.79 4.69 11.81
N PHE D 300 33.94 4.84 12.81
CA PHE D 300 32.80 3.98 13.02
C PHE D 300 31.53 4.74 12.70
N THR D 301 30.45 3.99 12.51
CA THR D 301 29.17 4.56 12.10
C THR D 301 28.05 3.77 12.77
N ILE D 302 27.08 4.48 13.32
CA ILE D 302 25.99 3.90 14.08
C ILE D 302 24.71 4.04 13.27
N THR D 303 23.91 2.98 13.27
CA THR D 303 22.54 3.02 12.79
C THR D 303 21.64 2.86 14.00
N GLY D 304 20.73 3.81 14.21
CA GLY D 304 20.02 3.94 15.45
C GLY D 304 18.52 4.11 15.27
N ASP D 305 17.83 4.02 16.41
CA ASP D 305 16.39 4.21 16.46
C ASP D 305 16.01 4.54 17.90
N ASN D 306 15.45 5.71 18.13
CA ASN D 306 15.09 6.13 19.46
C ASN D 306 13.75 5.51 19.87
N THR D 307 13.72 4.93 21.06
CA THR D 307 12.54 4.25 21.57
C THR D 307 11.75 5.20 22.46
N LYS D 308 10.43 5.17 22.32
CA LYS D 308 9.54 6.03 23.10
C LYS D 308 9.90 7.50 22.86
N TRP D 309 9.95 7.87 21.58
CA TRP D 309 10.31 9.23 21.23
C TRP D 309 9.27 10.25 21.68
N ASN D 310 7.99 9.88 21.69
CA ASN D 310 6.91 10.82 22.00
C ASN D 310 6.46 10.73 23.45
N GLU D 311 6.62 9.58 24.10
CA GLU D 311 6.17 9.44 25.48
C GLU D 311 6.98 10.28 26.45
N ASN D 312 8.17 10.74 26.07
CA ASN D 312 9.08 11.42 26.96
C ASN D 312 9.11 12.93 26.78
N GLN D 313 9.00 13.42 25.55
CA GLN D 313 9.08 14.86 25.30
C GLN D 313 7.92 15.58 25.98
N ASN D 314 8.26 16.67 26.67
CA ASN D 314 7.33 17.45 27.47
C ASN D 314 7.21 18.84 26.90
N PRO D 315 6.01 19.42 26.70
CA PRO D 315 5.94 20.76 26.10
C PRO D 315 6.56 21.85 26.96
N ARG D 316 6.78 21.61 28.25
CA ARG D 316 7.46 22.58 29.09
C ARG D 316 8.86 22.88 28.59
N MET D 317 9.48 21.95 27.88
CA MET D 317 10.79 22.18 27.30
C MET D 317 10.70 23.04 26.05
N PHE D 318 9.67 22.82 25.23
CA PHE D 318 9.50 23.67 24.05
C PHE D 318 9.25 25.10 24.45
N LEU D 319 8.50 25.32 25.54
CA LEU D 319 8.27 26.67 26.03
C LEU D 319 9.57 27.35 26.43
N ALA D 320 10.57 26.56 26.85
CA ALA D 320 11.89 27.11 27.08
C ALA D 320 12.58 27.40 25.75
N MET D 321 12.33 26.56 24.75
CA MET D 321 12.95 26.75 23.44
C MET D 321 12.29 27.89 22.68
N ILE D 322 10.95 27.92 22.68
CA ILE D 322 10.22 28.93 21.93
C ILE D 322 10.55 30.33 22.42
N THR D 323 10.65 30.51 23.74
CA THR D 323 10.98 31.81 24.29
C THR D 323 12.44 32.17 24.16
N TYR D 324 13.31 31.20 23.82
CA TYR D 324 14.71 31.48 23.51
C TYR D 324 14.91 31.78 22.04
N ILE D 325 14.19 31.10 21.16
CA ILE D 325 14.18 31.46 19.75
C ILE D 325 13.71 32.89 19.58
N THR D 326 12.68 33.27 20.33
CA THR D 326 12.05 34.58 20.22
C THR D 326 12.67 35.58 21.19
N LYS D 327 14.00 35.67 21.16
CA LYS D 327 14.72 36.59 22.02
C LYS D 327 14.91 37.93 21.31
N ASN D 328 14.56 39.01 22.03
CA ASN D 328 14.60 40.38 21.53
C ASN D 328 13.55 40.66 20.48
N GLN D 329 12.64 39.73 20.20
CA GLN D 329 11.60 39.93 19.21
C GLN D 329 10.48 40.76 19.82
N PRO D 330 9.52 41.23 19.02
CA PRO D 330 8.38 41.95 19.57
C PRO D 330 7.59 41.09 20.54
N GLU D 331 6.74 41.75 21.32
CA GLU D 331 6.06 41.07 22.42
C GLU D 331 4.87 40.26 21.92
N TRP D 332 4.03 40.86 21.06
CA TRP D 332 2.82 40.18 20.63
C TRP D 332 3.14 38.93 19.82
N PHE D 333 4.22 38.97 19.05
CA PHE D 333 4.65 37.81 18.28
C PHE D 333 5.34 36.78 19.17
N ARG D 334 5.95 37.23 20.27
CA ARG D 334 6.49 36.32 21.26
C ARG D 334 5.40 35.61 22.04
N ASN D 335 4.20 36.17 22.08
CA ASN D 335 3.09 35.57 22.81
C ASN D 335 2.44 34.43 22.03
N VAL D 336 2.10 34.68 20.76
CA VAL D 336 1.21 33.78 20.02
C VAL D 336 1.83 32.40 19.87
N LEU D 337 3.10 32.34 19.49
CA LEU D 337 3.79 31.05 19.42
C LEU D 337 3.89 30.41 20.80
N SER D 338 3.86 31.21 21.86
CA SER D 338 4.03 30.69 23.20
C SER D 338 2.77 29.99 23.71
N ILE D 339 1.64 30.13 23.01
CA ILE D 339 0.36 29.70 23.58
C ILE D 339 0.12 28.21 23.42
N ALA D 340 0.58 27.60 22.32
CA ALA D 340 0.18 26.22 22.04
C ALA D 340 0.70 25.24 23.07
N PRO D 341 1.98 25.28 23.48
CA PRO D 341 2.43 24.37 24.53
C PRO D 341 1.74 24.59 25.86
N ILE D 342 1.10 25.74 26.08
CA ILE D 342 0.30 25.91 27.29
C ILE D 342 -0.89 24.97 27.25
N MET D 343 -1.46 24.76 26.06
CA MET D 343 -2.63 23.90 25.93
C MET D 343 -2.23 22.43 25.95
N PHE D 344 -1.12 22.09 25.28
CA PHE D 344 -0.61 20.73 25.36
C PHE D 344 -0.15 20.38 26.77
N SER D 345 0.22 21.38 27.57
CA SER D 345 0.70 21.12 28.91
C SER D 345 -0.43 20.85 29.89
N ASN D 346 -1.68 20.96 29.47
CA ASN D 346 -2.84 20.60 30.29
C ASN D 346 -3.85 19.77 29.51
N LYS D 347 -3.37 18.97 28.57
CA LYS D 347 -4.25 18.29 27.64
C LYS D 347 -4.92 17.08 28.26
N MET D 348 -5.93 16.57 27.56
CA MET D 348 -6.73 15.45 28.01
C MET D 348 -7.12 14.62 26.80
N ALA D 349 -7.22 13.30 26.99
CA ALA D 349 -7.48 12.35 25.93
C ALA D 349 -8.77 11.60 26.21
N ARG D 350 -9.78 11.83 25.37
CA ARG D 350 -11.01 11.05 25.50
C ARG D 350 -10.74 9.60 25.19
N LEU D 351 -11.45 8.73 25.90
CA LEU D 351 -11.28 7.30 25.74
C LEU D 351 -12.18 6.80 24.61
N GLY D 352 -11.94 5.58 24.18
CA GLY D 352 -12.60 5.06 23.00
C GLY D 352 -14.09 4.82 23.23
N LYS D 353 -14.68 4.09 22.28
CA LYS D 353 -16.11 3.80 22.36
C LYS D 353 -16.43 2.94 23.56
N GLY D 354 -15.48 2.15 24.04
CA GLY D 354 -15.60 1.39 25.27
C GLY D 354 -15.47 -0.10 25.03
N TYR D 355 -15.77 -0.85 26.09
CA TYR D 355 -15.70 -2.30 26.08
C TYR D 355 -17.07 -2.88 25.76
N MET D 356 -17.09 -4.20 25.55
CA MET D 356 -18.31 -4.93 25.18
C MET D 356 -18.32 -6.25 25.94
N PHE D 357 -19.09 -6.31 27.02
CA PHE D 357 -19.17 -7.52 27.83
C PHE D 357 -20.17 -8.50 27.21
N GLU D 358 -20.18 -9.72 27.73
CA GLU D 358 -21.03 -10.78 27.21
C GLU D 358 -21.33 -11.80 28.30
N SER D 359 -22.25 -12.71 27.98
CA SER D 359 -22.56 -13.84 28.85
C SER D 359 -22.99 -15.01 27.97
N LYS D 360 -22.43 -16.18 28.25
CA LYS D 360 -22.74 -17.36 27.44
C LYS D 360 -24.07 -17.98 27.83
N SER D 361 -24.58 -17.69 29.03
CA SER D 361 -25.86 -18.24 29.46
C SER D 361 -27.01 -17.67 28.65
N MET D 362 -27.21 -16.35 28.74
CA MET D 362 -28.26 -15.68 27.97
C MET D 362 -27.84 -15.35 26.55
N LYS D 363 -26.54 -15.37 26.26
CA LYS D 363 -26.02 -15.16 24.91
C LYS D 363 -26.41 -13.78 24.38
N LEU D 364 -25.88 -12.76 25.06
CA LEU D 364 -26.07 -11.38 24.68
C LEU D 364 -24.74 -10.64 24.77
N ARG D 365 -24.72 -9.44 24.22
CA ARG D 365 -23.58 -8.54 24.31
C ARG D 365 -24.09 -7.17 24.73
N THR D 366 -23.34 -6.49 25.59
CA THR D 366 -23.72 -5.19 26.12
C THR D 366 -22.59 -4.20 25.88
N GLN D 367 -22.96 -3.02 25.37
CA GLN D 367 -21.98 -1.99 25.04
C GLN D 367 -21.88 -1.02 26.20
N ILE D 368 -20.72 -0.97 26.85
CA ILE D 368 -20.49 -0.08 27.98
C ILE D 368 -20.01 1.26 27.43
N PRO D 369 -20.51 2.40 27.90
CA PRO D 369 -19.93 3.68 27.47
C PRO D 369 -18.54 3.88 28.05
N ALA D 370 -17.98 5.05 27.78
CA ALA D 370 -16.65 5.38 28.30
C ALA D 370 -16.72 5.95 29.70
N GLU D 371 -17.76 6.74 29.98
CA GLU D 371 -17.87 7.39 31.28
C GLU D 371 -18.16 6.40 32.40
N MET D 372 -18.89 5.32 32.11
CA MET D 372 -19.28 4.38 33.14
C MET D 372 -18.08 3.64 33.75
N LEU D 373 -16.93 3.67 33.09
CA LEU D 373 -15.75 3.01 33.63
C LEU D 373 -15.32 3.63 34.96
N ALA D 374 -15.67 4.90 35.19
CA ALA D 374 -15.41 5.55 36.46
C ALA D 374 -16.33 5.07 37.58
N SER D 375 -17.37 4.29 37.27
CA SER D 375 -18.32 3.81 38.26
C SER D 375 -18.61 2.32 38.19
N ILE D 376 -18.23 1.64 37.10
CA ILE D 376 -18.48 0.21 36.98
C ILE D 376 -17.69 -0.53 38.04
N ASP D 377 -18.25 -1.66 38.49
CA ASP D 377 -17.53 -2.52 39.42
C ASP D 377 -16.35 -3.19 38.71
N LEU D 378 -15.28 -3.40 39.46
CA LEU D 378 -14.03 -3.88 38.88
C LEU D 378 -14.01 -5.38 38.66
N LYS D 379 -14.96 -6.13 39.22
CA LYS D 379 -14.85 -7.58 39.22
C LYS D 379 -15.27 -8.22 37.90
N TYR D 380 -16.11 -7.54 37.11
CA TYR D 380 -16.51 -8.08 35.82
C TYR D 380 -15.35 -8.12 34.85
N PHE D 381 -14.48 -7.12 34.89
CA PHE D 381 -13.43 -6.96 33.90
C PHE D 381 -12.42 -8.11 34.00
N ASN D 382 -11.60 -8.23 32.94
CA ASN D 382 -10.50 -9.16 32.92
C ASN D 382 -9.48 -8.80 34.00
N GLU D 383 -8.55 -9.73 34.26
CA GLU D 383 -7.57 -9.50 35.31
C GLU D 383 -6.57 -8.42 34.93
N SER D 384 -6.07 -8.44 33.70
CA SER D 384 -5.11 -7.44 33.28
C SER D 384 -5.78 -6.12 32.92
N THR D 385 -7.03 -6.17 32.48
CA THR D 385 -7.79 -4.95 32.29
C THR D 385 -8.08 -4.24 33.61
N ARG D 386 -8.12 -4.99 34.72
CA ARG D 386 -8.22 -4.34 36.02
C ARG D 386 -6.93 -3.60 36.36
N LYS D 387 -5.79 -4.16 35.96
CA LYS D 387 -4.51 -3.51 36.19
C LYS D 387 -4.39 -2.19 35.45
N LYS D 388 -5.04 -2.06 34.30
CA LYS D 388 -5.04 -0.79 33.58
C LYS D 388 -5.93 0.23 34.27
N ILE D 389 -7.18 -0.17 34.55
CA ILE D 389 -8.16 0.77 35.11
C ILE D 389 -7.76 1.22 36.52
N GLU D 390 -7.03 0.37 37.26
CA GLU D 390 -6.63 0.72 38.61
C GLU D 390 -5.78 1.99 38.63
N LYS D 391 -4.65 1.97 37.93
CA LYS D 391 -3.76 3.11 37.93
C LYS D 391 -4.37 4.33 37.27
N ILE D 392 -5.39 4.14 36.43
CA ILE D 392 -6.06 5.23 35.72
C ILE D 392 -7.34 5.63 36.46
N ARG D 393 -7.71 4.88 37.51
CA ARG D 393 -8.90 5.25 38.28
C ARG D 393 -8.78 6.66 38.88
N PRO D 394 -7.62 7.12 39.36
CA PRO D 394 -7.55 8.53 39.77
C PRO D 394 -7.72 9.51 38.62
N LEU D 395 -7.00 9.30 37.53
CA LEU D 395 -7.00 10.22 36.39
C LEU D 395 -8.28 10.04 35.60
N LEU D 396 -9.35 10.70 36.09
CA LEU D 396 -10.66 10.62 35.44
C LEU D 396 -11.40 11.92 35.68
N ILE D 397 -11.59 12.69 34.61
CA ILE D 397 -12.26 14.00 34.67
C ILE D 397 -13.47 13.90 33.74
N ASP D 398 -14.62 13.54 34.29
CA ASP D 398 -15.87 13.48 33.54
C ASP D 398 -15.76 12.48 32.39
N GLY D 399 -15.20 11.31 32.70
CA GLY D 399 -14.94 10.32 31.68
C GLY D 399 -13.81 10.68 30.74
N THR D 400 -12.84 11.45 31.21
CA THR D 400 -11.74 11.92 30.39
C THR D 400 -10.47 11.95 31.23
N ALA D 401 -9.48 11.15 30.83
CA ALA D 401 -8.19 11.15 31.53
C ALA D 401 -7.45 12.44 31.26
N SER D 402 -6.49 12.75 32.14
CA SER D 402 -5.70 13.98 32.07
C SER D 402 -4.24 13.65 32.33
N LEU D 403 -3.38 14.04 31.41
CA LEU D 403 -1.94 13.79 31.51
C LEU D 403 -1.19 14.96 30.90
N SER D 404 -0.09 15.36 31.54
CA SER D 404 0.85 16.27 30.91
C SER D 404 2.32 15.97 31.24
N PRO D 405 2.81 14.71 31.16
CA PRO D 405 4.25 14.49 31.13
C PRO D 405 4.80 14.27 29.73
N GLY D 406 3.91 14.11 28.75
CA GLY D 406 4.32 13.67 27.43
C GLY D 406 3.58 14.33 26.29
N MET D 407 3.75 13.78 25.10
CA MET D 407 3.09 14.27 23.89
C MET D 407 2.29 13.14 23.25
N MET D 408 1.37 13.52 22.38
CA MET D 408 0.52 12.57 21.68
C MET D 408 1.09 12.23 20.33
N MET D 409 0.80 11.02 19.88
CA MET D 409 1.31 10.56 18.59
C MET D 409 0.61 11.33 17.46
N GLY D 410 1.35 11.54 16.38
CA GLY D 410 0.83 12.24 15.23
C GLY D 410 0.85 13.75 15.33
N MET D 411 1.03 14.31 16.52
CA MET D 411 1.07 15.75 16.70
C MET D 411 2.40 16.28 16.18
N PHE D 412 2.65 17.57 16.41
CA PHE D 412 3.82 18.20 15.82
C PHE D 412 5.09 17.72 16.52
N ASN D 413 6.08 17.34 15.71
CA ASN D 413 7.40 16.96 16.21
C ASN D 413 8.53 17.59 15.40
N MET D 414 8.23 18.38 14.37
CA MET D 414 9.26 19.03 13.58
C MET D 414 10.14 19.92 14.45
N LEU D 415 9.58 20.52 15.49
CA LEU D 415 10.40 21.28 16.42
C LEU D 415 11.27 20.37 17.28
N SER D 416 10.79 19.18 17.59
CA SER D 416 11.55 18.24 18.41
C SER D 416 12.64 17.52 17.64
N THR D 417 12.79 17.79 16.35
CA THR D 417 13.94 17.34 15.60
C THR D 417 15.12 18.27 15.75
N VAL D 418 14.86 19.57 15.92
CA VAL D 418 15.93 20.52 16.18
C VAL D 418 16.61 20.21 17.50
N LEU D 419 15.88 19.63 18.45
CA LEU D 419 16.44 19.35 19.76
C LEU D 419 17.59 18.36 19.67
N GLY D 420 17.33 17.18 19.11
CA GLY D 420 18.37 16.19 18.95
C GLY D 420 19.47 16.61 17.99
N VAL D 421 19.16 17.50 17.05
CA VAL D 421 20.20 17.99 16.14
C VAL D 421 21.24 18.78 16.90
N SER D 422 20.83 19.48 17.95
CA SER D 422 21.78 20.27 18.74
C SER D 422 22.84 19.38 19.38
N ILE D 423 22.48 18.14 19.70
CA ILE D 423 23.47 17.17 20.13
C ILE D 423 24.46 16.81 19.04
N LEU D 424 24.04 16.87 17.78
CA LEU D 424 24.97 16.64 16.69
C LEU D 424 25.90 17.82 16.46
N ASN D 425 25.63 18.95 17.10
CA ASN D 425 26.53 20.11 17.04
C ASN D 425 27.67 19.93 18.02
N LEU D 426 27.38 19.45 19.22
CA LEU D 426 28.44 19.05 20.14
C LEU D 426 29.23 17.92 19.52
N GLY D 427 30.49 18.20 19.20
CA GLY D 427 31.34 17.24 18.51
C GLY D 427 32.14 17.85 17.37
N GLN D 428 32.17 19.17 17.28
CA GLN D 428 33.04 19.87 16.35
C GLN D 428 34.41 20.18 16.94
N LYS D 429 34.78 19.56 18.06
CA LYS D 429 36.02 19.75 18.80
C LYS D 429 36.14 21.15 19.42
N ARG D 430 35.12 22.00 19.30
CA ARG D 430 35.06 23.27 20.00
C ARG D 430 34.19 23.20 21.24
N TYR D 431 33.61 22.03 21.54
CA TYR D 431 32.76 21.84 22.70
C TYR D 431 33.10 20.59 23.50
N THR D 432 33.96 19.71 22.99
CA THR D 432 34.46 18.56 23.72
C THR D 432 35.82 18.81 24.35
N LYS D 433 36.72 19.48 23.65
CA LYS D 433 38.07 19.74 24.13
C LYS D 433 38.83 18.44 24.37
N THR D 434 38.53 17.43 23.56
CA THR D 434 39.11 16.11 23.70
C THR D 434 39.31 15.54 22.30
N THR D 435 39.99 14.40 22.21
CA THR D 435 40.34 13.80 20.92
C THR D 435 39.13 13.27 20.15
N TYR D 436 38.19 12.64 20.83
CA TYR D 436 37.00 12.10 20.16
C TYR D 436 36.11 13.20 19.65
N TRP D 437 35.47 12.96 18.51
CA TRP D 437 34.56 13.91 17.91
C TRP D 437 33.63 13.17 16.95
N TRP D 438 32.54 13.83 16.56
CA TRP D 438 31.53 13.20 15.73
C TRP D 438 30.75 14.24 14.96
N ASP D 439 29.85 13.74 14.10
CA ASP D 439 28.88 14.50 13.34
C ASP D 439 28.00 13.51 12.61
N GLY D 440 26.74 13.88 12.38
CA GLY D 440 25.78 12.91 11.89
C GLY D 440 24.59 13.47 11.13
N LEU D 441 23.46 12.78 11.27
CA LEU D 441 22.30 12.96 10.40
C LEU D 441 21.09 12.45 11.15
N GLN D 442 20.00 13.21 11.15
CA GLN D 442 18.89 12.95 12.06
C GLN D 442 17.54 13.17 11.39
N SER D 443 16.74 12.11 11.33
CA SER D 443 15.30 12.22 11.21
C SER D 443 14.70 12.21 12.62
N SER D 444 13.38 12.10 12.72
CA SER D 444 12.74 12.19 14.03
C SER D 444 13.15 11.02 14.93
N ASP D 445 12.77 9.82 14.55
CA ASP D 445 13.01 8.62 15.36
C ASP D 445 14.28 7.89 14.99
N ASP D 446 15.02 8.35 13.97
CA ASP D 446 16.20 7.66 13.47
C ASP D 446 17.34 8.66 13.34
N PHE D 447 18.57 8.15 13.45
CA PHE D 447 19.75 8.99 13.31
C PHE D 447 20.88 8.15 12.71
N ALA D 448 22.06 8.76 12.62
CA ALA D 448 23.28 8.02 12.32
C ALA D 448 24.47 8.91 12.67
N LEU D 449 25.35 8.42 13.53
CA LEU D 449 26.57 9.12 13.90
C LEU D 449 27.74 8.56 13.10
N ILE D 450 28.79 9.36 13.01
CA ILE D 450 30.05 8.98 12.37
C ILE D 450 31.14 9.46 13.31
N VAL D 451 31.69 8.54 14.09
CA VAL D 451 32.62 8.86 15.15
C VAL D 451 34.04 8.69 14.62
N ASN D 452 35.00 9.36 15.26
CA ASN D 452 36.40 9.28 14.84
C ASN D 452 37.30 9.41 16.06
N ALA D 453 38.24 8.48 16.20
CA ALA D 453 39.20 8.51 17.28
C ALA D 453 40.37 7.60 16.91
N PRO D 454 41.53 7.78 17.54
CA PRO D 454 42.71 7.02 17.12
C PRO D 454 42.82 5.61 17.68
N ASN D 455 41.89 5.16 18.53
CA ASN D 455 41.90 3.77 18.98
C ASN D 455 40.49 3.34 19.30
N HIS D 456 40.35 2.02 19.50
CA HIS D 456 39.04 1.46 19.84
C HIS D 456 38.50 2.07 21.12
N GLU D 457 39.38 2.31 22.10
CA GLU D 457 38.94 2.78 23.40
C GLU D 457 38.44 4.20 23.34
N GLY D 458 39.09 5.06 22.55
CA GLY D 458 38.60 6.42 22.39
C GLY D 458 37.23 6.48 21.77
N ILE D 459 36.91 5.48 20.94
CA ILE D 459 35.58 5.41 20.34
C ILE D 459 34.54 5.05 21.38
N GLN D 460 34.88 4.15 22.30
CA GLN D 460 33.90 3.70 23.28
C GLN D 460 33.56 4.81 24.26
N ALA D 461 34.41 5.83 24.38
CA ALA D 461 34.11 6.99 25.21
C ALA D 461 33.32 8.03 24.45
N GLY D 462 33.60 8.22 23.17
CA GLY D 462 32.86 9.19 22.38
C GLY D 462 31.41 8.83 22.24
N VAL D 463 31.10 7.54 22.16
CA VAL D 463 29.72 7.09 22.10
C VAL D 463 29.09 7.05 23.50
N ASP D 464 29.87 6.78 24.54
CA ASP D 464 29.34 6.78 25.89
C ASP D 464 28.98 8.18 26.36
N ARG D 465 29.56 9.21 25.73
CA ARG D 465 29.21 10.59 26.02
C ARG D 465 27.92 11.02 25.31
N PHE D 466 27.60 10.40 24.18
CA PHE D 466 26.41 10.78 23.42
C PHE D 466 25.16 10.12 23.99
N TYR D 467 25.25 8.83 24.32
CA TYR D 467 24.14 8.17 24.99
C TYR D 467 23.82 8.83 26.32
N ARG D 468 24.82 9.38 26.99
CA ARG D 468 24.59 10.08 28.25
C ARG D 468 24.04 11.48 28.01
N THR D 469 24.76 12.28 27.22
CA THR D 469 24.35 13.66 26.97
C THR D 469 23.00 13.74 26.29
N CYS D 470 22.60 12.71 25.56
CA CYS D 470 21.30 12.69 24.92
C CYS D 470 20.20 12.22 25.86
N LYS D 471 20.55 11.81 27.09
CA LYS D 471 19.56 11.45 28.10
C LYS D 471 19.17 12.62 28.98
N LEU D 472 20.07 13.59 29.17
CA LEU D 472 19.73 14.76 29.96
C LEU D 472 18.63 15.58 29.29
N VAL D 473 18.46 15.42 27.97
CA VAL D 473 17.45 16.14 27.22
C VAL D 473 16.14 15.38 27.13
N GLY D 474 16.15 14.08 27.43
CA GLY D 474 14.95 13.28 27.37
C GLY D 474 14.75 12.61 26.03
N ILE D 475 15.85 12.10 25.47
CA ILE D 475 15.84 11.42 24.17
C ILE D 475 16.65 10.14 24.37
N ASN D 476 15.96 9.04 24.63
CA ASN D 476 16.63 7.77 24.87
C ASN D 476 17.05 7.11 23.57
N MET D 477 18.11 6.33 23.64
CA MET D 477 18.60 5.53 22.53
C MET D 477 18.29 4.06 22.79
N SER D 478 17.93 3.34 21.74
CA SER D 478 17.57 1.94 21.84
C SER D 478 18.80 1.06 21.62
N LYS D 479 18.90 0.00 22.41
CA LYS D 479 20.03 -0.91 22.37
C LYS D 479 19.68 -2.27 21.77
N LYS D 480 18.52 -2.38 21.12
CA LYS D 480 18.12 -3.57 20.38
C LYS D 480 18.09 -3.34 18.88
N LYS D 481 17.60 -2.18 18.47
CA LYS D 481 17.48 -1.82 17.06
C LYS D 481 18.66 -0.98 16.59
N SER D 482 19.85 -1.21 17.15
CA SER D 482 21.04 -0.48 16.76
C SER D 482 22.25 -1.40 16.73
N TYR D 483 23.07 -1.24 15.71
CA TYR D 483 24.34 -1.92 15.56
C TYR D 483 25.40 -0.87 15.22
N ILE D 484 26.65 -1.30 15.21
CA ILE D 484 27.76 -0.41 14.84
C ILE D 484 28.71 -1.18 13.95
N ASN D 485 29.35 -0.45 13.03
CA ASN D 485 30.24 -1.03 12.05
C ASN D 485 31.22 0.05 11.61
N ARG D 486 32.31 -0.37 10.98
CA ARG D 486 33.16 0.59 10.31
C ARG D 486 32.38 1.32 9.23
N THR D 487 32.90 2.46 8.83
CA THR D 487 32.15 3.31 7.90
C THR D 487 32.09 2.67 6.53
N GLY D 488 31.45 3.38 5.61
CA GLY D 488 31.30 2.95 4.23
C GLY D 488 29.94 2.33 3.94
N THR D 489 29.23 1.90 4.97
CA THR D 489 27.90 1.34 4.78
C THR D 489 27.06 1.54 6.03
N PHE D 490 25.80 1.94 5.85
CA PHE D 490 24.89 2.11 6.97
C PHE D 490 23.47 2.21 6.42
N GLU D 491 22.53 2.34 7.36
CA GLU D 491 21.11 2.52 7.09
C GLU D 491 20.67 3.85 7.67
N PHE D 492 19.69 4.47 7.02
CA PHE D 492 19.07 5.67 7.56
C PHE D 492 17.77 5.92 6.82
N THR D 493 16.64 5.78 7.51
CA THR D 493 15.34 6.14 6.96
C THR D 493 15.03 5.36 5.69
N SER D 494 15.46 4.10 5.64
CA SER D 494 15.28 3.23 4.49
C SER D 494 15.96 3.78 3.23
N PHE D 495 17.02 4.56 3.41
CA PHE D 495 17.95 4.92 2.33
C PHE D 495 19.23 4.14 2.59
N PHE D 496 19.25 2.91 2.12
CA PHE D 496 20.40 2.04 2.38
C PHE D 496 21.60 2.51 1.57
N TYR D 497 22.75 2.55 2.23
CA TYR D 497 23.98 3.08 1.67
C TYR D 497 25.04 1.99 1.74
N ARG D 498 25.49 1.51 0.58
CA ARG D 498 26.76 0.82 0.46
C ARG D 498 27.81 1.87 0.07
N TYR D 499 28.97 1.43 -0.43
CA TYR D 499 30.11 2.30 -0.63
C TYR D 499 29.77 3.56 -1.45
N GLY D 500 28.91 3.41 -2.45
CA GLY D 500 28.44 4.56 -3.21
C GLY D 500 27.01 4.50 -3.71
N PHE D 501 26.26 3.48 -3.30
CA PHE D 501 24.93 3.21 -3.84
C PHE D 501 23.88 3.49 -2.78
N VAL D 502 22.86 4.27 -3.15
CA VAL D 502 21.94 4.88 -2.19
C VAL D 502 20.50 4.48 -2.52
N ALA D 503 20.31 3.23 -2.91
CA ALA D 503 18.99 2.73 -3.29
C ALA D 503 17.94 3.03 -2.23
N ASN D 504 16.88 3.74 -2.63
CA ASN D 504 15.87 4.26 -1.70
C ASN D 504 14.57 3.49 -1.80
N PHE D 505 13.92 3.34 -0.66
CA PHE D 505 12.63 2.67 -0.53
C PHE D 505 11.73 3.48 0.40
N SER D 506 11.63 4.79 0.12
CA SER D 506 10.88 5.70 0.98
C SER D 506 9.42 5.26 1.10
N MET D 507 8.68 5.26 0.00
CA MET D 507 7.27 4.94 -0.02
C MET D 507 7.01 3.85 -1.03
N GLU D 508 6.00 3.04 -0.75
CA GLU D 508 5.63 1.95 -1.64
C GLU D 508 4.74 2.46 -2.76
N LEU D 509 4.38 1.55 -3.65
CA LEU D 509 3.71 1.94 -4.89
C LEU D 509 2.20 1.97 -4.67
N PRO D 510 1.48 3.05 -5.07
CA PRO D 510 0.05 3.12 -4.77
C PRO D 510 -0.85 2.43 -5.79
N SER D 511 -0.44 1.24 -6.24
CA SER D 511 -1.28 0.32 -7.00
C SER D 511 -1.53 0.72 -8.46
N PHE D 512 -1.18 1.95 -8.83
CA PHE D 512 -1.43 2.51 -10.16
C PHE D 512 -2.84 2.17 -10.68
N GLY D 513 -3.82 2.42 -9.82
CA GLY D 513 -5.20 2.08 -10.12
C GLY D 513 -6.02 3.31 -10.49
N VAL D 514 -7.24 3.05 -10.94
CA VAL D 514 -8.18 4.12 -11.25
C VAL D 514 -8.59 4.83 -9.97
N SER D 515 -8.90 6.11 -10.08
CA SER D 515 -9.33 6.92 -8.94
C SER D 515 -10.85 6.85 -8.76
N GLY D 516 -11.61 7.24 -9.79
CA GLY D 516 -13.06 7.17 -9.76
C GLY D 516 -13.76 8.50 -9.88
N ILE D 517 -13.17 9.43 -10.64
CA ILE D 517 -13.78 10.73 -10.89
C ILE D 517 -14.53 10.75 -12.22
N ASN D 518 -13.81 10.56 -13.32
CA ASN D 518 -14.43 10.49 -14.65
C ASN D 518 -13.39 9.95 -15.62
N GLU D 519 -13.74 9.98 -16.91
CA GLU D 519 -12.85 9.42 -17.93
C GLU D 519 -11.58 10.23 -18.06
N SER D 520 -11.70 11.49 -18.45
CA SER D 520 -10.54 12.34 -18.68
C SER D 520 -9.78 12.67 -17.41
N ALA D 521 -10.40 12.50 -16.25
CA ALA D 521 -9.72 12.81 -15.00
C ALA D 521 -8.78 11.69 -14.58
N ASP D 522 -9.23 10.44 -14.66
CA ASP D 522 -8.40 9.31 -14.26
C ASP D 522 -7.19 9.18 -15.16
N MET D 523 -7.38 9.31 -16.47
CA MET D 523 -6.29 9.12 -17.42
C MET D 523 -5.21 10.18 -17.30
N SER D 524 -5.52 11.33 -16.71
CA SER D 524 -4.52 12.34 -16.44
C SER D 524 -3.75 12.02 -15.16
N ILE D 525 -4.45 11.52 -14.14
CA ILE D 525 -3.81 11.21 -12.88
C ILE D 525 -2.93 9.97 -13.00
N GLY D 526 -3.29 9.06 -13.91
CA GLY D 526 -2.55 7.80 -13.99
C GLY D 526 -1.19 7.97 -14.63
N VAL D 527 -1.08 8.85 -15.62
CA VAL D 527 0.15 9.04 -16.36
C VAL D 527 0.91 10.28 -15.89
N THR D 528 0.67 10.73 -14.66
CA THR D 528 1.50 11.72 -13.99
C THR D 528 2.02 11.23 -12.66
N VAL D 529 1.27 10.39 -11.96
CA VAL D 529 1.78 9.73 -10.76
C VAL D 529 2.97 8.85 -11.11
N ILE D 530 2.92 8.16 -12.25
CA ILE D 530 4.04 7.34 -12.68
C ILE D 530 5.22 8.20 -13.05
N LYS D 531 4.98 9.39 -13.59
CA LYS D 531 6.05 10.32 -13.89
C LYS D 531 6.75 10.75 -12.60
N ASN D 532 5.97 11.17 -11.60
CA ASN D 532 6.55 11.68 -10.37
C ASN D 532 7.28 10.60 -9.60
N ASN D 533 6.78 9.37 -9.62
CA ASN D 533 7.46 8.29 -8.93
C ASN D 533 8.74 7.85 -9.61
N MET D 534 9.05 8.38 -10.79
CA MET D 534 10.28 8.04 -11.50
C MET D 534 11.41 9.02 -11.21
N ILE D 535 11.08 10.31 -11.01
CA ILE D 535 12.11 11.32 -10.74
C ILE D 535 12.24 11.64 -9.26
N ASN D 536 11.20 11.40 -8.46
CA ASN D 536 11.29 11.59 -7.02
C ASN D 536 11.91 10.38 -6.33
N ASN D 537 11.26 9.22 -6.43
CA ASN D 537 11.82 7.96 -6.01
C ASN D 537 12.71 7.41 -7.12
N ASP D 538 13.19 6.19 -6.95
CA ASP D 538 14.03 5.52 -7.94
C ASP D 538 13.21 4.38 -8.54
N LEU D 539 12.51 4.69 -9.62
CA LEU D 539 11.68 3.73 -10.33
C LEU D 539 12.29 3.53 -11.71
N GLY D 540 12.69 2.30 -12.00
CA GLY D 540 13.45 2.02 -13.19
C GLY D 540 12.66 2.26 -14.46
N PRO D 541 13.32 2.21 -15.62
CA PRO D 541 12.60 2.39 -16.88
C PRO D 541 11.79 1.19 -17.30
N ALA D 542 12.01 0.03 -16.69
CA ALA D 542 11.27 -1.18 -17.03
C ALA D 542 9.97 -1.28 -16.27
N THR D 543 10.03 -1.09 -14.96
CA THR D 543 8.86 -1.22 -14.10
C THR D 543 7.97 0.02 -14.11
N ALA D 544 8.23 0.96 -15.01
CA ALA D 544 7.28 2.03 -15.31
C ALA D 544 6.42 1.72 -16.52
N GLN D 545 6.97 0.97 -17.48
CA GLN D 545 6.16 0.50 -18.60
C GLN D 545 5.14 -0.52 -18.14
N MET D 546 5.60 -1.55 -17.43
CA MET D 546 4.70 -2.60 -16.93
C MET D 546 3.62 -2.04 -16.03
N ALA D 547 3.92 -1.00 -15.25
CA ALA D 547 2.90 -0.37 -14.44
C ALA D 547 1.84 0.32 -15.27
N LEU D 548 2.21 0.82 -16.44
CA LEU D 548 1.27 1.44 -17.34
C LEU D 548 0.40 0.42 -18.07
N GLN D 549 0.77 -0.86 -18.05
CA GLN D 549 -0.08 -1.90 -18.60
C GLN D 549 -1.15 -2.33 -17.61
N LEU D 550 -0.84 -2.30 -16.31
CA LEU D 550 -1.82 -2.68 -15.30
C LEU D 550 -2.80 -1.55 -15.02
N PHE D 551 -2.40 -0.30 -15.22
CA PHE D 551 -3.31 0.82 -15.03
C PHE D 551 -4.37 0.83 -16.12
N ILE D 552 -3.95 0.79 -17.39
CA ILE D 552 -4.89 0.77 -18.49
C ILE D 552 -5.75 -0.48 -18.47
N LYS D 553 -5.26 -1.57 -17.88
CA LYS D 553 -6.07 -2.76 -17.73
C LYS D 553 -7.20 -2.54 -16.73
N ASP D 554 -6.96 -1.72 -15.72
CA ASP D 554 -7.99 -1.36 -14.75
C ASP D 554 -8.85 -0.20 -15.21
N TYR D 555 -8.42 0.55 -16.21
CA TYR D 555 -9.18 1.67 -16.75
C TYR D 555 -10.21 1.21 -17.77
N ARG D 556 -9.87 0.19 -18.56
CA ARG D 556 -10.79 -0.29 -19.58
C ARG D 556 -11.90 -1.14 -18.99
N TYR D 557 -11.57 -1.97 -18.00
CA TYR D 557 -12.60 -2.80 -17.38
C TYR D 557 -13.58 -1.95 -16.59
N THR D 558 -13.11 -0.86 -16.00
CA THR D 558 -13.99 0.00 -15.21
C THR D 558 -15.02 0.68 -16.11
N TYR D 559 -14.54 1.50 -17.05
CA TYR D 559 -15.39 2.25 -17.94
C TYR D 559 -15.84 1.44 -19.16
N ARG D 560 -15.47 0.15 -19.23
CA ARG D 560 -15.93 -0.75 -20.28
C ARG D 560 -15.50 -0.31 -21.68
N CYS D 561 -14.44 0.51 -21.77
CA CYS D 561 -14.00 1.07 -23.04
C CYS D 561 -12.91 0.19 -23.64
N HIS D 562 -13.31 -0.99 -24.11
CA HIS D 562 -12.43 -1.86 -24.86
C HIS D 562 -12.42 -1.42 -26.31
N ARG D 563 -11.24 -1.40 -26.93
CA ARG D 563 -11.15 -0.91 -28.29
C ARG D 563 -11.78 -1.90 -29.26
N GLY D 564 -12.09 -1.40 -30.45
CA GLY D 564 -12.92 -2.11 -31.39
C GLY D 564 -12.42 -3.47 -31.84
N ASP D 565 -11.18 -3.53 -32.31
CA ASP D 565 -10.65 -4.79 -32.83
C ASP D 565 -10.64 -5.89 -31.79
N THR D 566 -10.62 -5.55 -30.50
CA THR D 566 -10.84 -6.55 -29.47
C THR D 566 -12.26 -7.08 -29.60
N GLN D 567 -12.39 -8.40 -29.55
CA GLN D 567 -13.66 -9.08 -29.79
C GLN D 567 -14.43 -9.33 -28.50
N ILE D 568 -14.30 -8.43 -27.53
CA ILE D 568 -15.04 -8.52 -26.28
C ILE D 568 -16.45 -7.99 -26.52
N GLN D 569 -17.38 -8.33 -25.65
CA GLN D 569 -18.75 -7.86 -25.74
C GLN D 569 -19.27 -7.55 -24.35
N THR D 570 -19.88 -6.38 -24.20
CA THR D 570 -20.42 -5.93 -22.93
C THR D 570 -21.64 -5.06 -23.23
N ARG D 571 -22.15 -4.38 -22.21
CA ARG D 571 -23.33 -3.54 -22.37
C ARG D 571 -23.07 -2.27 -23.19
N ARG D 572 -21.81 -2.01 -23.56
CA ARG D 572 -21.44 -0.82 -24.32
C ARG D 572 -20.70 -1.16 -25.61
N SER D 573 -20.41 -2.43 -25.84
CA SER D 573 -19.40 -2.80 -26.84
C SER D 573 -19.85 -2.45 -28.26
N PHE D 574 -21.16 -2.55 -28.53
CA PHE D 574 -21.62 -2.47 -29.92
C PHE D 574 -21.35 -1.10 -30.53
N GLU D 575 -21.65 -0.03 -29.80
CA GLU D 575 -21.54 1.30 -30.37
C GLU D 575 -20.08 1.67 -30.63
N LEU D 576 -19.16 1.09 -29.87
CA LEU D 576 -17.75 1.38 -30.09
C LEU D 576 -17.27 0.79 -31.41
N LYS D 577 -17.71 -0.43 -31.73
CA LYS D 577 -17.34 -1.04 -33.01
C LYS D 577 -18.00 -0.31 -34.17
N LYS D 578 -19.14 0.34 -33.93
CA LYS D 578 -19.74 1.17 -34.97
C LYS D 578 -18.81 2.32 -35.35
N LEU D 579 -18.15 2.92 -34.36
CA LEU D 579 -17.27 4.04 -34.60
C LEU D 579 -15.90 3.60 -35.08
N TRP D 580 -15.46 2.43 -34.64
CA TRP D 580 -14.19 1.85 -35.10
C TRP D 580 -14.17 1.74 -36.62
N GLU D 581 -15.15 1.04 -37.20
CA GLU D 581 -15.21 0.89 -38.64
C GLU D 581 -15.55 2.20 -39.35
N GLN D 582 -16.08 3.19 -38.62
CA GLN D 582 -16.52 4.43 -39.24
C GLN D 582 -15.40 5.42 -39.52
N THR D 583 -14.19 5.16 -39.03
CA THR D 583 -13.08 6.11 -39.14
C THR D 583 -11.95 5.54 -40.00
N ARG D 584 -11.06 6.44 -40.41
CA ARG D 584 -9.97 6.09 -41.33
C ARG D 584 -8.67 5.81 -40.57
N SER D 585 -8.19 6.80 -39.82
CA SER D 585 -6.95 6.69 -39.07
C SER D 585 -7.31 6.49 -37.60
N LYS D 586 -7.05 5.29 -37.09
CA LYS D 586 -7.51 4.91 -35.76
C LYS D 586 -6.58 5.32 -34.64
N ALA D 587 -5.40 5.85 -34.94
CA ALA D 587 -4.50 6.30 -33.90
C ALA D 587 -4.93 7.62 -33.27
N GLY D 588 -5.90 8.31 -33.87
CA GLY D 588 -6.33 9.59 -33.36
C GLY D 588 -7.38 9.50 -32.29
N LEU D 589 -8.12 8.39 -32.26
CA LEU D 589 -9.19 8.23 -31.30
C LEU D 589 -8.65 8.22 -29.88
N LEU D 590 -9.51 8.61 -28.94
CA LEU D 590 -9.16 8.53 -27.54
C LEU D 590 -9.32 7.10 -27.03
N VAL D 591 -8.60 6.81 -25.95
CA VAL D 591 -8.74 5.51 -25.31
C VAL D 591 -10.08 5.40 -24.62
N SER D 592 -10.66 6.52 -24.20
CA SER D 592 -11.93 6.49 -23.48
C SER D 592 -13.04 5.89 -24.33
N ASP D 593 -12.94 6.06 -25.66
CA ASP D 593 -13.92 5.49 -26.58
C ASP D 593 -13.19 5.03 -27.84
N GLY D 594 -12.78 3.76 -27.84
CA GLY D 594 -12.34 3.09 -29.05
C GLY D 594 -10.84 3.06 -29.29
N GLY D 595 -10.15 4.12 -28.93
CA GLY D 595 -8.79 4.31 -29.38
C GLY D 595 -7.77 3.44 -28.70
N PRO D 596 -6.53 3.45 -29.22
CA PRO D 596 -5.46 2.67 -28.63
C PRO D 596 -4.61 3.44 -27.64
N ASN D 597 -3.85 2.70 -26.84
CA ASN D 597 -2.83 3.31 -26.01
C ASN D 597 -1.65 3.73 -26.85
N LEU D 598 -1.09 4.90 -26.53
CA LEU D 598 -0.04 5.50 -27.33
C LEU D 598 1.02 6.19 -26.48
N TYR D 599 1.11 5.84 -25.19
CA TYR D 599 2.09 6.43 -24.29
C TYR D 599 3.33 5.53 -24.20
N ASN D 600 4.34 6.05 -23.53
CA ASN D 600 5.54 5.31 -23.14
C ASN D 600 6.24 6.18 -22.11
N ILE D 601 7.48 5.84 -21.76
CA ILE D 601 8.17 6.52 -20.66
C ILE D 601 8.96 7.72 -21.17
N ARG D 602 8.67 8.17 -22.39
CA ARG D 602 9.28 9.36 -22.96
C ARG D 602 8.31 10.53 -23.08
N ASN D 603 7.00 10.29 -23.04
CA ASN D 603 6.00 11.32 -23.26
C ASN D 603 4.83 11.15 -22.28
N LEU D 604 5.13 10.88 -21.02
CA LEU D 604 4.08 10.83 -20.01
C LEU D 604 3.63 12.22 -19.58
N HIS D 605 4.43 13.25 -19.83
CA HIS D 605 4.16 14.61 -19.37
C HIS D 605 3.29 15.41 -20.33
N ILE D 606 2.49 14.73 -21.15
CA ILE D 606 1.63 15.39 -22.14
C ILE D 606 0.23 14.79 -21.99
N PRO D 607 -0.84 15.58 -21.94
CA PRO D 607 -2.17 14.98 -21.83
C PRO D 607 -2.56 14.26 -23.11
N GLU D 608 -3.63 13.49 -23.02
CA GLU D 608 -4.02 12.61 -24.12
C GLU D 608 -4.48 13.41 -25.34
N VAL D 609 -5.25 14.47 -25.14
CA VAL D 609 -5.84 15.17 -26.27
C VAL D 609 -4.78 15.93 -27.05
N CYS D 610 -3.83 16.57 -26.36
CA CYS D 610 -2.79 17.30 -27.04
C CYS D 610 -1.77 16.39 -27.70
N LEU D 611 -1.78 15.10 -27.38
CA LEU D 611 -0.84 14.15 -27.96
C LEU D 611 -1.30 13.69 -29.33
N LYS D 612 -2.57 13.33 -29.45
CA LYS D 612 -3.17 12.83 -30.69
C LYS D 612 -4.24 13.79 -31.18
N TRP D 613 -3.94 15.08 -31.14
CA TRP D 613 -4.86 16.09 -31.67
C TRP D 613 -4.89 16.07 -33.20
N GLU D 614 -3.73 16.34 -33.82
CA GLU D 614 -3.66 16.36 -35.27
C GLU D 614 -3.93 14.99 -35.87
N LEU D 615 -3.65 13.92 -35.12
CA LEU D 615 -3.89 12.57 -35.62
C LEU D 615 -5.36 12.29 -35.87
N MET D 616 -6.26 13.03 -35.22
CA MET D 616 -7.68 12.79 -35.38
C MET D 616 -8.16 13.26 -36.75
N ASP D 617 -9.19 12.60 -37.25
CA ASP D 617 -9.83 13.01 -38.49
C ASP D 617 -10.82 14.15 -38.22
N GLU D 618 -11.27 14.77 -39.29
CA GLU D 618 -12.13 15.95 -39.18
C GLU D 618 -13.49 15.63 -38.60
N ASP D 619 -13.93 14.38 -38.68
CA ASP D 619 -15.26 14.01 -38.18
C ASP D 619 -15.23 13.87 -36.67
N TYR D 620 -14.26 13.12 -36.15
CA TYR D 620 -14.13 12.95 -34.70
C TYR D 620 -13.80 14.28 -34.04
N GLN D 621 -12.94 15.07 -34.68
CA GLN D 621 -12.55 16.35 -34.11
C GLN D 621 -13.73 17.32 -34.07
N GLY D 622 -14.66 17.19 -35.01
CA GLY D 622 -15.82 18.07 -35.02
C GLY D 622 -16.77 17.80 -33.86
N ARG D 623 -16.95 16.52 -33.52
CA ARG D 623 -17.86 16.13 -32.45
C ARG D 623 -17.19 16.02 -31.08
N LEU D 624 -15.86 16.16 -31.01
CA LEU D 624 -15.17 15.98 -29.74
C LEU D 624 -15.22 17.24 -28.90
N CYS D 625 -14.60 18.32 -29.37
CA CYS D 625 -14.53 19.58 -28.62
C CYS D 625 -15.67 20.46 -29.10
N ASN D 626 -16.88 20.12 -28.67
CA ASN D 626 -18.08 20.85 -29.03
C ASN D 626 -18.42 21.86 -27.94
N PRO D 627 -18.48 23.16 -28.22
CA PRO D 627 -18.87 24.09 -27.16
C PRO D 627 -20.31 23.93 -26.73
N LEU D 628 -21.15 23.29 -27.56
CA LEU D 628 -22.55 23.02 -27.22
C LEU D 628 -22.72 21.66 -26.55
N ASN D 629 -21.68 21.17 -25.89
CA ASN D 629 -21.73 19.86 -25.25
C ASN D 629 -22.82 19.85 -24.18
N PRO D 630 -23.85 18.99 -24.30
CA PRO D 630 -24.95 19.05 -23.32
C PRO D 630 -24.65 18.35 -22.01
N PHE D 631 -23.67 17.44 -22.00
CA PHE D 631 -23.30 16.77 -20.76
C PHE D 631 -22.77 17.77 -19.74
N VAL D 632 -21.89 18.66 -20.18
CA VAL D 632 -21.36 19.72 -19.33
C VAL D 632 -21.22 20.99 -20.16
N THR D 662 -13.52 18.71 -23.83
CA THR D 662 -13.71 18.15 -22.50
C THR D 662 -15.09 17.51 -22.39
N THR D 663 -15.61 17.00 -23.51
CA THR D 663 -16.97 16.45 -23.51
C THR D 663 -17.08 15.11 -22.79
N HIS D 664 -15.96 14.51 -22.41
CA HIS D 664 -15.99 13.26 -21.66
C HIS D 664 -16.11 13.49 -20.15
N SER D 665 -15.65 14.63 -19.66
CA SER D 665 -15.74 14.93 -18.24
C SER D 665 -17.19 15.24 -17.88
N TRP D 666 -17.75 14.45 -16.98
CA TRP D 666 -19.13 14.58 -16.53
C TRP D 666 -19.16 14.81 -15.01
N ILE D 667 -20.37 14.75 -14.46
CA ILE D 667 -20.59 14.81 -13.01
C ILE D 667 -21.39 13.57 -12.64
N PRO D 668 -20.81 12.55 -11.97
CA PRO D 668 -21.60 11.35 -11.66
C PRO D 668 -22.68 11.61 -10.63
N LYS D 669 -23.51 10.60 -10.37
CA LYS D 669 -24.57 10.69 -9.36
C LYS D 669 -23.97 10.32 -8.01
N ARG D 670 -24.05 11.25 -7.06
CA ARG D 670 -23.52 11.05 -5.72
C ARG D 670 -24.59 11.43 -4.70
N ASN D 671 -24.80 10.56 -3.72
CA ASN D 671 -25.76 10.77 -2.64
C ASN D 671 -25.09 10.96 -1.29
N ARG D 672 -23.98 10.25 -1.04
CA ARG D 672 -23.25 10.34 0.23
C ARG D 672 -24.13 9.89 1.40
N SER D 673 -24.67 8.69 1.25
CA SER D 673 -25.54 8.11 2.27
C SER D 673 -24.72 7.66 3.48
N GLU E 202 -3.01 42.35 15.02
CA GLU E 202 -1.66 42.86 15.17
C GLU E 202 -1.34 43.12 16.64
N GLU E 203 -2.32 43.68 17.36
CA GLU E 203 -2.15 44.04 18.76
C GLU E 203 -2.56 42.87 19.65
N ARG E 204 -1.61 42.39 20.45
CA ARG E 204 -1.86 41.35 21.43
C ARG E 204 -1.10 41.64 22.72
N PHE E 205 -1.13 42.89 23.17
CA PHE E 205 -0.23 43.35 24.22
C PHE E 205 -0.49 42.65 25.53
N GLU E 206 -1.71 42.14 25.73
CA GLU E 206 -2.10 41.41 26.93
C GLU E 206 -2.83 40.15 26.49
N ILE E 207 -2.49 39.03 27.12
CA ILE E 207 -3.09 37.76 26.73
C ILE E 207 -4.48 37.68 27.35
N THR E 208 -4.56 37.59 28.68
CA THR E 208 -5.82 37.42 29.38
C THR E 208 -5.55 37.39 30.88
N GLY E 209 -6.62 37.20 31.64
CA GLY E 209 -6.54 36.92 33.05
C GLY E 209 -6.80 35.47 33.40
N THR E 210 -7.36 34.69 32.48
CA THR E 210 -7.68 33.29 32.74
C THR E 210 -6.60 32.33 32.27
N MET E 211 -6.32 32.29 30.97
CA MET E 211 -5.25 31.45 30.45
C MET E 211 -3.88 31.86 30.95
N ARG E 212 -3.72 33.10 31.44
CA ARG E 212 -2.48 33.45 32.12
C ARG E 212 -2.26 32.55 33.34
N ARG E 213 -3.35 32.16 34.00
CA ARG E 213 -3.25 31.24 35.12
C ARG E 213 -2.92 29.83 34.70
N LEU E 214 -3.12 29.49 33.42
CA LEU E 214 -2.70 28.19 32.92
C LEU E 214 -1.19 28.17 32.69
N ALA E 215 -0.65 29.26 32.14
CA ALA E 215 0.76 29.26 31.77
C ALA E 215 1.65 29.19 33.00
N ASP E 216 1.26 29.87 34.08
CA ASP E 216 1.99 29.74 35.34
C ASP E 216 1.85 28.35 35.94
N GLN E 217 0.86 27.57 35.52
CA GLN E 217 0.77 26.17 35.87
C GLN E 217 1.49 25.26 34.87
N SER E 218 2.09 25.82 33.82
CA SER E 218 2.94 25.09 32.89
C SER E 218 4.31 25.76 32.90
N LEU E 219 5.13 25.40 33.87
CA LEU E 219 6.50 25.86 33.94
C LEU E 219 7.30 24.83 34.73
N PRO E 220 8.62 24.94 34.77
CA PRO E 220 9.42 24.03 35.58
C PRO E 220 9.06 24.15 37.06
N PRO E 221 9.57 23.25 37.90
CA PRO E 221 9.14 23.20 39.30
C PRO E 221 9.42 24.47 40.09
N ASN E 222 10.67 24.94 40.10
CA ASN E 222 11.05 26.08 40.92
C ASN E 222 10.78 27.39 40.18
N PHE E 223 9.56 27.56 39.69
CA PHE E 223 9.11 28.77 39.03
C PHE E 223 7.61 28.90 39.24
N SER E 224 7.16 30.10 39.58
CA SER E 224 5.75 30.36 39.83
C SER E 224 5.34 31.69 39.20
N CYS E 225 5.87 31.98 38.02
CA CYS E 225 5.50 33.17 37.28
C CYS E 225 6.12 33.08 35.90
N LEU E 226 5.46 33.71 34.92
CA LEU E 226 5.96 33.71 33.56
C LEU E 226 6.94 34.84 33.30
N GLU E 227 6.63 36.04 33.79
CA GLU E 227 7.52 37.17 33.56
C GLU E 227 8.84 36.98 34.28
N ASN E 228 8.82 36.41 35.49
CA ASN E 228 10.03 36.16 36.24
C ASN E 228 10.85 35.01 35.65
N PHE E 229 10.22 34.15 34.85
CA PHE E 229 10.90 33.06 34.17
C PHE E 229 11.42 33.45 32.79
N ARG E 230 10.72 34.34 32.10
CA ARG E 230 11.13 34.72 30.75
C ARG E 230 12.47 35.44 30.76
N ALA E 231 12.67 36.38 31.68
CA ALA E 231 13.92 37.12 31.71
C ALA E 231 15.07 36.24 32.17
N TYR E 232 14.79 35.17 32.92
CA TYR E 232 15.84 34.22 33.26
C TYR E 232 16.39 33.56 32.01
N VAL E 233 15.55 33.33 31.02
CA VAL E 233 16.02 32.77 29.75
C VAL E 233 16.90 33.79 29.04
N ASP E 234 16.47 35.05 28.98
CA ASP E 234 17.27 36.08 28.33
C ASP E 234 18.60 36.27 29.06
N GLY E 235 18.62 36.07 30.36
CA GLY E 235 19.84 36.15 31.13
C GLY E 235 20.69 34.90 31.12
N PHE E 236 20.36 33.92 30.29
CA PHE E 236 21.11 32.67 30.25
C PHE E 236 22.33 32.82 29.36
N GLU E 237 23.48 32.34 29.86
CA GLU E 237 24.71 32.27 29.10
C GLU E 237 25.37 30.94 29.45
N PRO E 238 26.08 30.32 28.50
CA PRO E 238 26.62 28.98 28.78
C PRO E 238 27.80 28.98 29.73
N ASN E 239 27.59 28.49 30.95
CA ASN E 239 28.63 28.35 31.96
C ASN E 239 29.11 26.92 32.12
N GLY E 240 29.01 26.12 31.07
CA GLY E 240 29.42 24.73 31.13
C GLY E 240 28.62 23.92 32.13
N TYR E 241 27.30 23.91 31.97
CA TYR E 241 26.44 23.16 32.89
C TYR E 241 26.47 21.67 32.60
N ILE E 242 26.65 21.30 31.32
CA ILE E 242 26.51 19.91 30.92
C ILE E 242 27.62 19.05 31.50
N GLU E 243 28.86 19.58 31.53
CA GLU E 243 29.95 18.83 32.12
C GLU E 243 29.75 18.61 33.62
N GLY E 244 28.91 19.41 34.26
CA GLY E 244 28.63 19.23 35.68
C GLY E 244 27.66 18.10 35.94
N LYS E 245 26.58 18.04 35.16
CA LYS E 245 25.59 16.99 35.35
C LYS E 245 26.18 15.61 35.13
N LEU E 246 27.08 15.47 34.15
CA LEU E 246 27.66 14.17 33.85
C LEU E 246 28.49 13.66 35.01
N SER E 247 29.11 14.55 35.78
CA SER E 247 29.90 14.14 36.94
C SER E 247 29.04 13.53 38.04
N GLN E 248 27.72 13.68 37.97
CA GLN E 248 26.80 13.06 38.91
C GLN E 248 26.09 11.85 38.35
N MET E 249 26.06 11.69 37.03
CA MET E 249 25.48 10.49 36.43
C MET E 249 26.31 9.27 36.78
N SER E 250 25.64 8.19 37.16
CA SER E 250 26.34 6.98 37.55
C SER E 250 27.03 6.36 36.34
N LYS E 251 27.94 5.43 36.64
CA LYS E 251 28.60 4.65 35.60
C LYS E 251 27.77 3.44 35.16
N GLU E 252 26.58 3.26 35.72
CA GLU E 252 25.64 2.24 35.26
C GLU E 252 24.83 2.69 34.06
N VAL E 253 25.15 3.84 33.47
CA VAL E 253 24.46 4.36 32.29
C VAL E 253 25.54 4.44 31.21
N ASN E 254 25.68 3.38 30.42
CA ASN E 254 26.74 3.32 29.43
C ASN E 254 26.38 2.31 28.36
N ALA E 255 27.04 2.44 27.22
CA ALA E 255 26.84 1.59 26.05
C ALA E 255 28.12 0.80 25.80
N LYS E 256 28.11 -0.48 26.14
CA LYS E 256 29.28 -1.33 26.01
C LYS E 256 29.18 -2.08 24.68
N ILE E 257 30.22 -1.97 23.86
CA ILE E 257 30.22 -2.58 22.54
C ILE E 257 30.42 -4.08 22.71
N GLU E 258 29.34 -4.84 22.59
CA GLU E 258 29.41 -6.29 22.57
C GLU E 258 29.79 -6.73 21.16
N PRO E 259 31.04 -7.14 20.90
CA PRO E 259 31.45 -7.36 19.51
C PRO E 259 30.84 -8.61 18.92
N PHE E 260 30.35 -8.48 17.68
CA PHE E 260 29.81 -9.62 16.96
C PHE E 260 30.93 -10.48 16.42
N LEU E 261 30.68 -11.79 16.37
CA LEU E 261 31.68 -12.74 15.91
C LEU E 261 30.98 -13.93 15.29
N LYS E 262 31.79 -14.84 14.73
CA LYS E 262 31.31 -16.00 14.01
C LYS E 262 30.87 -17.15 14.92
N THR E 263 30.69 -16.90 16.23
CA THR E 263 30.17 -17.89 17.16
C THR E 263 29.09 -17.32 18.07
N THR E 264 28.80 -16.03 17.97
CA THR E 264 27.78 -15.40 18.79
C THR E 264 26.36 -15.70 18.32
N PRO E 265 26.01 -15.52 17.02
CA PRO E 265 24.61 -15.71 16.63
C PRO E 265 24.16 -17.15 16.71
N ARG E 266 23.34 -17.43 17.69
CA ARG E 266 22.75 -18.74 17.88
C ARG E 266 21.51 -18.89 17.01
N PRO E 267 21.09 -20.11 16.69
CA PRO E 267 19.91 -20.27 15.84
C PRO E 267 18.64 -19.93 16.58
N ILE E 268 17.66 -19.41 15.83
CA ILE E 268 16.39 -19.05 16.43
C ILE E 268 15.67 -20.32 16.87
N ARG E 269 14.99 -20.23 18.00
CA ARG E 269 14.28 -21.35 18.61
C ARG E 269 12.81 -21.25 18.21
N LEU E 270 12.36 -22.19 17.40
CA LEU E 270 11.02 -22.13 16.85
C LEU E 270 10.01 -22.60 17.89
N PRO E 271 8.72 -22.33 17.66
CA PRO E 271 7.69 -22.90 18.53
C PRO E 271 7.70 -24.41 18.51
N ASP E 272 7.13 -24.98 19.56
CA ASP E 272 6.94 -26.43 19.68
C ASP E 272 5.50 -26.66 20.12
N GLY E 273 4.85 -27.62 19.49
CA GLY E 273 3.44 -27.85 19.71
C GLY E 273 2.85 -28.72 18.62
N PRO E 274 1.53 -28.71 18.47
CA PRO E 274 0.91 -29.54 17.44
C PRO E 274 1.22 -28.98 16.06
N PRO E 275 1.13 -29.80 15.01
CA PRO E 275 1.37 -29.27 13.66
C PRO E 275 0.29 -28.31 13.22
N CYS E 276 0.64 -27.49 12.24
CA CYS E 276 -0.24 -26.42 11.78
C CYS E 276 -1.28 -26.96 10.81
N PHE E 277 -2.17 -26.06 10.39
CA PHE E 277 -3.22 -26.37 9.42
C PHE E 277 -3.23 -25.32 8.32
N GLN E 278 -4.02 -25.61 7.29
CA GLN E 278 -4.14 -24.70 6.17
C GLN E 278 -5.22 -23.67 6.43
N ARG E 279 -4.94 -22.42 6.04
CA ARG E 279 -5.84 -21.31 6.24
C ARG E 279 -5.94 -20.43 5.00
N SER E 280 -5.87 -21.05 3.83
CA SER E 280 -5.99 -20.34 2.56
C SER E 280 -7.45 -20.24 2.15
N LYS E 281 -7.78 -19.15 1.46
CA LYS E 281 -9.15 -18.96 0.99
C LYS E 281 -9.54 -20.02 -0.03
N PHE E 282 -8.58 -20.51 -0.79
CA PHE E 282 -8.80 -21.54 -1.79
C PHE E 282 -7.59 -22.44 -1.89
N LEU E 283 -7.77 -23.57 -2.57
CA LEU E 283 -6.71 -24.55 -2.69
C LEU E 283 -5.61 -24.05 -3.62
N LEU E 284 -4.41 -24.59 -3.44
CA LEU E 284 -3.22 -24.08 -4.10
C LEU E 284 -2.61 -25.08 -5.08
N MET E 285 -2.25 -26.27 -4.59
CA MET E 285 -1.57 -27.28 -5.39
C MET E 285 -2.43 -28.49 -5.67
N ASP E 286 -3.42 -28.78 -4.83
CA ASP E 286 -4.25 -29.96 -4.96
C ASP E 286 -5.44 -29.76 -5.88
N ALA E 287 -5.55 -28.60 -6.53
CA ALA E 287 -6.74 -28.28 -7.29
C ALA E 287 -6.88 -29.20 -8.49
N LEU E 288 -8.07 -29.16 -9.09
CA LEU E 288 -8.39 -29.96 -10.27
C LEU E 288 -9.46 -29.21 -11.04
N LYS E 289 -9.23 -29.04 -12.33
CA LYS E 289 -10.00 -28.13 -13.16
C LYS E 289 -10.59 -28.87 -14.35
N LEU E 290 -11.88 -28.68 -14.57
CA LEU E 290 -12.54 -29.21 -15.76
C LEU E 290 -12.47 -28.19 -16.88
N SER E 291 -12.30 -28.68 -18.10
CA SER E 291 -12.03 -27.83 -19.26
C SER E 291 -12.86 -28.31 -20.45
N ILE E 292 -12.98 -27.41 -21.44
CA ILE E 292 -13.71 -27.69 -22.66
C ILE E 292 -12.75 -27.76 -23.85
N GLU E 293 -11.64 -27.03 -23.78
CA GLU E 293 -10.63 -27.04 -24.84
C GLU E 293 -11.20 -26.47 -26.13
N ASP E 294 -11.75 -25.26 -26.05
CA ASP E 294 -12.59 -24.69 -27.10
C ASP E 294 -12.06 -23.37 -27.62
N PRO E 295 -11.45 -23.33 -28.80
CA PRO E 295 -11.32 -22.05 -29.51
C PRO E 295 -12.70 -21.48 -29.80
N SER E 296 -12.88 -20.20 -29.49
CA SER E 296 -14.20 -19.57 -29.50
C SER E 296 -15.13 -20.34 -28.56
N HIS E 297 -14.65 -20.50 -27.32
CA HIS E 297 -15.40 -21.17 -26.26
C HIS E 297 -16.84 -20.69 -26.18
N GLU E 298 -17.74 -21.61 -25.83
CA GLU E 298 -19.16 -21.44 -26.15
C GLU E 298 -19.80 -20.36 -25.29
N GLY E 299 -19.83 -20.55 -23.97
CA GLY E 299 -20.51 -19.63 -23.09
C GLY E 299 -19.93 -18.24 -23.14
N GLU E 300 -18.72 -18.09 -22.59
CA GLU E 300 -17.77 -17.02 -22.88
C GLU E 300 -18.20 -15.62 -22.44
N GLY E 301 -19.42 -15.45 -21.95
CA GLY E 301 -19.90 -14.17 -21.46
C GLY E 301 -20.56 -14.21 -20.10
N ILE E 302 -21.00 -15.40 -19.69
CA ILE E 302 -21.77 -15.59 -18.48
C ILE E 302 -21.19 -16.80 -17.75
N PRO E 303 -20.63 -16.66 -16.53
CA PRO E 303 -19.94 -17.80 -15.91
C PRO E 303 -20.83 -19.01 -15.67
N LEU E 304 -22.13 -18.80 -15.51
CA LEU E 304 -23.01 -19.91 -15.17
C LEU E 304 -23.10 -20.90 -16.31
N TYR E 305 -23.45 -20.42 -17.51
CA TYR E 305 -23.55 -21.31 -18.66
C TYR E 305 -22.19 -21.81 -19.12
N ASP E 306 -21.14 -21.03 -18.93
CA ASP E 306 -19.79 -21.51 -19.16
C ASP E 306 -19.36 -22.54 -18.11
N ALA E 307 -20.05 -22.57 -16.96
CA ALA E 307 -19.76 -23.56 -15.94
C ALA E 307 -20.60 -24.82 -16.10
N ILE E 308 -21.90 -24.66 -16.38
CA ILE E 308 -22.76 -25.82 -16.62
C ILE E 308 -22.28 -26.57 -17.85
N LYS E 309 -21.94 -25.84 -18.90
CA LYS E 309 -21.45 -26.46 -20.12
C LYS E 309 -20.13 -27.18 -19.89
N CYS E 310 -19.31 -26.66 -18.97
CA CYS E 310 -18.03 -27.30 -18.66
C CYS E 310 -18.19 -28.53 -17.79
N MET E 311 -19.31 -28.66 -17.07
CA MET E 311 -19.50 -29.79 -16.19
C MET E 311 -19.88 -31.06 -16.92
N ARG E 312 -20.31 -30.98 -18.17
CA ARG E 312 -20.81 -32.14 -18.90
C ARG E 312 -19.69 -32.98 -19.51
N THR E 313 -18.42 -32.67 -19.21
CA THR E 313 -17.32 -33.46 -19.72
C THR E 313 -17.12 -34.72 -18.89
N PHE E 314 -16.80 -34.56 -17.62
CA PHE E 314 -16.67 -35.69 -16.72
C PHE E 314 -18.04 -36.32 -16.48
N PHE E 315 -18.08 -37.65 -16.50
CA PHE E 315 -19.29 -38.37 -16.15
C PHE E 315 -18.90 -39.67 -15.47
N GLY E 316 -19.84 -40.22 -14.71
CA GLY E 316 -19.61 -41.37 -13.86
C GLY E 316 -19.69 -40.98 -12.41
N TRP E 317 -20.52 -40.00 -12.11
CA TRP E 317 -20.64 -39.46 -10.75
C TRP E 317 -21.43 -40.44 -9.88
N LYS E 318 -20.79 -40.95 -8.84
CA LYS E 318 -21.47 -41.76 -7.85
C LYS E 318 -22.45 -40.91 -7.06
N GLU E 319 -23.17 -41.55 -6.16
CA GLU E 319 -23.89 -40.81 -5.14
C GLU E 319 -22.87 -40.19 -4.20
N PRO E 320 -23.18 -39.05 -3.58
CA PRO E 320 -22.23 -38.48 -2.60
C PRO E 320 -22.00 -39.43 -1.44
N TYR E 321 -20.83 -39.28 -0.82
CA TYR E 321 -20.41 -40.20 0.21
C TYR E 321 -19.37 -39.50 1.08
N ILE E 322 -19.45 -39.71 2.38
CA ILE E 322 -18.56 -39.09 3.34
C ILE E 322 -17.30 -39.93 3.45
N VAL E 323 -16.19 -39.28 3.79
CA VAL E 323 -14.90 -39.93 3.91
C VAL E 323 -14.27 -39.67 5.28
N LYS E 324 -14.22 -38.41 5.70
CA LYS E 324 -13.57 -38.00 6.93
C LYS E 324 -14.40 -36.90 7.59
N PRO E 325 -14.98 -37.12 8.78
CA PRO E 325 -15.77 -36.04 9.39
C PRO E 325 -14.92 -34.85 9.80
N HIS E 326 -15.57 -33.81 10.30
CA HIS E 326 -14.93 -32.55 10.63
C HIS E 326 -14.24 -32.58 11.99
N GLU E 327 -14.76 -33.36 12.94
CA GLU E 327 -14.37 -33.44 14.34
C GLU E 327 -14.84 -32.25 15.15
N LYS E 328 -15.41 -31.21 14.54
CA LYS E 328 -16.02 -30.10 15.27
C LYS E 328 -17.11 -29.55 14.36
N GLY E 329 -18.34 -30.00 14.58
CA GLY E 329 -19.49 -29.58 13.82
C GLY E 329 -20.17 -30.73 13.11
N ILE E 330 -21.39 -30.46 12.65
CA ILE E 330 -22.23 -31.48 12.04
C ILE E 330 -21.83 -31.62 10.57
N ASN E 331 -21.45 -32.85 10.19
CA ASN E 331 -20.97 -33.14 8.84
C ASN E 331 -22.08 -33.38 7.81
N PRO E 332 -23.15 -34.15 8.13
CA PRO E 332 -24.18 -34.39 7.11
C PRO E 332 -24.89 -33.14 6.61
N ASN E 333 -24.74 -32.01 7.30
CA ASN E 333 -25.33 -30.76 6.85
C ASN E 333 -24.56 -30.15 5.69
N TYR E 334 -23.45 -30.74 5.27
CA TYR E 334 -22.79 -30.41 4.01
C TYR E 334 -23.24 -31.34 2.88
N LEU E 335 -23.39 -32.63 3.20
CA LEU E 335 -23.82 -33.60 2.20
C LEU E 335 -25.18 -33.26 1.63
N LEU E 336 -26.03 -32.62 2.43
CA LEU E 336 -27.33 -32.17 1.96
C LEU E 336 -27.26 -30.85 1.20
N SER E 337 -26.07 -30.27 1.04
CA SER E 337 -25.89 -29.09 0.19
C SER E 337 -25.47 -29.45 -1.22
N TRP E 338 -24.54 -30.40 -1.36
CA TRP E 338 -24.09 -30.82 -2.68
C TRP E 338 -25.25 -31.42 -3.47
N LYS E 339 -26.16 -32.12 -2.79
CA LYS E 339 -27.39 -32.55 -3.44
C LYS E 339 -28.29 -31.36 -3.72
N GLN E 340 -28.35 -30.40 -2.81
CA GLN E 340 -29.21 -29.24 -3.01
C GLN E 340 -28.74 -28.41 -4.19
N VAL E 341 -27.44 -28.15 -4.27
CA VAL E 341 -26.93 -27.33 -5.36
C VAL E 341 -27.07 -28.07 -6.68
N LEU E 342 -26.92 -29.40 -6.66
CA LEU E 342 -26.94 -30.16 -7.89
C LEU E 342 -28.33 -30.17 -8.52
N ALA E 343 -29.36 -30.29 -7.69
CA ALA E 343 -30.72 -30.23 -8.20
C ALA E 343 -31.05 -28.84 -8.74
N GLU E 344 -30.61 -27.79 -8.04
CA GLU E 344 -30.80 -26.44 -8.52
C GLU E 344 -29.98 -26.15 -9.77
N LEU E 345 -28.93 -26.91 -10.03
CA LEU E 345 -28.10 -26.73 -11.22
C LEU E 345 -28.68 -27.45 -12.43
N GLN E 346 -29.02 -28.72 -12.27
CA GLN E 346 -29.73 -29.46 -13.30
C GLN E 346 -31.09 -28.86 -13.61
N ASP E 347 -31.68 -28.12 -12.66
CA ASP E 347 -32.94 -27.43 -12.89
C ASP E 347 -32.83 -26.40 -14.01
N ILE E 348 -31.63 -25.88 -14.27
CA ILE E 348 -31.48 -24.83 -15.27
C ILE E 348 -31.72 -25.38 -16.67
N GLU E 349 -31.18 -26.56 -16.95
CA GLU E 349 -31.36 -27.16 -18.28
C GLU E 349 -32.81 -27.49 -18.57
N ASN E 350 -33.61 -27.78 -17.54
CA ASN E 350 -35.04 -27.96 -17.70
C ASN E 350 -35.79 -26.64 -17.78
N GLU E 351 -35.19 -25.54 -17.33
CA GLU E 351 -35.81 -24.22 -17.36
C GLU E 351 -35.42 -23.45 -18.62
N GLU E 352 -34.12 -23.42 -18.92
CA GLU E 352 -33.55 -22.71 -20.08
C GLU E 352 -34.10 -21.30 -20.23
N LYS E 353 -34.21 -20.60 -19.11
CA LYS E 353 -34.62 -19.20 -19.10
C LYS E 353 -33.46 -18.24 -19.36
N ILE E 354 -32.22 -18.74 -19.36
CA ILE E 354 -31.03 -17.90 -19.45
C ILE E 354 -31.00 -16.94 -18.26
N PRO E 355 -30.79 -17.43 -17.04
CA PRO E 355 -30.59 -16.54 -15.90
C PRO E 355 -29.13 -16.13 -15.74
N ARG E 356 -28.94 -14.89 -15.29
CA ARG E 356 -27.59 -14.38 -15.13
C ARG E 356 -26.92 -14.96 -13.88
N THR E 357 -27.68 -15.10 -12.80
CA THR E 357 -27.18 -15.69 -11.56
C THR E 357 -28.36 -16.20 -10.76
N LYS E 358 -28.16 -17.36 -10.12
CA LYS E 358 -29.23 -18.07 -9.44
C LYS E 358 -29.11 -17.85 -7.93
N ASN E 359 -30.05 -17.10 -7.37
CA ASN E 359 -30.17 -16.98 -5.93
C ASN E 359 -30.67 -18.30 -5.38
N MET E 360 -29.83 -18.99 -4.61
CA MET E 360 -30.17 -20.30 -4.09
C MET E 360 -31.30 -20.18 -3.07
N LYS E 361 -31.73 -21.33 -2.56
CA LYS E 361 -32.78 -21.42 -1.57
C LYS E 361 -32.19 -21.32 -0.16
N LYS E 362 -33.07 -21.03 0.80
CA LYS E 362 -32.69 -20.78 2.19
C LYS E 362 -33.01 -21.95 3.09
N THR E 363 -32.71 -23.17 2.64
CA THR E 363 -32.94 -24.35 3.45
C THR E 363 -32.16 -24.26 4.76
N SER E 364 -32.53 -25.14 5.70
CA SER E 364 -31.81 -25.19 6.97
C SER E 364 -30.35 -25.56 6.76
N GLN E 365 -30.07 -26.36 5.74
CA GLN E 365 -28.71 -26.85 5.51
C GLN E 365 -27.79 -25.72 5.06
N LEU E 366 -28.33 -24.73 4.36
CA LEU E 366 -27.61 -23.53 4.00
C LEU E 366 -27.82 -22.39 4.99
N LYS E 367 -28.56 -22.63 6.07
CA LYS E 367 -28.76 -21.65 7.13
C LYS E 367 -27.80 -21.81 8.29
N TRP E 368 -27.13 -22.96 8.41
CA TRP E 368 -26.31 -23.30 9.56
C TRP E 368 -24.82 -23.09 9.32
N ALA E 369 -24.28 -23.67 8.23
CA ALA E 369 -22.87 -23.51 7.95
C ALA E 369 -22.49 -22.06 7.68
N LEU E 370 -23.47 -21.21 7.38
CA LEU E 370 -23.25 -19.77 7.31
C LEU E 370 -23.54 -19.10 8.64
N GLY E 371 -24.48 -19.63 9.40
CA GLY E 371 -24.84 -19.04 10.68
C GLY E 371 -25.57 -17.72 10.53
N GLU E 372 -26.80 -17.77 10.03
CA GLU E 372 -27.57 -16.55 9.86
C GLU E 372 -27.99 -15.95 11.20
N ASN E 373 -28.52 -16.78 12.09
CA ASN E 373 -29.01 -16.34 13.40
C ASN E 373 -28.32 -17.10 14.52
N MET E 374 -27.03 -17.35 14.37
CA MET E 374 -26.19 -17.87 15.44
C MET E 374 -25.48 -16.75 16.20
N ALA E 375 -26.07 -15.57 16.24
CA ALA E 375 -25.50 -14.39 16.87
C ALA E 375 -26.19 -14.09 18.19
N PRO E 376 -25.58 -13.30 19.06
CA PRO E 376 -26.23 -12.90 20.31
C PRO E 376 -27.00 -11.59 20.14
N GLU E 377 -27.78 -11.26 21.19
CA GLU E 377 -28.64 -10.08 21.18
C GLU E 377 -27.96 -8.90 21.85
N LYS E 378 -28.32 -7.70 21.40
CA LYS E 378 -27.76 -6.46 21.93
C LYS E 378 -28.72 -5.81 22.92
N VAL E 379 -28.15 -5.21 23.96
CA VAL E 379 -28.93 -4.43 24.93
C VAL E 379 -27.95 -3.58 25.73
N ASP E 380 -28.46 -2.52 26.35
CA ASP E 380 -27.63 -1.62 27.11
C ASP E 380 -27.36 -2.20 28.50
N PHE E 381 -26.59 -1.45 29.30
CA PHE E 381 -26.16 -1.95 30.60
C PHE E 381 -27.25 -1.80 31.66
N ASP E 382 -28.12 -0.80 31.52
CA ASP E 382 -29.17 -0.58 32.51
C ASP E 382 -30.10 -1.78 32.61
N ASN E 383 -30.33 -2.48 31.50
CA ASN E 383 -31.14 -3.68 31.49
C ASN E 383 -30.33 -4.96 31.68
N CYS E 384 -29.01 -4.92 31.44
CA CYS E 384 -28.16 -6.09 31.55
C CYS E 384 -27.45 -6.18 32.91
N ARG E 385 -27.34 -5.06 33.64
CA ARG E 385 -26.65 -5.06 34.93
C ARG E 385 -27.24 -6.06 35.90
N ASP E 386 -28.54 -6.36 35.79
CA ASP E 386 -29.16 -7.35 36.66
C ASP E 386 -28.61 -8.75 36.44
N VAL E 387 -28.05 -9.03 35.26
CA VAL E 387 -27.51 -10.35 34.95
C VAL E 387 -26.18 -10.54 35.68
N SER E 388 -25.92 -11.76 36.13
CA SER E 388 -24.77 -12.09 36.96
C SER E 388 -23.82 -13.09 36.31
N ASP E 389 -23.86 -13.21 34.98
CA ASP E 389 -22.99 -14.12 34.23
C ASP E 389 -22.08 -13.36 33.26
N LEU E 390 -21.77 -12.11 33.55
CA LEU E 390 -21.10 -11.26 32.57
C LEU E 390 -19.63 -11.63 32.45
N LYS E 391 -19.00 -11.09 31.40
CA LYS E 391 -17.58 -11.26 31.12
C LYS E 391 -17.22 -10.33 29.98
N GLN E 392 -16.01 -9.78 30.02
CA GLN E 392 -15.54 -8.89 28.97
C GLN E 392 -15.52 -9.63 27.65
N TYR E 393 -14.61 -10.59 27.51
CA TYR E 393 -14.49 -11.42 26.31
C TYR E 393 -13.43 -12.48 26.55
N ASP E 394 -13.23 -13.37 25.58
CA ASP E 394 -12.25 -14.45 25.69
C ASP E 394 -10.90 -14.06 25.08
N SER E 395 -10.56 -12.77 25.13
CA SER E 395 -9.27 -12.31 24.62
C SER E 395 -8.15 -12.93 25.45
N ASP E 396 -7.36 -13.81 24.84
CA ASP E 396 -6.29 -14.51 25.54
C ASP E 396 -5.15 -14.72 24.55
N GLU E 397 -4.19 -15.54 24.94
CA GLU E 397 -3.05 -15.80 24.07
C GLU E 397 -3.37 -16.91 23.07
N PRO E 398 -3.04 -16.79 21.78
CA PRO E 398 -3.33 -17.87 20.84
C PRO E 398 -2.54 -19.13 21.16
N GLU E 399 -2.81 -20.18 20.38
CA GLU E 399 -2.19 -21.47 20.59
C GLU E 399 -0.94 -21.59 19.71
N LEU E 400 0.15 -22.06 20.31
CA LEU E 400 1.40 -22.20 19.59
C LEU E 400 1.38 -23.47 18.75
N ARG E 401 1.70 -23.31 17.47
CA ARG E 401 1.69 -24.40 16.49
C ARG E 401 3.10 -24.67 16.00
N SER E 402 3.36 -25.92 15.65
CA SER E 402 4.68 -26.32 15.18
C SER E 402 4.80 -26.08 13.68
N LEU E 403 5.95 -26.48 13.14
CA LEU E 403 6.24 -26.38 11.71
C LEU E 403 6.02 -27.75 11.08
N SER E 404 5.28 -27.77 9.97
CA SER E 404 5.00 -28.98 9.23
C SER E 404 5.72 -28.94 7.88
N SER E 405 5.72 -30.09 7.21
CA SER E 405 6.48 -30.26 5.97
C SER E 405 5.71 -29.84 4.73
N TRP E 406 4.38 -29.84 4.79
CA TRP E 406 3.59 -29.68 3.57
C TRP E 406 3.79 -28.31 2.93
N ILE E 407 4.20 -27.31 3.70
CA ILE E 407 4.35 -25.97 3.13
C ILE E 407 5.63 -25.88 2.30
N GLN E 408 6.58 -26.78 2.49
CA GLN E 408 7.75 -26.85 1.62
C GLN E 408 7.46 -27.57 0.32
N ASN E 409 6.65 -28.64 0.37
CA ASN E 409 6.18 -29.32 -0.83
C ASN E 409 5.08 -28.55 -1.55
N GLU E 410 4.66 -27.41 -1.00
CA GLU E 410 3.67 -26.55 -1.62
C GLU E 410 4.26 -25.30 -2.24
N PHE E 411 5.50 -24.96 -1.90
CA PHE E 411 6.19 -23.83 -2.49
C PHE E 411 7.10 -24.23 -3.64
N ASN E 412 7.66 -25.45 -3.60
CA ASN E 412 8.45 -25.93 -4.73
C ASN E 412 7.58 -26.03 -5.98
N LYS E 413 6.41 -26.64 -5.84
CA LYS E 413 5.50 -26.86 -6.96
C LYS E 413 4.99 -25.57 -7.57
N ALA E 414 5.15 -24.43 -6.90
CA ALA E 414 4.84 -23.14 -7.47
C ALA E 414 5.97 -22.59 -8.32
N CYS E 415 7.21 -22.87 -7.96
CA CYS E 415 8.36 -22.46 -8.74
C CYS E 415 8.74 -23.54 -9.76
N GLU E 416 7.74 -23.95 -10.53
CA GLU E 416 7.90 -25.00 -11.52
C GLU E 416 7.11 -24.64 -12.76
N LEU E 417 7.66 -25.00 -13.92
CA LEU E 417 7.05 -24.66 -15.19
C LEU E 417 5.70 -25.33 -15.36
N THR E 418 4.93 -24.81 -16.30
CA THR E 418 3.66 -25.39 -16.71
C THR E 418 3.60 -25.33 -18.23
N ASP E 419 2.42 -25.58 -18.80
CA ASP E 419 2.24 -25.60 -20.25
C ASP E 419 1.74 -24.30 -20.82
N SER E 420 0.89 -23.59 -20.08
CA SER E 420 0.13 -22.47 -20.62
C SER E 420 0.88 -21.16 -20.43
N THR E 421 0.18 -20.04 -20.64
CA THR E 421 0.71 -18.70 -20.47
C THR E 421 0.12 -17.99 -19.26
N TRP E 422 -1.20 -18.06 -19.09
CA TRP E 422 -1.98 -17.65 -17.94
C TRP E 422 -2.17 -16.13 -17.85
N ILE E 423 -1.55 -15.32 -18.70
CA ILE E 423 -1.70 -13.87 -18.61
C ILE E 423 -1.59 -13.27 -20.00
N GLU E 424 -2.31 -12.18 -20.21
CA GLU E 424 -2.29 -11.42 -21.45
C GLU E 424 -2.43 -9.95 -21.10
N LEU E 425 -1.33 -9.21 -21.23
CA LEU E 425 -1.30 -7.81 -20.87
C LEU E 425 -1.63 -6.93 -22.08
N ASP E 426 -1.95 -5.68 -21.81
CA ASP E 426 -2.32 -4.73 -22.84
C ASP E 426 -1.06 -4.22 -23.55
N GLU E 427 -1.23 -3.17 -24.35
CA GLU E 427 -0.21 -2.67 -25.25
C GLU E 427 0.18 -1.25 -24.88
N ILE E 428 1.26 -0.78 -25.48
CA ILE E 428 1.77 0.56 -25.30
C ILE E 428 2.25 1.10 -26.64
N GLY E 429 2.79 2.30 -26.63
CA GLY E 429 3.25 2.94 -27.82
C GLY E 429 4.54 2.32 -28.35
N GLU E 430 5.12 3.02 -29.31
CA GLU E 430 6.35 2.60 -29.96
C GLU E 430 7.53 3.35 -29.35
N ASP E 431 8.66 2.66 -29.23
CA ASP E 431 9.84 3.20 -28.58
C ASP E 431 10.86 3.61 -29.63
N VAL E 432 11.45 4.79 -29.44
CA VAL E 432 12.43 5.36 -30.36
C VAL E 432 13.73 5.67 -29.63
N ALA E 433 13.65 5.96 -28.33
CA ALA E 433 14.82 6.36 -27.58
C ALA E 433 15.63 5.14 -27.14
N PRO E 434 16.89 5.34 -26.74
CA PRO E 434 17.66 4.20 -26.22
C PRO E 434 17.22 3.75 -24.85
N ILE E 435 16.84 4.69 -23.97
CA ILE E 435 16.41 4.33 -22.63
C ILE E 435 15.14 3.48 -22.63
N GLU E 436 14.37 3.50 -23.71
CA GLU E 436 13.20 2.64 -23.83
C GLU E 436 13.56 1.24 -24.30
N TYR E 437 14.51 1.11 -25.22
CA TYR E 437 14.93 -0.23 -25.66
C TYR E 437 15.55 -1.00 -24.50
N ILE E 438 16.22 -0.30 -23.58
CA ILE E 438 16.75 -0.95 -22.39
C ILE E 438 15.63 -1.52 -21.54
N ALA E 439 14.47 -0.88 -21.55
CA ALA E 439 13.32 -1.38 -20.80
C ALA E 439 12.67 -2.54 -21.53
N SER E 440 12.38 -2.35 -22.81
CA SER E 440 11.74 -3.39 -23.59
C SER E 440 12.57 -4.66 -23.69
N MET E 441 13.88 -4.56 -23.51
CA MET E 441 14.72 -5.75 -23.53
C MET E 441 14.65 -6.50 -22.20
N ARG E 442 14.60 -5.76 -21.09
CA ARG E 442 14.51 -6.39 -19.77
C ARG E 442 13.12 -6.99 -19.56
N ARG E 443 12.08 -6.20 -19.84
CA ARG E 443 10.72 -6.64 -19.63
C ARG E 443 10.37 -7.84 -20.51
N ASN E 444 10.93 -7.90 -21.72
CA ASN E 444 10.61 -9.02 -22.61
C ASN E 444 11.33 -10.28 -22.17
N TYR E 445 12.56 -10.15 -21.66
CA TYR E 445 13.22 -11.31 -21.07
C TYR E 445 12.50 -11.78 -19.83
N PHE E 446 11.86 -10.85 -19.11
CA PHE E 446 11.14 -11.19 -17.89
C PHE E 446 9.87 -11.98 -18.22
N THR E 447 9.00 -11.41 -19.05
CA THR E 447 7.70 -11.99 -19.32
C THR E 447 7.81 -13.38 -19.93
N ALA E 448 8.87 -13.66 -20.67
CA ALA E 448 9.08 -14.97 -21.27
C ALA E 448 9.69 -15.97 -20.31
N GLU E 449 9.83 -15.61 -19.03
CA GLU E 449 10.35 -16.50 -18.01
C GLU E 449 9.42 -16.64 -16.81
N VAL E 450 8.28 -15.94 -16.82
CA VAL E 450 7.31 -16.00 -15.74
C VAL E 450 5.94 -16.45 -16.20
N SER E 451 5.55 -16.23 -17.47
CA SER E 451 4.23 -16.62 -17.92
C SER E 451 4.03 -18.12 -17.81
N HIS E 452 5.03 -18.89 -18.21
CA HIS E 452 5.01 -20.33 -17.99
C HIS E 452 5.38 -20.66 -16.55
N CYS E 453 4.58 -20.21 -15.59
CA CYS E 453 4.82 -20.47 -14.18
C CYS E 453 3.51 -20.71 -13.46
N ARG E 454 3.55 -21.61 -12.47
CA ARG E 454 2.35 -22.00 -11.77
C ARG E 454 1.85 -20.90 -10.85
N ALA E 455 2.70 -19.94 -10.51
CA ALA E 455 2.28 -18.88 -9.61
C ALA E 455 1.41 -17.84 -10.27
N THR E 456 1.52 -17.67 -11.59
CA THR E 456 0.65 -16.74 -12.29
C THR E 456 -0.76 -17.30 -12.46
N GLU E 457 -0.93 -18.61 -12.29
CA GLU E 457 -2.28 -19.16 -12.20
C GLU E 457 -3.03 -18.62 -11.00
N TYR E 458 -2.33 -18.37 -9.89
CA TYR E 458 -2.98 -17.88 -8.70
C TYR E 458 -3.34 -16.41 -8.84
N ILE E 459 -2.49 -15.64 -9.52
CA ILE E 459 -2.72 -14.19 -9.63
C ILE E 459 -4.00 -13.92 -10.41
N MET E 460 -4.30 -14.75 -11.41
CA MET E 460 -5.50 -14.61 -12.22
C MET E 460 -6.62 -15.54 -11.76
N LYS E 461 -6.38 -16.35 -10.73
CA LYS E 461 -7.42 -17.09 -10.05
C LYS E 461 -7.93 -16.37 -8.81
N GLY E 462 -7.05 -15.66 -8.10
CA GLY E 462 -7.40 -14.80 -7.01
C GLY E 462 -7.86 -13.42 -7.43
N VAL E 463 -8.36 -13.26 -8.65
CA VAL E 463 -8.95 -12.02 -9.11
C VAL E 463 -10.39 -12.23 -9.56
N TYR E 464 -10.63 -13.22 -10.42
CA TYR E 464 -11.99 -13.52 -10.84
C TYR E 464 -12.85 -13.96 -9.66
N ILE E 465 -12.24 -14.59 -8.66
CA ILE E 465 -13.00 -15.04 -7.50
C ILE E 465 -13.40 -13.85 -6.64
N ASN E 466 -12.47 -12.95 -6.38
CA ASN E 466 -12.75 -11.85 -5.47
C ASN E 466 -13.66 -10.81 -6.10
N THR E 467 -13.49 -10.54 -7.40
CA THR E 467 -14.22 -9.44 -8.01
C THR E 467 -15.68 -9.79 -8.26
N ALA E 468 -15.98 -11.05 -8.58
CA ALA E 468 -17.38 -11.45 -8.71
C ALA E 468 -18.03 -11.52 -7.34
N LEU E 469 -17.30 -12.01 -6.34
CA LEU E 469 -17.82 -12.08 -4.99
C LEU E 469 -18.06 -10.67 -4.43
N LEU E 470 -17.29 -9.69 -4.88
CA LEU E 470 -17.45 -8.31 -4.44
C LEU E 470 -18.52 -7.56 -5.22
N ASN E 471 -18.69 -7.85 -6.50
CA ASN E 471 -19.70 -7.17 -7.31
C ASN E 471 -21.08 -7.70 -7.02
N ALA E 472 -21.19 -9.01 -6.76
CA ALA E 472 -22.48 -9.60 -6.47
C ALA E 472 -22.91 -9.33 -5.04
N SER E 473 -22.00 -9.48 -4.09
CA SER E 473 -22.33 -9.32 -2.68
C SER E 473 -22.68 -7.89 -2.30
N CYS E 474 -22.61 -6.91 -3.20
CA CYS E 474 -23.13 -5.57 -2.96
C CYS E 474 -24.46 -5.32 -3.61
N ALA E 475 -24.77 -6.02 -4.70
CA ALA E 475 -26.03 -5.86 -5.42
C ALA E 475 -27.12 -6.81 -4.95
N ALA E 476 -26.74 -7.91 -4.28
CA ALA E 476 -27.70 -8.88 -3.75
C ALA E 476 -27.23 -9.26 -2.35
N MET E 477 -27.71 -8.52 -1.35
CA MET E 477 -27.23 -8.70 0.02
C MET E 477 -27.92 -9.86 0.72
N ASP E 478 -29.25 -9.80 0.82
CA ASP E 478 -29.97 -10.75 1.66
C ASP E 478 -29.97 -12.15 1.06
N ASP E 479 -30.22 -12.26 -0.24
CA ASP E 479 -30.36 -13.56 -0.87
C ASP E 479 -28.98 -14.21 -1.07
N PHE E 480 -28.98 -15.54 -1.06
CA PHE E 480 -27.77 -16.30 -1.28
C PHE E 480 -27.44 -16.25 -2.77
N GLN E 481 -26.38 -16.94 -3.19
CA GLN E 481 -26.02 -16.99 -4.60
C GLN E 481 -25.16 -18.20 -4.87
N LEU E 482 -24.97 -18.48 -6.16
CA LEU E 482 -24.04 -19.49 -6.65
C LEU E 482 -23.01 -18.77 -7.51
N ILE E 483 -21.75 -18.80 -7.08
CA ILE E 483 -20.66 -18.13 -7.75
C ILE E 483 -19.64 -19.19 -8.17
N PRO E 484 -19.49 -19.51 -9.46
CA PRO E 484 -18.52 -20.52 -9.84
C PRO E 484 -17.11 -19.95 -9.97
N MET E 485 -16.16 -20.63 -9.34
CA MET E 485 -14.75 -20.30 -9.51
C MET E 485 -14.38 -20.57 -10.96
N ILE E 486 -14.05 -19.52 -11.69
CA ILE E 486 -13.79 -19.59 -13.11
C ILE E 486 -12.46 -18.92 -13.40
N SER E 487 -11.62 -19.60 -14.18
CA SER E 487 -10.31 -19.09 -14.57
C SER E 487 -10.12 -19.33 -16.06
N LYS E 488 -9.78 -18.27 -16.78
CA LYS E 488 -9.68 -18.30 -18.24
C LYS E 488 -8.20 -18.34 -18.63
N CYS E 489 -7.83 -19.38 -19.36
CA CYS E 489 -6.44 -19.71 -19.64
C CYS E 489 -6.11 -19.40 -21.10
N ARG E 490 -4.90 -19.78 -21.51
CA ARG E 490 -4.43 -19.63 -22.88
C ARG E 490 -3.25 -20.58 -23.04
N THR E 491 -3.43 -21.62 -23.85
CA THR E 491 -2.54 -22.76 -23.81
C THR E 491 -1.39 -22.61 -24.81
N LYS E 492 -0.65 -23.70 -25.02
CA LYS E 492 0.53 -23.69 -25.86
C LYS E 492 0.20 -23.40 -27.31
N GLU E 493 -0.81 -24.09 -27.86
CA GLU E 493 -1.08 -24.06 -29.29
C GLU E 493 -1.74 -22.77 -29.75
N GLY E 494 -1.98 -21.80 -28.87
CA GLY E 494 -2.76 -20.64 -29.19
C GLY E 494 -4.24 -20.84 -29.06
N ARG E 495 -4.66 -21.79 -28.22
CA ARG E 495 -6.04 -22.26 -28.15
C ARG E 495 -6.62 -21.90 -26.79
N ARG E 496 -7.70 -21.13 -26.79
CA ARG E 496 -8.30 -20.65 -25.56
C ARG E 496 -8.86 -21.82 -24.75
N LYS E 497 -9.03 -21.57 -23.45
CA LYS E 497 -9.69 -22.49 -22.55
C LYS E 497 -10.44 -21.68 -21.51
N THR E 498 -11.42 -22.33 -20.87
CA THR E 498 -12.23 -21.70 -19.82
C THR E 498 -12.43 -22.74 -18.74
N ASN E 499 -11.55 -22.74 -17.75
CA ASN E 499 -11.53 -23.78 -16.75
C ASN E 499 -12.52 -23.46 -15.62
N LEU E 500 -12.72 -24.45 -14.75
CA LEU E 500 -13.61 -24.34 -13.61
C LEU E 500 -13.01 -25.10 -12.45
N TYR E 501 -12.87 -24.43 -11.31
CA TYR E 501 -12.27 -24.97 -10.10
C TYR E 501 -13.28 -25.39 -9.04
N GLY E 502 -14.44 -24.76 -9.00
CA GLY E 502 -15.43 -25.10 -8.01
C GLY E 502 -16.45 -24.00 -7.84
N PHE E 503 -17.46 -24.29 -7.01
CA PHE E 503 -18.55 -23.38 -6.76
C PHE E 503 -18.37 -22.67 -5.42
N ILE E 504 -19.15 -21.61 -5.22
CA ILE E 504 -19.14 -20.83 -3.98
C ILE E 504 -20.58 -20.47 -3.65
N ILE E 505 -20.89 -20.45 -2.36
CA ILE E 505 -22.22 -20.12 -1.85
C ILE E 505 -22.01 -19.10 -0.74
N LYS E 506 -22.40 -17.85 -0.99
CA LYS E 506 -22.20 -16.77 -0.03
C LYS E 506 -23.52 -16.40 0.64
N GLY E 507 -23.47 -16.19 1.96
CA GLY E 507 -24.65 -15.92 2.75
C GLY E 507 -25.02 -14.44 2.83
N ARG E 508 -25.68 -14.06 3.93
CA ARG E 508 -26.12 -12.68 4.09
C ARG E 508 -24.92 -11.76 4.22
N SER E 509 -25.04 -10.57 3.62
CA SER E 509 -24.00 -9.55 3.65
C SER E 509 -24.64 -8.19 3.85
N HIS E 510 -24.83 -7.79 5.10
CA HIS E 510 -25.28 -6.45 5.45
C HIS E 510 -24.06 -5.67 5.91
N LEU E 511 -23.28 -5.18 4.95
CA LEU E 511 -22.02 -4.50 5.22
C LEU E 511 -22.23 -2.99 5.11
N ARG E 512 -21.79 -2.26 6.13
CA ARG E 512 -21.93 -0.81 6.20
C ARG E 512 -20.61 -0.10 6.45
N ASN E 513 -19.75 -0.65 7.30
CA ASN E 513 -18.50 -0.01 7.69
C ASN E 513 -17.34 -0.59 6.88
N ASP E 514 -16.13 -0.14 7.23
CA ASP E 514 -14.96 -0.49 6.43
C ASP E 514 -14.54 -1.93 6.64
N THR E 515 -14.81 -2.50 7.83
CA THR E 515 -14.45 -3.88 8.15
C THR E 515 -15.69 -4.59 8.68
N ASP E 516 -16.52 -5.04 7.75
CA ASP E 516 -17.62 -5.94 8.05
C ASP E 516 -17.14 -7.36 7.79
N VAL E 517 -18.04 -8.34 7.79
CA VAL E 517 -17.67 -9.73 7.55
C VAL E 517 -18.81 -10.40 6.80
N VAL E 518 -18.45 -11.18 5.78
CA VAL E 518 -19.37 -12.07 5.10
C VAL E 518 -18.72 -13.45 5.06
N ASN E 519 -19.54 -14.48 5.13
CA ASN E 519 -19.07 -15.86 5.19
C ASN E 519 -19.69 -16.67 4.04
N PHE E 520 -18.93 -17.64 3.55
CA PHE E 520 -19.36 -18.46 2.44
C PHE E 520 -18.87 -19.88 2.64
N VAL E 521 -19.42 -20.78 1.84
CA VAL E 521 -18.94 -22.15 1.73
C VAL E 521 -18.19 -22.27 0.41
N SER E 522 -17.23 -23.18 0.36
CA SER E 522 -16.36 -23.35 -0.79
C SER E 522 -16.23 -24.82 -1.13
N MET E 523 -16.71 -25.20 -2.31
CA MET E 523 -16.62 -26.56 -2.82
C MET E 523 -15.53 -26.62 -3.87
N GLU E 524 -14.56 -27.50 -3.65
CA GLU E 524 -13.37 -27.60 -4.48
C GLU E 524 -13.08 -29.05 -4.80
N PHE E 525 -12.73 -29.30 -6.07
CA PHE E 525 -12.41 -30.65 -6.52
C PHE E 525 -10.95 -30.96 -6.30
N SER E 526 -10.65 -32.22 -6.04
CA SER E 526 -9.25 -32.66 -5.95
C SER E 526 -9.18 -34.17 -5.87
N LEU E 527 -7.98 -34.68 -6.13
CA LEU E 527 -7.65 -36.10 -6.03
C LEU E 527 -6.88 -36.46 -4.77
N THR E 528 -6.36 -35.48 -4.03
CA THR E 528 -5.43 -35.76 -2.94
C THR E 528 -6.16 -36.48 -1.81
N ASP E 529 -5.97 -37.81 -1.76
CA ASP E 529 -6.64 -38.69 -0.80
C ASP E 529 -6.32 -38.29 0.64
N PRO E 530 -7.27 -37.73 1.40
CA PRO E 530 -6.94 -37.29 2.76
C PRO E 530 -6.78 -38.45 3.74
N ARG E 531 -5.66 -39.13 3.64
CA ARG E 531 -5.25 -40.11 4.63
C ARG E 531 -3.76 -40.07 4.94
N LEU E 532 -3.01 -39.12 4.39
CA LEU E 532 -1.58 -39.01 4.56
C LEU E 532 -1.15 -37.71 5.23
N GLU E 533 -1.88 -36.63 5.01
CA GLU E 533 -1.61 -35.32 5.61
C GLU E 533 -2.93 -34.79 6.19
N PRO E 534 -3.47 -35.46 7.21
CA PRO E 534 -4.75 -35.00 7.76
C PRO E 534 -4.65 -33.69 8.49
N HIS E 535 -3.52 -33.41 9.15
CA HIS E 535 -3.38 -32.16 9.89
C HIS E 535 -3.42 -30.94 8.98
N LYS E 536 -3.11 -31.12 7.70
CA LYS E 536 -3.30 -30.03 6.74
C LYS E 536 -4.77 -29.77 6.49
N TRP E 537 -5.54 -30.84 6.23
CA TRP E 537 -6.97 -30.74 6.01
C TRP E 537 -7.69 -30.96 7.35
N GLU E 538 -7.39 -30.08 8.29
CA GLU E 538 -7.98 -30.15 9.62
C GLU E 538 -9.39 -29.59 9.68
N LYS E 539 -9.67 -28.52 8.95
CA LYS E 539 -10.97 -27.88 8.96
C LYS E 539 -11.87 -28.32 7.81
N TYR E 540 -11.40 -29.18 6.91
CA TYR E 540 -12.09 -29.47 5.67
C TYR E 540 -12.95 -30.73 5.82
N CYS E 541 -14.14 -30.68 5.23
CA CYS E 541 -15.03 -31.83 5.14
C CYS E 541 -14.84 -32.48 3.78
N VAL E 542 -14.60 -33.79 3.79
CA VAL E 542 -14.18 -34.54 2.61
C VAL E 542 -15.35 -35.42 2.18
N LEU E 543 -15.76 -35.26 0.92
CA LEU E 543 -16.76 -36.13 0.31
C LEU E 543 -16.08 -37.00 -0.75
N GLU E 544 -16.88 -37.76 -1.49
CA GLU E 544 -16.41 -38.57 -2.59
C GLU E 544 -17.49 -38.57 -3.66
N ILE E 545 -17.07 -38.37 -4.92
CA ILE E 545 -18.01 -38.08 -6.00
C ILE E 545 -17.93 -39.10 -7.11
N GLY E 546 -16.76 -39.71 -7.31
CA GLY E 546 -16.64 -40.69 -8.38
C GLY E 546 -15.20 -41.08 -8.59
N ASP E 547 -14.99 -41.74 -9.72
CA ASP E 547 -13.69 -42.31 -10.10
C ASP E 547 -13.34 -41.89 -11.52
N MET E 548 -12.25 -41.15 -11.66
CA MET E 548 -11.80 -40.71 -12.97
C MET E 548 -11.15 -41.87 -13.70
N LEU E 549 -11.90 -42.50 -14.59
CA LEU E 549 -11.41 -43.64 -15.35
C LEU E 549 -10.37 -43.14 -16.33
N LEU E 550 -9.10 -43.33 -15.96
CA LEU E 550 -7.98 -42.83 -16.75
C LEU E 550 -6.81 -43.78 -16.60
N ARG E 551 -5.95 -43.78 -17.62
CA ARG E 551 -4.76 -44.62 -17.68
C ARG E 551 -3.52 -43.76 -17.83
N SER E 552 -2.47 -44.11 -17.10
CA SER E 552 -1.20 -43.41 -17.22
C SER E 552 -0.51 -43.87 -18.50
N ALA E 553 0.75 -43.48 -18.68
CA ALA E 553 1.51 -43.92 -19.86
C ALA E 553 1.71 -45.43 -19.86
N ILE E 554 1.68 -46.06 -18.69
CA ILE E 554 1.77 -47.51 -18.57
C ILE E 554 0.88 -47.95 -17.40
N GLY E 555 0.09 -48.98 -17.62
CA GLY E 555 -0.82 -49.46 -16.61
C GLY E 555 -2.10 -48.65 -16.54
N GLN E 556 -2.80 -48.73 -15.40
CA GLN E 556 -4.04 -47.99 -15.20
C GLN E 556 -4.14 -47.61 -13.73
N MET E 557 -4.82 -46.49 -13.46
CA MET E 557 -5.05 -45.99 -12.12
C MET E 557 -6.53 -46.02 -11.75
N SER E 558 -7.38 -45.36 -12.55
CA SER E 558 -8.79 -45.21 -12.23
C SER E 558 -8.99 -44.60 -10.85
N ARG E 559 -8.26 -43.52 -10.60
CA ARG E 559 -8.20 -42.94 -9.27
C ARG E 559 -9.53 -42.26 -8.93
N PRO E 560 -9.80 -42.07 -7.63
CA PRO E 560 -11.06 -41.44 -7.23
C PRO E 560 -11.09 -39.95 -7.53
N MET E 561 -12.17 -39.27 -7.15
CA MET E 561 -12.24 -37.82 -7.23
C MET E 561 -12.99 -37.31 -6.00
N PHE E 562 -12.35 -36.43 -5.24
CA PHE E 562 -12.85 -35.96 -3.97
C PHE E 562 -13.36 -34.53 -4.07
N LEU E 563 -14.01 -34.09 -2.99
CA LEU E 563 -14.47 -32.73 -2.82
C LEU E 563 -14.14 -32.27 -1.40
N TYR E 564 -13.84 -30.98 -1.25
CA TYR E 564 -13.44 -30.38 0.02
C TYR E 564 -14.37 -29.21 0.32
N VAL E 565 -15.36 -29.44 1.17
CA VAL E 565 -16.31 -28.41 1.55
C VAL E 565 -15.87 -27.80 2.88
N ARG E 566 -16.06 -26.49 3.02
CA ARG E 566 -15.72 -25.78 4.24
C ARG E 566 -16.30 -24.37 4.16
N THR E 567 -16.70 -23.85 5.30
CA THR E 567 -17.12 -22.47 5.39
C THR E 567 -15.89 -21.55 5.37
N ASN E 568 -16.13 -20.26 5.54
CA ASN E 568 -15.04 -19.28 5.56
C ASN E 568 -15.56 -17.91 5.98
N GLY E 569 -14.66 -16.93 6.01
CA GLY E 569 -15.03 -15.56 6.27
C GLY E 569 -14.08 -14.63 5.56
N THR E 570 -14.63 -13.53 5.07
CA THR E 570 -13.87 -12.60 4.24
C THR E 570 -14.41 -11.20 4.48
N SER E 571 -13.58 -10.33 5.03
CA SER E 571 -13.96 -8.94 5.21
C SER E 571 -13.99 -8.23 3.87
N LYS E 572 -14.28 -6.92 3.91
CA LYS E 572 -14.27 -6.09 2.72
C LYS E 572 -12.89 -5.54 2.39
N ILE E 573 -11.84 -6.08 3.01
CA ILE E 573 -10.47 -5.69 2.71
C ILE E 573 -9.60 -6.87 2.33
N LYS E 574 -9.91 -8.08 2.79
CA LYS E 574 -9.26 -9.26 2.27
C LYS E 574 -9.80 -9.68 0.90
N MET E 575 -10.74 -8.92 0.34
CA MET E 575 -11.16 -9.04 -1.05
C MET E 575 -10.47 -8.04 -1.95
N LYS E 576 -10.41 -6.78 -1.53
CA LYS E 576 -9.69 -5.75 -2.29
C LYS E 576 -8.19 -5.99 -2.30
N TRP E 577 -7.68 -6.76 -1.35
CA TRP E 577 -6.28 -7.17 -1.35
C TRP E 577 -6.02 -8.35 -2.28
N GLY E 578 -7.04 -8.85 -2.98
CA GLY E 578 -6.89 -9.94 -3.91
C GLY E 578 -6.93 -9.46 -5.33
N MET E 579 -7.83 -8.52 -5.63
CA MET E 579 -7.97 -8.00 -6.97
C MET E 579 -6.74 -7.22 -7.43
N GLU E 580 -5.86 -6.82 -6.52
CA GLU E 580 -4.63 -6.11 -6.86
C GLU E 580 -3.42 -7.03 -6.78
N MET E 581 -3.61 -8.34 -6.97
CA MET E 581 -2.48 -9.25 -6.97
C MET E 581 -1.56 -9.03 -8.16
N ARG E 582 -2.08 -8.42 -9.24
CA ARG E 582 -1.23 -8.15 -10.39
C ARG E 582 -0.12 -7.16 -10.07
N ARG E 583 -0.24 -6.43 -8.96
CA ARG E 583 0.87 -5.65 -8.44
C ARG E 583 2.03 -6.53 -8.00
N CYS E 584 1.78 -7.83 -7.78
CA CYS E 584 2.84 -8.73 -7.33
C CYS E 584 3.92 -8.90 -8.39
N LEU E 585 3.53 -8.94 -9.66
CA LEU E 585 4.50 -9.08 -10.73
C LEU E 585 5.48 -7.93 -10.73
N LEU E 586 4.96 -6.72 -10.61
CA LEU E 586 5.78 -5.53 -10.60
C LEU E 586 6.75 -5.50 -9.42
N GLN E 587 6.34 -6.05 -8.27
CA GLN E 587 7.21 -6.12 -7.11
C GLN E 587 8.28 -7.19 -7.25
N SER E 588 8.11 -8.14 -8.16
CA SER E 588 9.13 -9.14 -8.46
C SER E 588 10.09 -8.67 -9.55
N LEU E 589 9.74 -7.61 -10.28
CA LEU E 589 10.61 -7.01 -11.27
C LEU E 589 11.44 -5.87 -10.71
N GLN E 590 10.90 -5.15 -9.73
CA GLN E 590 11.66 -4.09 -9.06
C GLN E 590 12.91 -4.65 -8.40
N GLN E 591 12.88 -5.93 -8.00
CA GLN E 591 14.06 -6.56 -7.41
C GLN E 591 15.09 -6.88 -8.49
N ILE E 592 14.64 -7.51 -9.58
CA ILE E 592 15.55 -7.88 -10.65
C ILE E 592 16.16 -6.66 -11.31
N GLU E 593 15.45 -5.54 -11.36
CA GLU E 593 16.00 -4.35 -11.97
C GLU E 593 17.12 -3.76 -11.12
N SER E 594 16.94 -3.70 -9.80
CA SER E 594 17.95 -3.12 -8.93
C SER E 594 19.21 -3.98 -8.90
N MET E 595 19.05 -5.31 -8.93
CA MET E 595 20.20 -6.19 -9.00
C MET E 595 21.01 -6.00 -10.26
N ILE E 596 20.39 -5.47 -11.32
CA ILE E 596 21.11 -5.16 -12.55
C ILE E 596 21.80 -3.80 -12.45
N GLU E 597 21.16 -2.81 -11.86
CA GLU E 597 21.74 -1.49 -11.71
C GLU E 597 22.79 -1.42 -10.61
N ALA E 598 23.00 -2.50 -9.86
CA ALA E 598 24.15 -2.60 -8.97
C ALA E 598 25.43 -2.87 -9.74
N GLU E 599 25.38 -3.77 -10.72
CA GLU E 599 26.49 -3.97 -11.63
C GLU E 599 26.72 -2.77 -12.54
N SER E 600 25.70 -1.92 -12.73
CA SER E 600 25.86 -0.74 -13.57
C SER E 600 26.92 0.20 -13.02
N SER E 601 27.13 0.21 -11.71
CA SER E 601 28.18 1.02 -11.12
C SER E 601 29.57 0.48 -11.43
N VAL E 602 29.69 -0.74 -11.92
CA VAL E 602 30.96 -1.33 -12.28
C VAL E 602 31.31 -1.05 -13.73
N LYS E 603 30.38 -1.33 -14.63
CA LYS E 603 30.57 -1.15 -16.07
C LYS E 603 29.21 -0.83 -16.68
N GLU E 604 29.08 -1.01 -17.98
CA GLU E 604 27.77 -0.87 -18.63
C GLU E 604 26.74 -1.78 -17.97
N LYS E 605 27.07 -3.07 -17.86
CA LYS E 605 26.30 -4.04 -17.08
C LYS E 605 24.85 -4.13 -17.49
N ASP E 606 24.56 -3.92 -18.78
CA ASP E 606 23.19 -3.99 -19.25
C ASP E 606 22.64 -5.41 -19.07
N MET E 607 21.33 -5.54 -19.28
CA MET E 607 20.65 -6.80 -19.00
C MET E 607 21.09 -7.94 -19.92
N THR E 608 21.74 -7.62 -21.04
CA THR E 608 22.08 -8.65 -22.01
C THR E 608 23.06 -9.66 -21.42
N LYS E 609 24.00 -9.21 -20.60
CA LYS E 609 25.07 -10.06 -20.11
C LYS E 609 24.68 -10.87 -18.88
N GLU E 610 23.39 -11.01 -18.58
CA GLU E 610 22.94 -11.71 -17.39
C GLU E 610 21.87 -12.76 -17.70
N PHE E 611 21.01 -12.48 -18.67
CA PHE E 611 19.87 -13.36 -18.91
C PHE E 611 20.24 -14.62 -19.66
N PHE E 612 20.95 -14.49 -20.78
CA PHE E 612 21.58 -15.64 -21.43
C PHE E 612 22.92 -15.88 -20.75
N GLU E 613 23.82 -16.63 -21.38
CA GLU E 613 24.93 -17.28 -20.68
C GLU E 613 24.32 -18.27 -19.69
N ASN E 614 23.73 -19.33 -20.26
CA ASN E 614 22.78 -20.21 -19.56
C ASN E 614 23.27 -20.68 -18.20
N LYS E 615 24.57 -20.95 -18.08
CA LYS E 615 25.18 -21.35 -16.81
C LYS E 615 26.50 -20.59 -16.70
N SER E 616 26.43 -19.40 -16.11
CA SER E 616 27.60 -18.53 -15.96
C SER E 616 27.78 -17.96 -14.57
N GLU E 617 26.75 -17.91 -13.73
CA GLU E 617 26.83 -17.34 -12.38
C GLU E 617 26.35 -18.29 -11.30
N THR E 618 25.35 -19.12 -11.57
CA THR E 618 24.87 -20.14 -10.64
C THR E 618 24.37 -19.51 -9.33
N TRP E 619 23.28 -18.77 -9.46
CA TRP E 619 22.62 -18.20 -8.30
C TRP E 619 22.14 -19.30 -7.36
N PRO E 620 22.57 -19.33 -6.08
CA PRO E 620 22.22 -20.44 -5.17
C PRO E 620 20.89 -20.31 -4.42
N ILE E 621 19.82 -20.81 -5.05
CA ILE E 621 18.46 -20.67 -4.54
C ILE E 621 17.91 -21.98 -4.02
N GLY E 622 18.75 -22.90 -3.58
CA GLY E 622 18.27 -24.17 -3.08
C GLY E 622 19.27 -24.83 -2.17
N GLU E 623 18.74 -25.68 -1.29
CA GLU E 623 19.54 -26.46 -0.33
C GLU E 623 19.16 -27.93 -0.52
N SER E 624 19.78 -28.57 -1.49
CA SER E 624 19.66 -30.01 -1.61
C SER E 624 20.48 -30.67 -0.52
N PRO E 625 20.16 -31.92 -0.15
CA PRO E 625 21.02 -32.62 0.82
C PRO E 625 22.43 -32.77 0.31
N LYS E 626 23.39 -32.44 1.18
CA LYS E 626 24.81 -32.45 0.83
C LYS E 626 25.10 -31.48 -0.31
N GLY E 627 24.81 -30.20 -0.06
CA GLY E 627 25.16 -29.15 -0.99
C GLY E 627 24.13 -28.03 -1.11
N VAL E 628 24.41 -27.09 -2.01
CA VAL E 628 23.48 -26.02 -2.36
C VAL E 628 23.43 -25.97 -3.89
N GLU E 629 22.44 -26.64 -4.47
CA GLU E 629 22.35 -26.68 -5.91
C GLU E 629 21.81 -25.36 -6.45
N ASP E 630 22.43 -24.89 -7.52
CA ASP E 630 22.18 -23.57 -8.06
C ASP E 630 21.34 -23.65 -9.32
N GLY E 631 20.95 -22.48 -9.82
CA GLY E 631 20.15 -22.41 -11.03
C GLY E 631 20.30 -21.05 -11.68
N SER E 632 19.83 -20.97 -12.92
CA SER E 632 19.95 -19.76 -13.70
C SER E 632 19.06 -18.66 -13.12
N ILE E 633 19.14 -17.48 -13.73
CA ILE E 633 18.34 -16.35 -13.27
C ILE E 633 16.87 -16.55 -13.51
N GLY E 634 16.49 -17.42 -14.45
CA GLY E 634 15.09 -17.67 -14.68
C GLY E 634 14.44 -18.34 -13.50
N LYS E 635 15.12 -19.34 -12.93
CA LYS E 635 14.62 -19.97 -11.72
C LYS E 635 14.60 -19.01 -10.55
N VAL E 636 15.42 -17.97 -10.58
CA VAL E 636 15.31 -16.90 -9.61
C VAL E 636 14.07 -16.07 -9.88
N CYS E 637 13.84 -15.69 -11.13
CA CYS E 637 12.75 -14.78 -11.46
C CYS E 637 11.37 -15.41 -11.32
N ARG E 638 11.30 -16.70 -10.99
CA ARG E 638 10.08 -17.33 -10.52
C ARG E 638 10.02 -17.41 -9.01
N THR E 639 11.17 -17.60 -8.36
CA THR E 639 11.19 -17.79 -6.92
C THR E 639 10.90 -16.50 -6.18
N LEU E 640 11.31 -15.35 -6.73
CA LEU E 640 10.97 -14.09 -6.11
C LEU E 640 9.48 -13.81 -6.24
N LEU E 641 8.89 -14.24 -7.35
CA LEU E 641 7.47 -14.03 -7.57
C LEU E 641 6.62 -14.84 -6.60
N ALA E 642 6.91 -16.14 -6.46
CA ALA E 642 6.12 -17.00 -5.61
C ALA E 642 6.22 -16.56 -4.15
N LYS E 643 7.43 -16.24 -3.70
CA LYS E 643 7.59 -15.67 -2.36
C LYS E 643 6.77 -14.40 -2.20
N SER E 644 6.63 -13.63 -3.27
CA SER E 644 5.83 -12.42 -3.22
C SER E 644 4.33 -12.71 -3.27
N VAL E 645 3.91 -13.71 -4.02
CA VAL E 645 2.48 -14.04 -4.06
C VAL E 645 2.03 -14.59 -2.72
N PHE E 646 2.80 -15.52 -2.15
CA PHE E 646 2.47 -16.09 -0.86
C PHE E 646 2.40 -15.02 0.23
N ASN E 647 3.10 -13.90 0.06
CA ASN E 647 3.06 -12.81 1.02
C ASN E 647 1.76 -12.03 0.97
N SER E 648 0.94 -12.24 -0.05
CA SER E 648 -0.39 -11.66 -0.14
C SER E 648 -1.49 -12.64 0.28
N LEU E 649 -1.31 -13.93 -0.02
CA LEU E 649 -2.28 -14.92 0.39
C LEU E 649 -2.26 -15.11 1.90
N TYR E 650 -1.07 -15.10 2.49
CA TYR E 650 -0.87 -15.34 3.91
C TYR E 650 -0.60 -14.05 4.67
N ALA E 651 -1.21 -12.96 4.22
CA ALA E 651 -1.03 -11.67 4.88
C ALA E 651 -1.49 -11.72 6.32
N SER E 652 -0.66 -11.22 7.22
CA SER E 652 -0.95 -11.26 8.65
C SER E 652 -0.01 -10.30 9.35
N PRO E 653 -0.31 -9.93 10.60
CA PRO E 653 0.58 -9.01 11.30
C PRO E 653 1.90 -9.64 11.69
N GLN E 654 1.95 -10.97 11.85
CA GLN E 654 3.17 -11.62 12.30
C GLN E 654 4.28 -11.43 11.29
N LEU E 655 3.98 -11.65 10.01
CA LEU E 655 4.98 -11.51 8.96
C LEU E 655 5.51 -10.08 8.86
N GLU E 656 4.69 -9.10 9.23
CA GLU E 656 5.13 -7.72 9.24
C GLU E 656 6.16 -7.45 10.32
N GLY E 657 6.21 -8.27 11.36
CA GLY E 657 7.10 -8.05 12.49
C GLY E 657 8.39 -8.81 12.36
N PHE E 658 8.32 -10.02 11.81
CA PHE E 658 9.52 -10.82 11.61
C PHE E 658 10.47 -10.15 10.63
N SER E 659 9.96 -9.64 9.51
CA SER E 659 10.82 -9.04 8.50
C SER E 659 11.47 -7.77 9.02
N ALA E 660 10.80 -7.05 9.92
CA ALA E 660 11.36 -5.82 10.45
C ALA E 660 12.53 -6.09 11.39
N GLU E 661 12.57 -7.26 12.01
CA GLU E 661 13.60 -7.64 12.96
C GLU E 661 14.49 -8.76 12.45
N SER E 662 14.10 -9.43 11.37
CA SER E 662 14.97 -10.37 10.66
C SER E 662 15.69 -9.71 9.50
N ARG E 663 15.87 -8.39 9.57
CA ARG E 663 16.63 -7.61 8.61
C ARG E 663 17.90 -7.03 9.21
N LYS E 664 17.84 -6.65 10.49
CA LYS E 664 19.01 -6.08 11.14
C LYS E 664 20.02 -7.16 11.48
N LEU E 665 19.55 -8.34 11.86
CA LEU E 665 20.44 -9.48 12.03
C LEU E 665 21.13 -9.87 10.74
N LEU E 666 20.59 -9.46 9.59
CA LEU E 666 21.21 -9.75 8.31
C LEU E 666 22.35 -8.78 8.03
N LEU E 667 22.06 -7.48 8.07
CA LEU E 667 23.07 -6.46 7.83
C LEU E 667 24.24 -6.54 8.81
N VAL E 668 23.97 -6.95 10.05
CA VAL E 668 25.06 -7.19 10.99
C VAL E 668 25.89 -8.37 10.54
N VAL E 669 25.30 -9.33 9.85
CA VAL E 669 26.05 -10.48 9.35
C VAL E 669 26.82 -10.10 8.10
N GLN E 670 26.20 -9.33 7.20
CA GLN E 670 26.87 -8.98 5.96
C GLN E 670 28.06 -8.08 6.20
N ALA E 671 28.05 -7.32 7.30
CA ALA E 671 29.22 -6.53 7.67
C ALA E 671 30.33 -7.40 8.25
N LEU E 672 29.99 -8.57 8.80
CA LEU E 672 31.01 -9.49 9.27
C LEU E 672 31.68 -10.22 8.11
N ARG E 673 30.91 -10.75 7.18
CA ARG E 673 31.48 -11.48 6.06
C ARG E 673 32.38 -10.59 5.22
N ASP E 674 32.05 -9.31 5.12
CA ASP E 674 32.89 -8.34 4.44
C ASP E 674 34.00 -7.79 5.34
N ASN E 675 34.02 -8.16 6.62
CA ASN E 675 35.10 -7.79 7.54
C ASN E 675 35.19 -6.28 7.74
N LEU E 676 34.13 -5.71 8.32
CA LEU E 676 34.08 -4.32 8.70
C LEU E 676 34.03 -4.12 10.22
N GLU E 677 34.36 -5.15 11.00
CA GLU E 677 34.47 -5.05 12.46
C GLU E 677 33.17 -4.55 13.07
N PRO E 678 32.12 -5.36 13.09
CA PRO E 678 30.82 -4.89 13.54
C PRO E 678 30.64 -5.03 15.03
N GLY E 679 29.55 -4.43 15.53
CA GLY E 679 29.21 -4.51 16.93
C GLY E 679 27.74 -4.27 17.18
N THR E 680 27.23 -4.90 18.24
CA THR E 680 25.87 -4.68 18.71
C THR E 680 25.90 -4.40 20.21
N PHE E 681 24.78 -3.93 20.73
CA PHE E 681 24.70 -3.51 22.12
C PHE E 681 23.98 -4.54 23.00
N ASP E 682 22.80 -4.99 22.57
CA ASP E 682 22.05 -6.00 23.31
C ASP E 682 21.42 -6.96 22.30
N LEU E 683 21.99 -8.16 22.22
CA LEU E 683 21.55 -9.13 21.23
C LEU E 683 20.25 -9.80 21.65
N GLU E 684 20.21 -10.34 22.87
CA GLU E 684 19.09 -11.14 23.32
C GLU E 684 17.77 -10.37 23.38
N GLY E 685 17.82 -9.04 23.30
CA GLY E 685 16.61 -8.27 23.12
C GLY E 685 16.08 -8.26 21.71
N LEU E 686 16.91 -8.65 20.75
CA LEU E 686 16.51 -8.73 19.36
C LEU E 686 15.88 -10.09 19.02
N TYR E 687 16.50 -11.16 19.51
CA TYR E 687 15.93 -12.49 19.33
C TYR E 687 14.55 -12.59 19.95
N GLU E 688 14.41 -12.12 21.19
CA GLU E 688 13.15 -12.20 21.90
C GLU E 688 12.05 -11.38 21.24
N ALA E 689 12.40 -10.34 20.49
CA ALA E 689 11.43 -9.59 19.71
C ALA E 689 11.16 -10.20 18.35
N ILE E 690 11.95 -11.20 17.95
CA ILE E 690 11.66 -11.98 16.76
C ILE E 690 10.79 -13.19 17.10
N GLU E 691 11.21 -13.98 18.07
CA GLU E 691 10.46 -15.17 18.48
C GLU E 691 9.08 -14.84 19.01
N GLU E 692 8.83 -13.59 19.40
CA GLU E 692 7.50 -13.15 19.81
C GLU E 692 6.50 -13.09 18.68
N CYS E 693 6.96 -13.09 17.43
CA CYS E 693 6.08 -13.06 16.25
C CYS E 693 5.92 -14.42 15.59
N LEU E 694 6.52 -15.48 16.14
CA LEU E 694 6.39 -16.84 15.61
C LEU E 694 5.40 -17.59 16.49
N ILE E 695 4.13 -17.60 16.10
CA ILE E 695 3.09 -18.24 16.88
C ILE E 695 2.47 -19.41 16.12
N ASN E 696 1.73 -19.11 15.05
CA ASN E 696 0.92 -20.13 14.39
C ASN E 696 0.90 -20.05 12.88
N ASP E 697 1.28 -18.94 12.26
CA ASP E 697 1.18 -18.84 10.81
C ASP E 697 2.27 -19.69 10.17
N PRO E 698 1.92 -20.66 9.30
CA PRO E 698 2.96 -21.59 8.81
C PRO E 698 3.93 -20.94 7.86
N TRP E 699 3.55 -19.84 7.23
CA TRP E 699 4.46 -19.14 6.33
C TRP E 699 5.61 -18.50 7.11
N VAL E 700 5.28 -17.72 8.14
CA VAL E 700 6.29 -17.14 8.99
C VAL E 700 7.09 -18.22 9.70
N LEU E 701 6.43 -19.30 10.10
CA LEU E 701 7.12 -20.42 10.73
C LEU E 701 8.05 -21.15 9.78
N LEU E 702 7.98 -20.87 8.48
CA LEU E 702 8.91 -21.44 7.51
C LEU E 702 10.12 -20.56 7.29
N ASN E 703 9.91 -19.24 7.13
CA ASN E 703 11.01 -18.33 6.87
C ASN E 703 12.03 -18.35 8.00
N ALA E 704 11.61 -18.70 9.21
CA ALA E 704 12.53 -18.92 10.31
C ALA E 704 13.20 -20.28 10.26
N SER E 705 12.95 -21.07 9.22
CA SER E 705 13.76 -22.23 8.88
C SER E 705 14.61 -22.00 7.65
N TRP E 706 14.33 -20.96 6.87
CA TRP E 706 15.21 -20.55 5.78
C TRP E 706 16.32 -19.66 6.30
N PHE E 707 15.94 -18.64 7.08
CA PHE E 707 16.93 -17.78 7.71
C PHE E 707 17.86 -18.61 8.60
N ASN E 708 17.30 -19.58 9.32
CA ASN E 708 18.11 -20.39 10.21
C ASN E 708 19.01 -21.36 9.47
N SER E 709 18.83 -21.53 8.16
CA SER E 709 19.71 -22.34 7.32
C SER E 709 20.59 -21.48 6.44
N PHE E 710 20.45 -20.16 6.48
CA PHE E 710 21.37 -19.27 5.82
C PHE E 710 22.60 -18.99 6.67
N LEU E 711 22.42 -18.93 7.99
CA LEU E 711 23.55 -18.71 8.88
C LEU E 711 24.51 -19.89 8.84
N THR E 712 23.98 -21.11 8.82
CA THR E 712 24.81 -22.29 8.88
C THR E 712 25.70 -22.44 7.66
N HIS E 713 25.32 -21.84 6.53
CA HIS E 713 26.10 -21.94 5.30
C HIS E 713 26.96 -20.71 5.05
N ALA E 714 26.65 -19.57 5.66
CA ALA E 714 27.48 -18.38 5.57
C ALA E 714 28.46 -18.29 6.73
N LEU E 715 28.75 -19.41 7.39
CA LEU E 715 29.65 -19.45 8.54
C LEU E 715 29.21 -18.51 9.65
N ARG E 716 27.91 -18.25 9.73
CA ARG E 716 27.33 -17.48 10.83
C ARG E 716 27.85 -16.06 10.82
N LYS F 41 -15.80 5.57 1.68
CA LYS F 41 -14.46 5.96 2.11
C LYS F 41 -13.40 5.69 1.04
N ASN F 42 -13.84 5.28 -0.16
CA ASN F 42 -12.97 5.14 -1.30
C ASN F 42 -13.83 5.44 -2.53
N PRO F 43 -13.36 6.25 -3.50
CA PRO F 43 -14.23 6.59 -4.64
C PRO F 43 -14.15 5.59 -5.78
N SER F 44 -13.04 4.83 -5.86
CA SER F 44 -12.84 3.94 -7.00
C SER F 44 -13.89 2.83 -7.04
N LEU F 45 -14.15 2.20 -5.90
CA LEU F 45 -15.11 1.11 -5.86
C LEU F 45 -16.52 1.61 -6.17
N ARG F 46 -16.84 2.84 -5.78
CA ARG F 46 -18.12 3.43 -6.13
C ARG F 46 -18.23 3.73 -7.62
N MET F 47 -17.11 3.83 -8.33
CA MET F 47 -17.13 4.04 -9.76
C MET F 47 -17.29 2.75 -10.55
N LYS F 48 -16.86 1.62 -10.01
CA LYS F 48 -17.11 0.33 -10.63
C LYS F 48 -18.53 -0.15 -10.35
N TRP F 49 -19.02 0.08 -9.12
CA TRP F 49 -20.37 -0.34 -8.79
C TRP F 49 -21.40 0.48 -9.55
N MET F 50 -21.30 1.81 -9.47
CA MET F 50 -22.30 2.68 -10.08
C MET F 50 -22.34 2.52 -11.59
N MET F 51 -21.21 2.12 -12.21
CA MET F 51 -21.23 1.83 -13.63
C MET F 51 -21.88 0.50 -13.93
N ALA F 52 -22.02 -0.39 -12.93
CA ALA F 52 -22.85 -1.57 -13.10
C ALA F 52 -24.31 -1.17 -13.25
N MET F 53 -24.72 -0.11 -12.56
CA MET F 53 -26.06 0.42 -12.72
C MET F 53 -26.11 1.34 -13.94
N LYS F 54 -27.25 1.33 -14.62
CA LYS F 54 -27.42 2.12 -15.81
C LYS F 54 -27.72 3.58 -15.46
N TYR F 55 -27.41 4.47 -16.40
CA TYR F 55 -27.66 5.89 -16.25
C TYR F 55 -26.95 6.46 -15.02
N PRO F 56 -25.62 6.55 -15.04
CA PRO F 56 -24.89 7.02 -13.86
C PRO F 56 -24.69 8.52 -13.81
N ILE F 57 -24.77 9.20 -14.94
CA ILE F 57 -24.44 10.61 -15.05
C ILE F 57 -25.73 11.43 -15.10
N THR F 58 -25.55 12.75 -15.05
CA THR F 58 -26.66 13.69 -14.97
C THR F 58 -26.43 14.86 -15.90
N ALA F 59 -27.48 15.26 -16.61
CA ALA F 59 -27.48 16.45 -17.45
C ALA F 59 -28.90 17.00 -17.51
N ASP F 60 -29.01 18.32 -17.63
CA ASP F 60 -30.30 18.98 -17.53
C ASP F 60 -31.04 18.85 -18.88
N LYS F 61 -32.13 19.59 -19.05
CA LYS F 61 -33.14 19.26 -20.04
C LYS F 61 -32.65 19.37 -21.49
N ARG F 62 -31.52 20.02 -21.73
CA ARG F 62 -31.12 20.27 -23.12
C ARG F 62 -30.75 18.98 -23.85
N ILE F 63 -30.23 17.98 -23.14
CA ILE F 63 -29.91 16.71 -23.78
C ILE F 63 -31.17 15.96 -24.22
N THR F 64 -32.33 16.31 -23.65
CA THR F 64 -33.54 15.51 -23.86
C THR F 64 -33.98 15.54 -25.32
N GLU F 65 -34.16 16.73 -25.87
CA GLU F 65 -34.68 16.87 -27.22
C GLU F 65 -33.64 16.54 -28.29
N MET F 66 -32.35 16.52 -27.94
CA MET F 66 -31.31 16.41 -28.95
C MET F 66 -31.28 15.02 -29.56
N VAL F 67 -31.05 14.00 -28.73
CA VAL F 67 -30.81 12.64 -29.19
C VAL F 67 -32.09 11.81 -29.05
N PRO F 68 -32.21 10.66 -29.72
CA PRO F 68 -33.40 9.83 -29.52
C PRO F 68 -33.41 9.15 -28.16
N GLU F 69 -34.52 8.44 -27.92
CA GLU F 69 -34.70 7.76 -26.64
C GLU F 69 -33.78 6.55 -26.52
N ARG F 70 -33.75 5.70 -27.54
CA ARG F 70 -32.93 4.50 -27.56
C ARG F 70 -32.23 4.41 -28.90
N ASN F 71 -31.13 3.67 -28.91
CA ASN F 71 -30.40 3.46 -30.14
C ASN F 71 -31.18 2.52 -31.06
N GLU F 72 -30.67 2.36 -32.28
CA GLU F 72 -31.30 1.45 -33.24
C GLU F 72 -31.32 0.02 -32.73
N GLN F 73 -30.28 -0.39 -31.98
CA GLN F 73 -30.17 -1.75 -31.48
C GLN F 73 -31.05 -2.01 -30.27
N GLY F 74 -31.64 -0.97 -29.67
CA GLY F 74 -32.61 -1.12 -28.61
C GLY F 74 -32.14 -0.61 -27.26
N GLN F 75 -30.83 -0.45 -27.08
CA GLN F 75 -30.30 -0.02 -25.79
C GLN F 75 -30.73 1.41 -25.50
N THR F 76 -31.28 1.63 -24.32
CA THR F 76 -31.88 2.90 -23.93
C THR F 76 -30.85 3.79 -23.24
N LEU F 77 -31.01 5.11 -23.46
CA LEU F 77 -30.10 6.10 -22.91
C LEU F 77 -30.80 7.37 -22.43
N TRP F 78 -32.13 7.38 -22.32
CA TRP F 78 -32.92 8.57 -22.00
C TRP F 78 -33.97 8.25 -20.96
N SER F 79 -33.56 7.61 -19.86
CA SER F 79 -34.48 7.30 -18.79
C SER F 79 -35.01 8.58 -18.14
N LYS F 80 -36.04 8.42 -17.31
CA LYS F 80 -36.72 9.56 -16.69
C LYS F 80 -37.47 9.07 -15.46
N MET F 81 -37.09 9.55 -14.28
CA MET F 81 -37.77 9.20 -13.04
C MET F 81 -38.92 10.15 -12.71
N SER F 82 -39.10 11.23 -13.48
CA SER F 82 -40.21 12.17 -13.28
C SER F 82 -40.13 12.84 -11.92
N ASP F 83 -39.03 13.57 -11.71
CA ASP F 83 -38.87 14.38 -10.52
C ASP F 83 -39.55 15.74 -10.70
N ALA F 84 -39.74 16.45 -9.59
CA ALA F 84 -40.37 17.76 -9.62
C ALA F 84 -39.36 18.85 -9.93
N GLY F 85 -38.15 18.74 -9.39
CA GLY F 85 -37.14 19.76 -9.57
C GLY F 85 -36.62 19.88 -10.98
N SER F 86 -35.92 18.84 -11.46
CA SER F 86 -35.31 18.82 -12.78
C SER F 86 -35.76 17.63 -13.63
N ASP F 87 -36.76 16.86 -13.18
CA ASP F 87 -37.32 15.70 -13.87
C ASP F 87 -36.40 14.49 -13.88
N ARG F 88 -35.19 14.58 -13.30
CA ARG F 88 -34.25 13.46 -13.23
C ARG F 88 -33.90 12.97 -14.64
N VAL F 89 -33.31 13.86 -15.42
CA VAL F 89 -32.85 13.51 -16.76
C VAL F 89 -31.52 12.79 -16.62
N MET F 90 -31.58 11.46 -16.58
CA MET F 90 -30.42 10.59 -16.42
C MET F 90 -30.17 9.82 -17.71
N VAL F 91 -28.91 9.65 -18.06
CA VAL F 91 -28.50 9.12 -19.36
C VAL F 91 -27.37 8.13 -19.16
N SER F 92 -27.37 7.08 -19.97
CA SER F 92 -26.35 6.05 -19.94
C SER F 92 -25.09 6.54 -20.66
N PRO F 93 -23.92 5.95 -20.38
CA PRO F 93 -22.70 6.41 -21.07
C PRO F 93 -22.71 6.15 -22.57
N LEU F 94 -23.63 5.31 -23.06
CA LEU F 94 -23.75 5.09 -24.50
C LEU F 94 -24.02 6.38 -25.24
N ALA F 95 -24.72 7.33 -24.60
CA ALA F 95 -24.99 8.61 -25.23
C ALA F 95 -23.70 9.38 -25.50
N VAL F 96 -22.64 9.11 -24.74
CA VAL F 96 -21.38 9.82 -24.96
C VAL F 96 -20.77 9.38 -26.28
N THR F 97 -20.55 8.08 -26.43
CA THR F 97 -19.97 7.56 -27.66
C THR F 97 -20.90 7.78 -28.84
N TRP F 98 -22.21 7.75 -28.61
CA TRP F 98 -23.16 8.08 -29.67
C TRP F 98 -22.99 9.53 -30.11
N TRP F 99 -22.73 10.42 -29.16
CA TRP F 99 -22.57 11.83 -29.50
C TRP F 99 -21.34 12.07 -30.35
N ASN F 100 -20.33 11.20 -30.23
CA ASN F 100 -19.07 11.40 -30.95
C ASN F 100 -19.10 10.81 -32.35
N ARG F 101 -19.99 9.85 -32.62
CA ARG F 101 -20.20 9.36 -33.97
C ARG F 101 -21.33 10.05 -34.70
N ASN F 102 -22.26 10.68 -33.97
CA ASN F 102 -23.38 11.38 -34.55
C ASN F 102 -23.78 12.51 -33.63
N GLY F 103 -24.13 13.66 -34.21
CA GLY F 103 -24.49 14.82 -33.44
C GLY F 103 -24.21 16.10 -34.20
N PRO F 104 -24.01 17.21 -33.48
CA PRO F 104 -23.63 18.46 -34.15
C PRO F 104 -22.30 18.35 -34.88
N MET F 105 -21.97 19.37 -35.68
CA MET F 105 -20.72 19.38 -36.43
C MET F 105 -20.25 20.84 -36.47
N THR F 106 -19.38 21.18 -35.53
CA THR F 106 -18.85 22.54 -35.44
C THR F 106 -17.59 22.66 -36.30
N SER F 107 -17.19 23.92 -36.52
CA SER F 107 -16.01 24.24 -37.33
C SER F 107 -15.03 25.14 -36.60
N THR F 108 -15.17 25.30 -35.29
CA THR F 108 -14.30 26.23 -34.57
C THR F 108 -12.88 25.70 -34.49
N VAL F 109 -11.94 26.63 -34.47
CA VAL F 109 -10.52 26.33 -34.28
C VAL F 109 -10.01 27.14 -33.10
N HIS F 110 -10.90 27.41 -32.13
CA HIS F 110 -10.52 28.18 -30.95
C HIS F 110 -9.70 27.34 -29.98
N TYR F 111 -9.98 26.04 -29.88
CA TYR F 111 -9.35 25.22 -28.85
C TYR F 111 -7.84 25.09 -29.03
N PRO F 112 -7.29 24.95 -30.24
CA PRO F 112 -5.83 24.96 -30.36
C PRO F 112 -5.15 26.20 -29.82
N LYS F 113 -5.85 27.34 -29.77
CA LYS F 113 -5.24 28.58 -29.33
C LYS F 113 -5.31 28.79 -27.83
N VAL F 114 -6.12 28.00 -27.11
CA VAL F 114 -6.23 28.15 -25.66
C VAL F 114 -5.10 27.39 -24.97
N TYR F 115 -4.95 26.11 -25.31
CA TYR F 115 -3.94 25.25 -24.69
C TYR F 115 -2.60 25.46 -25.40
N LYS F 116 -2.04 26.67 -25.21
CA LYS F 116 -0.82 27.03 -25.92
C LYS F 116 0.41 26.41 -25.29
N THR F 117 0.50 26.46 -23.96
CA THR F 117 1.66 25.87 -23.27
C THR F 117 1.75 24.37 -23.53
N TYR F 118 0.60 23.70 -23.67
CA TYR F 118 0.60 22.27 -23.99
C TYR F 118 0.90 22.02 -25.46
N PHE F 119 0.70 23.02 -26.32
CA PHE F 119 1.09 22.91 -27.72
C PHE F 119 2.57 23.22 -27.94
N GLU F 120 3.21 23.93 -27.01
CA GLU F 120 4.64 24.24 -27.16
C GLU F 120 5.51 23.02 -26.89
N LYS F 121 5.03 22.08 -26.08
CA LYS F 121 5.82 20.88 -25.80
C LYS F 121 5.82 19.94 -27.01
N VAL F 122 4.86 20.10 -27.92
CA VAL F 122 4.70 19.15 -29.02
C VAL F 122 5.87 19.25 -29.98
N GLU F 123 6.39 20.46 -30.20
CA GLU F 123 7.47 20.63 -31.17
C GLU F 123 8.81 20.17 -30.60
N ARG F 124 8.98 20.25 -29.28
CA ARG F 124 10.25 19.85 -28.68
C ARG F 124 10.45 18.34 -28.76
N LEU F 125 9.38 17.56 -28.59
CA LEU F 125 9.49 16.11 -28.67
C LEU F 125 9.89 15.68 -30.08
N LYS F 126 9.35 16.34 -31.10
CA LYS F 126 9.65 15.99 -32.49
C LYS F 126 10.97 16.62 -32.92
#